data_2L24
# 
_entry.id   2L24 
# 
_audit_conform.dict_name       mmcif_pdbx.dic 
_audit_conform.dict_version    5.397 
_audit_conform.dict_location   http://mmcif.pdb.org/dictionaries/ascii/mmcif_pdbx.dic 
# 
loop_
_database_2.database_id 
_database_2.database_code 
_database_2.pdbx_database_accession 
_database_2.pdbx_DOI 
PDB   2L24         pdb_00002l24 10.2210/pdb2l24/pdb 
RCSB  RCSB101860   ?            ?                   
WWPDB D_1000101860 ?            ?                   
# 
loop_
_pdbx_audit_revision_history.ordinal 
_pdbx_audit_revision_history.data_content_type 
_pdbx_audit_revision_history.major_revision 
_pdbx_audit_revision_history.minor_revision 
_pdbx_audit_revision_history.revision_date 
1 'Structure model' 1 0 2011-06-22 
2 'Structure model' 1 1 2011-07-13 
3 'Structure model' 1 2 2024-10-30 
# 
_pdbx_audit_revision_details.ordinal             1 
_pdbx_audit_revision_details.revision_ordinal    1 
_pdbx_audit_revision_details.data_content_type   'Structure model' 
_pdbx_audit_revision_details.provider            repository 
_pdbx_audit_revision_details.type                'Initial release' 
_pdbx_audit_revision_details.description         ? 
_pdbx_audit_revision_details.details             ? 
# 
loop_
_pdbx_audit_revision_group.ordinal 
_pdbx_audit_revision_group.revision_ordinal 
_pdbx_audit_revision_group.data_content_type 
_pdbx_audit_revision_group.group 
1 2 'Structure model' 'Version format compliance' 
2 3 'Structure model' 'Data collection'           
3 3 'Structure model' 'Database references'       
4 3 'Structure model' 'Derived calculations'      
5 3 'Structure model' 'Structure summary'         
# 
loop_
_pdbx_audit_revision_category.ordinal 
_pdbx_audit_revision_category.revision_ordinal 
_pdbx_audit_revision_category.data_content_type 
_pdbx_audit_revision_category.category 
1 3 'Structure model' chem_comp_atom            
2 3 'Structure model' chem_comp_bond            
3 3 'Structure model' database_2                
4 3 'Structure model' pdbx_entry_details        
5 3 'Structure model' pdbx_modification_feature 
6 3 'Structure model' pdbx_nmr_software         
7 3 'Structure model' pdbx_nmr_spectrometer     
8 3 'Structure model' struct_conn               
9 3 'Structure model' struct_ref_seq_dif        
# 
loop_
_pdbx_audit_revision_item.ordinal 
_pdbx_audit_revision_item.revision_ordinal 
_pdbx_audit_revision_item.data_content_type 
_pdbx_audit_revision_item.item 
1 3 'Structure model' '_database_2.pdbx_DOI'                
2 3 'Structure model' '_database_2.pdbx_database_accession' 
3 3 'Structure model' '_pdbx_nmr_software.name'             
4 3 'Structure model' '_pdbx_nmr_spectrometer.model'        
5 3 'Structure model' '_struct_conn.pdbx_leaving_atom_flag' 
6 3 'Structure model' '_struct_ref_seq_dif.details'         
# 
_pdbx_database_status.deposit_site                    BMRB 
_pdbx_database_status.entry_id                        2L24 
_pdbx_database_status.process_site                    PDBJ 
_pdbx_database_status.recvd_initial_deposition_date   2010-08-10 
_pdbx_database_status.SG_entry                        ? 
_pdbx_database_status.status_code                     REL 
_pdbx_database_status.status_code_mr                  REL 
_pdbx_database_status.status_code_sf                  ? 
_pdbx_database_status.status_code_cs                  ? 
_pdbx_database_status.pdb_format_compatible           Y 
_pdbx_database_status.status_code_nmr_data            ? 
_pdbx_database_status.methods_development_category    ? 
# 
loop_
_audit_author.name 
_audit_author.pdbx_ordinal 
'Zhu, S.'     1 
'Aumelas, A.' 2 
'Gao, B.'     3 
# 
_citation.id                        primary 
_citation.title                     
'Convergent evolution-guided design of antimicrobial peptides derived from influenza A virus hemagglutinin.' 
_citation.journal_abbrev            J.Med.Chem. 
_citation.journal_volume            54 
_citation.page_first                1091 
_citation.page_last                 1095 
_citation.year                      2011 
_citation.journal_id_ASTM           JMCMAR 
_citation.country                   US 
_citation.journal_id_ISSN           0022-2623 
_citation.journal_id_CSD            0151 
_citation.book_publisher            ? 
_citation.pdbx_database_id_PubMed   21222457 
_citation.pdbx_database_id_DOI      10.1021/jm1010463 
# 
loop_
_citation_author.citation_id 
_citation_author.name 
_citation_author.ordinal 
_citation_author.identifier_ORCID 
primary 'Zhu, S.'     1 ? 
primary 'Aumelas, A.' 2 ? 
primary 'Gao, B.'     3 ? 
# 
_entity.id                         1 
_entity.type                       polymer 
_entity.src_method                 syn 
_entity.pdbx_description           Hemagglutinin 
_entity.formula_weight             1448.753 
_entity.pdbx_number_of_molecules   1 
_entity.pdbx_ec                    ? 
_entity.pdbx_mutation              ? 
_entity.pdbx_fragment              'UNP residues 331-343' 
_entity.details                    ? 
# 
_entity_poly.entity_id                      1 
_entity_poly.type                           'polypeptide(L)' 
_entity_poly.nstd_linkage                   no 
_entity_poly.nstd_monomer                   yes 
_entity_poly.pdbx_seq_one_letter_code       'IFGAIAGFIKNIW(NH2)' 
_entity_poly.pdbx_seq_one_letter_code_can   IFGAIAGFIKNIWX 
_entity_poly.pdbx_strand_id                 A 
_entity_poly.pdbx_target_identifier         ? 
# 
loop_
_entity_poly_seq.entity_id 
_entity_poly_seq.num 
_entity_poly_seq.mon_id 
_entity_poly_seq.hetero 
1 1  ILE n 
1 2  PHE n 
1 3  GLY n 
1 4  ALA n 
1 5  ILE n 
1 6  ALA n 
1 7  GLY n 
1 8  PHE n 
1 9  ILE n 
1 10 LYS n 
1 11 ASN n 
1 12 ILE n 
1 13 TRP n 
1 14 NH2 n 
# 
_pdbx_entity_src_syn.entity_id              1 
_pdbx_entity_src_syn.pdbx_src_id            1 
_pdbx_entity_src_syn.pdbx_alt_source_flag   sample 
_pdbx_entity_src_syn.pdbx_beg_seq_num       ? 
_pdbx_entity_src_syn.pdbx_end_seq_num       ? 
_pdbx_entity_src_syn.organism_scientific    'Influenza A virus' 
_pdbx_entity_src_syn.organism_common_name   ? 
_pdbx_entity_src_syn.ncbi_taxonomy_id       11320 
_pdbx_entity_src_syn.details                'The peptide was chemically synthesized.' 
# 
loop_
_chem_comp.id 
_chem_comp.type 
_chem_comp.mon_nstd_flag 
_chem_comp.name 
_chem_comp.pdbx_synonyms 
_chem_comp.formula 
_chem_comp.formula_weight 
ALA 'L-peptide linking' y ALANINE       ? 'C3 H7 N O2'     89.093  
ASN 'L-peptide linking' y ASPARAGINE    ? 'C4 H8 N2 O3'    132.118 
GLY 'peptide linking'   y GLYCINE       ? 'C2 H5 N O2'     75.067  
ILE 'L-peptide linking' y ISOLEUCINE    ? 'C6 H13 N O2'    131.173 
LYS 'L-peptide linking' y LYSINE        ? 'C6 H15 N2 O2 1' 147.195 
NH2 non-polymer         . 'AMINO GROUP' ? 'H2 N'           16.023  
PHE 'L-peptide linking' y PHENYLALANINE ? 'C9 H11 N O2'    165.189 
TRP 'L-peptide linking' y TRYPTOPHAN    ? 'C11 H12 N2 O2'  204.225 
# 
loop_
_pdbx_poly_seq_scheme.asym_id 
_pdbx_poly_seq_scheme.entity_id 
_pdbx_poly_seq_scheme.seq_id 
_pdbx_poly_seq_scheme.mon_id 
_pdbx_poly_seq_scheme.ndb_seq_num 
_pdbx_poly_seq_scheme.pdb_seq_num 
_pdbx_poly_seq_scheme.auth_seq_num 
_pdbx_poly_seq_scheme.pdb_mon_id 
_pdbx_poly_seq_scheme.auth_mon_id 
_pdbx_poly_seq_scheme.pdb_strand_id 
_pdbx_poly_seq_scheme.pdb_ins_code 
_pdbx_poly_seq_scheme.hetero 
A 1 1  ILE 1  1  1  ILE ILE A . n 
A 1 2  PHE 2  2  2  PHE PHE A . n 
A 1 3  GLY 3  3  3  GLY GLY A . n 
A 1 4  ALA 4  4  4  ALA ALA A . n 
A 1 5  ILE 5  5  5  ILE ILE A . n 
A 1 6  ALA 6  6  6  ALA ALA A . n 
A 1 7  GLY 7  7  7  GLY GLY A . n 
A 1 8  PHE 8  8  8  PHE PHE A . n 
A 1 9  ILE 9  9  9  ILE ILE A . n 
A 1 10 LYS 10 10 10 LYS LYS A . n 
A 1 11 ASN 11 11 11 ASN ASN A . n 
A 1 12 ILE 12 12 12 ILE ILE A . n 
A 1 13 TRP 13 13 13 TRP TRP A . n 
A 1 14 NH2 14 14 14 NH2 NH2 A . n 
# 
_exptl.absorpt_coefficient_mu     ? 
_exptl.absorpt_correction_T_max   ? 
_exptl.absorpt_correction_T_min   ? 
_exptl.absorpt_correction_type    ? 
_exptl.absorpt_process_details    ? 
_exptl.crystals_number            ? 
_exptl.details                    ? 
_exptl.entry_id                   2L24 
_exptl.method                     'SOLUTION NMR' 
_exptl.method_details             ? 
# 
_struct.entry_id                  2L24 
_struct.title                     'Antimicrobial peptide' 
_struct.pdbx_model_details        'fewest violations, model 1' 
_struct.pdbx_CASP_flag            ? 
_struct.pdbx_model_type_details   ? 
# 
_struct_keywords.entry_id        2L24 
_struct_keywords.pdbx_keywords   'ANTIMICROBIAL PROTEIN' 
_struct_keywords.text            'antimicrobial peptide, design, hemagglutinin, ANTIMICROBIAL PROTEIN' 
# 
_struct_asym.id                            A 
_struct_asym.pdbx_blank_PDB_chainid_flag   N 
_struct_asym.pdbx_modified                 N 
_struct_asym.entity_id                     1 
_struct_asym.details                       ? 
# 
_struct_ref.id                         1 
_struct_ref.db_name                    UNP 
_struct_ref.db_code                    Q6PP25_9INFA 
_struct_ref.pdbx_db_accession          Q6PP25 
_struct_ref.entity_id                  1 
_struct_ref.pdbx_seq_one_letter_code   IFGAIAGFIKNGW 
_struct_ref.pdbx_align_begin           331 
_struct_ref.pdbx_db_isoform            ? 
# 
_struct_ref_seq.align_id                      1 
_struct_ref_seq.ref_id                        1 
_struct_ref_seq.pdbx_PDB_id_code              2L24 
_struct_ref_seq.pdbx_strand_id                A 
_struct_ref_seq.seq_align_beg                 1 
_struct_ref_seq.pdbx_seq_align_beg_ins_code   ? 
_struct_ref_seq.seq_align_end                 13 
_struct_ref_seq.pdbx_seq_align_end_ins_code   ? 
_struct_ref_seq.pdbx_db_accession             Q6PP25 
_struct_ref_seq.db_align_beg                  331 
_struct_ref_seq.pdbx_db_align_beg_ins_code    ? 
_struct_ref_seq.db_align_end                  343 
_struct_ref_seq.pdbx_db_align_end_ins_code    ? 
_struct_ref_seq.pdbx_auth_seq_align_beg       1 
_struct_ref_seq.pdbx_auth_seq_align_end       13 
# 
loop_
_struct_ref_seq_dif.align_id 
_struct_ref_seq_dif.pdbx_pdb_id_code 
_struct_ref_seq_dif.mon_id 
_struct_ref_seq_dif.pdbx_pdb_strand_id 
_struct_ref_seq_dif.seq_num 
_struct_ref_seq_dif.pdbx_pdb_ins_code 
_struct_ref_seq_dif.pdbx_seq_db_name 
_struct_ref_seq_dif.pdbx_seq_db_accession_code 
_struct_ref_seq_dif.db_mon_id 
_struct_ref_seq_dif.pdbx_seq_db_seq_num 
_struct_ref_seq_dif.details 
_struct_ref_seq_dif.pdbx_auth_seq_num 
_struct_ref_seq_dif.pdbx_ordinal 
1 2L24 ILE A 12 ? UNP Q6PP25 GLY 342 conflict  12 1 
1 2L24 NH2 A 14 ? UNP Q6PP25 ?   ?   amidation 14 2 
# 
_pdbx_struct_assembly.id                   1 
_pdbx_struct_assembly.details              author_defined_assembly 
_pdbx_struct_assembly.method_details       ? 
_pdbx_struct_assembly.oligomeric_details   monomeric 
_pdbx_struct_assembly.oligomeric_count     1 
# 
_pdbx_struct_assembly_gen.assembly_id       1 
_pdbx_struct_assembly_gen.oper_expression   1 
_pdbx_struct_assembly_gen.asym_id_list      A 
# 
_pdbx_struct_oper_list.id                   1 
_pdbx_struct_oper_list.type                 'identity operation' 
_pdbx_struct_oper_list.name                 1_555 
_pdbx_struct_oper_list.symmetry_operation   x,y,z 
_pdbx_struct_oper_list.matrix[1][1]         1.0000000000 
_pdbx_struct_oper_list.matrix[1][2]         0.0000000000 
_pdbx_struct_oper_list.matrix[1][3]         0.0000000000 
_pdbx_struct_oper_list.vector[1]            0.0000000000 
_pdbx_struct_oper_list.matrix[2][1]         0.0000000000 
_pdbx_struct_oper_list.matrix[2][2]         1.0000000000 
_pdbx_struct_oper_list.matrix[2][3]         0.0000000000 
_pdbx_struct_oper_list.vector[2]            0.0000000000 
_pdbx_struct_oper_list.matrix[3][1]         0.0000000000 
_pdbx_struct_oper_list.matrix[3][2]         0.0000000000 
_pdbx_struct_oper_list.matrix[3][3]         1.0000000000 
_pdbx_struct_oper_list.vector[3]            0.0000000000 
# 
_struct_biol.id        1 
_struct_biol.details   ? 
# 
_struct_conf.conf_type_id            HELX_P 
_struct_conf.id                      HELX_P1 
_struct_conf.pdbx_PDB_helix_id       1 
_struct_conf.beg_label_comp_id       GLY 
_struct_conf.beg_label_asym_id       A 
_struct_conf.beg_label_seq_id        3 
_struct_conf.pdbx_beg_PDB_ins_code   ? 
_struct_conf.end_label_comp_id       TRP 
_struct_conf.end_label_asym_id       A 
_struct_conf.end_label_seq_id        13 
_struct_conf.pdbx_end_PDB_ins_code   ? 
_struct_conf.beg_auth_comp_id        GLY 
_struct_conf.beg_auth_asym_id        A 
_struct_conf.beg_auth_seq_id         3 
_struct_conf.end_auth_comp_id        TRP 
_struct_conf.end_auth_asym_id        A 
_struct_conf.end_auth_seq_id         13 
_struct_conf.pdbx_PDB_helix_class    1 
_struct_conf.details                 ? 
_struct_conf.pdbx_PDB_helix_length   11 
# 
_struct_conf_type.id          HELX_P 
_struct_conf_type.criteria    ? 
_struct_conf_type.reference   ? 
# 
_struct_conn.id                            covale1 
_struct_conn.conn_type_id                  covale 
_struct_conn.pdbx_leaving_atom_flag        both 
_struct_conn.pdbx_PDB_id                   ? 
_struct_conn.ptnr1_label_asym_id           A 
_struct_conn.ptnr1_label_comp_id           TRP 
_struct_conn.ptnr1_label_seq_id            13 
_struct_conn.ptnr1_label_atom_id           C 
_struct_conn.pdbx_ptnr1_label_alt_id       ? 
_struct_conn.pdbx_ptnr1_PDB_ins_code       ? 
_struct_conn.pdbx_ptnr1_standard_comp_id   ? 
_struct_conn.ptnr1_symmetry                1_555 
_struct_conn.ptnr2_label_asym_id           A 
_struct_conn.ptnr2_label_comp_id           NH2 
_struct_conn.ptnr2_label_seq_id            14 
_struct_conn.ptnr2_label_atom_id           N 
_struct_conn.pdbx_ptnr2_label_alt_id       ? 
_struct_conn.pdbx_ptnr2_PDB_ins_code       ? 
_struct_conn.ptnr1_auth_asym_id            A 
_struct_conn.ptnr1_auth_comp_id            TRP 
_struct_conn.ptnr1_auth_seq_id             13 
_struct_conn.ptnr2_auth_asym_id            A 
_struct_conn.ptnr2_auth_comp_id            NH2 
_struct_conn.ptnr2_auth_seq_id             14 
_struct_conn.ptnr2_symmetry                1_555 
_struct_conn.pdbx_ptnr3_label_atom_id      ? 
_struct_conn.pdbx_ptnr3_label_seq_id       ? 
_struct_conn.pdbx_ptnr3_label_comp_id      ? 
_struct_conn.pdbx_ptnr3_label_asym_id      ? 
_struct_conn.pdbx_ptnr3_label_alt_id       ? 
_struct_conn.pdbx_ptnr3_PDB_ins_code       ? 
_struct_conn.details                       ? 
_struct_conn.pdbx_dist_value               1.326 
_struct_conn.pdbx_value_order              ? 
_struct_conn.pdbx_role                     ? 
# 
_struct_conn_type.id          covale 
_struct_conn_type.criteria    ? 
_struct_conn_type.reference   ? 
# 
_pdbx_modification_feature.ordinal                            1 
_pdbx_modification_feature.label_comp_id                      NH2 
_pdbx_modification_feature.label_asym_id                      A 
_pdbx_modification_feature.label_seq_id                       14 
_pdbx_modification_feature.label_alt_id                       ? 
_pdbx_modification_feature.modified_residue_label_comp_id     TRP 
_pdbx_modification_feature.modified_residue_label_asym_id     A 
_pdbx_modification_feature.modified_residue_label_seq_id      13 
_pdbx_modification_feature.modified_residue_label_alt_id      ? 
_pdbx_modification_feature.auth_comp_id                       NH2 
_pdbx_modification_feature.auth_asym_id                       A 
_pdbx_modification_feature.auth_seq_id                        14 
_pdbx_modification_feature.PDB_ins_code                       ? 
_pdbx_modification_feature.symmetry                           1_555 
_pdbx_modification_feature.modified_residue_auth_comp_id      TRP 
_pdbx_modification_feature.modified_residue_auth_asym_id      A 
_pdbx_modification_feature.modified_residue_auth_seq_id       13 
_pdbx_modification_feature.modified_residue_PDB_ins_code      ? 
_pdbx_modification_feature.modified_residue_symmetry          1_555 
_pdbx_modification_feature.comp_id_linking_atom               . 
_pdbx_modification_feature.modified_residue_id_linking_atom   . 
_pdbx_modification_feature.modified_residue_id                TRP 
_pdbx_modification_feature.ref_pcm_id                         16 
_pdbx_modification_feature.ref_comp_id                        NH2 
_pdbx_modification_feature.type                               None 
_pdbx_modification_feature.category                           'Terminal amidation' 
# 
_pdbx_entry_details.entry_id                   2L24 
_pdbx_entry_details.compound_details           ? 
_pdbx_entry_details.source_details             ? 
_pdbx_entry_details.nonpolymer_details         ? 
_pdbx_entry_details.sequence_details           ? 
_pdbx_entry_details.has_ligand_of_interest     ? 
_pdbx_entry_details.has_protein_modification   Y 
# 
loop_
_pdbx_validate_torsion.id 
_pdbx_validate_torsion.PDB_model_num 
_pdbx_validate_torsion.auth_comp_id 
_pdbx_validate_torsion.auth_asym_id 
_pdbx_validate_torsion.auth_seq_id 
_pdbx_validate_torsion.PDB_ins_code 
_pdbx_validate_torsion.label_alt_id 
_pdbx_validate_torsion.phi 
_pdbx_validate_torsion.psi 
1 5 PHE A 2 ? ? -44.99 107.76 
2 6 PHE A 2 ? ? 52.04  80.64  
3 8 PHE A 2 ? ? 49.15  89.43  
# 
_pdbx_nmr_ensemble.average_constraint_violations_per_residue     ? 
_pdbx_nmr_ensemble.average_constraints_per_residue               ? 
_pdbx_nmr_ensemble.average_distance_constraint_violation         ? 
_pdbx_nmr_ensemble.average_torsion_angle_constraint_violation    ? 
_pdbx_nmr_ensemble.conformer_selection_criteria                  'target function' 
_pdbx_nmr_ensemble.conformers_calculated_total_number            100 
_pdbx_nmr_ensemble.conformers_submitted_total_number             10 
_pdbx_nmr_ensemble.distance_constraint_violation_method          ? 
_pdbx_nmr_ensemble.entry_id                                      2L24 
_pdbx_nmr_ensemble.maximum_distance_constraint_violation         ? 
_pdbx_nmr_ensemble.maximum_lower_distance_constraint_violation   14 
_pdbx_nmr_ensemble.maximum_torsion_angle_constraint_violation    ? 
_pdbx_nmr_ensemble.maximum_upper_distance_constraint_violation   83 
_pdbx_nmr_ensemble.representative_conformer                      1 
_pdbx_nmr_ensemble.torsion_angle_constraint_violation_method     ? 
# 
_pdbx_nmr_representative.conformer_id         1 
_pdbx_nmr_representative.entry_id             2L24 
_pdbx_nmr_representative.selection_criteria   'fewest violations' 
# 
_pdbx_nmr_sample_details.contents         '1.5-2.0 mM HA-FD-13aG12I-1, 60% trifluoroethanol/40% water' 
_pdbx_nmr_sample_details.solution_id      1 
_pdbx_nmr_sample_details.solvent_system   '60% trifluoroethanol/40% water' 
# 
_pdbx_nmr_exptl_sample.component             HA-FD-13aG12I-1 
_pdbx_nmr_exptl_sample.concentration         ? 
_pdbx_nmr_exptl_sample.concentration_range   1.5-2.0 
_pdbx_nmr_exptl_sample.concentration_units   mM 
_pdbx_nmr_exptl_sample.isotopic_labeling     ? 
_pdbx_nmr_exptl_sample.solution_id           1 
# 
_pdbx_nmr_exptl_sample_conditions.conditions_id       1 
_pdbx_nmr_exptl_sample_conditions.ionic_strength      ? 
_pdbx_nmr_exptl_sample_conditions.pH                  ? 
_pdbx_nmr_exptl_sample_conditions.pressure            ambient 
_pdbx_nmr_exptl_sample_conditions.pressure_units      ? 
_pdbx_nmr_exptl_sample_conditions.temperature         295 
_pdbx_nmr_exptl_sample_conditions.temperature_units   K 
# 
loop_
_pdbx_nmr_exptl.conditions_id 
_pdbx_nmr_exptl.experiment_id 
_pdbx_nmr_exptl.solution_id 
_pdbx_nmr_exptl.type 
1 1 1 '2D 1H-1H TOCSY' 
1 2 1 '2D 1H-1H COSY'  
1 3 1 '2D 1H-1H NOESY' 
# 
_pdbx_nmr_constraints.disulfide_bond_constraints_total_count        ? 
_pdbx_nmr_constraints.entry_id                                      2L24 
_pdbx_nmr_constraints.hydrogen_bond_constraints_total_count         ? 
_pdbx_nmr_constraints.NA_alpha-angle_constraints_total_count        ? 
_pdbx_nmr_constraints.NA_beta-angle_constraints_total_count         ? 
_pdbx_nmr_constraints.NA_chi-angle_constraints_total_count          ? 
_pdbx_nmr_constraints.NA_delta-angle_constraints_total_count        ? 
_pdbx_nmr_constraints.NA_epsilon-angle_constraints_total_count      ? 
_pdbx_nmr_constraints.NA_gamma-angle_constraints_total_count        ? 
_pdbx_nmr_constraints.NA_other-angle_constraints_total_count        ? 
_pdbx_nmr_constraints.NA_sugar_pucker_constraints_total_count       ? 
_pdbx_nmr_constraints.NOE_constraints_total                         ? 
_pdbx_nmr_constraints.NOE_interentity_total_count                   ? 
_pdbx_nmr_constraints.NOE_interproton_distance_evaluation           ? 
_pdbx_nmr_constraints.NOE_intraresidue_total_count                  ? 
_pdbx_nmr_constraints.NOE_long_range_total_count                    ? 
_pdbx_nmr_constraints.NOE_medium_range_total_count                  ? 
_pdbx_nmr_constraints.NOE_motional_averaging_correction             ? 
_pdbx_nmr_constraints.NOE_pseudoatom_corrections                    ? 
_pdbx_nmr_constraints.NOE_sequential_total_count                    ? 
_pdbx_nmr_constraints.protein_chi_angle_constraints_total_count     ? 
_pdbx_nmr_constraints.protein_other_angle_constraints_total_count   ? 
_pdbx_nmr_constraints.protein_phi_angle_constraints_total_count     8 
_pdbx_nmr_constraints.protein_psi_angle_constraints_total_count     ? 
# 
_pdbx_nmr_refine.entry_id           2L24 
_pdbx_nmr_refine.method             'simulated annealing' 
_pdbx_nmr_refine.details            ? 
_pdbx_nmr_refine.software_ordinal   1 
# 
loop_
_pdbx_nmr_software.authors 
_pdbx_nmr_software.classification 
_pdbx_nmr_software.name 
_pdbx_nmr_software.version 
_pdbx_nmr_software.ordinal 
'Bruker Biospin'              collection           XwinNMR ? 1  
'Bruker Biospin'              'structure solution' XwinNMR ? 2  
'Bruker Biospin'              'data analysis'      XwinNMR ? 3  
'Guntert, Braun and Wuthrich' collection           XwinNMR ? 4  
'Guntert, Braun and Wuthrich' 'structure solution' XwinNMR ? 5  
'Guntert, Braun and Wuthrich' 'data analysis'      XwinNMR ? 6  
'Accelrys Software Inc.'      collection           XwinNMR ? 7  
'Accelrys Software Inc.'      'structure solution' XwinNMR ? 8  
'Accelrys Software Inc.'      'data analysis'      XwinNMR ? 9  
'Accelrys Software Inc.'      refinement           XwinNMR ? 10 
# 
loop_
_chem_comp_atom.comp_id 
_chem_comp_atom.atom_id 
_chem_comp_atom.type_symbol 
_chem_comp_atom.pdbx_aromatic_flag 
_chem_comp_atom.pdbx_stereo_config 
_chem_comp_atom.pdbx_ordinal 
ALA N    N N N 1   
ALA CA   C N S 2   
ALA C    C N N 3   
ALA O    O N N 4   
ALA CB   C N N 5   
ALA OXT  O N N 6   
ALA H    H N N 7   
ALA H2   H N N 8   
ALA HA   H N N 9   
ALA HB1  H N N 10  
ALA HB2  H N N 11  
ALA HB3  H N N 12  
ALA HXT  H N N 13  
ASN N    N N N 14  
ASN CA   C N S 15  
ASN C    C N N 16  
ASN O    O N N 17  
ASN CB   C N N 18  
ASN CG   C N N 19  
ASN OD1  O N N 20  
ASN ND2  N N N 21  
ASN OXT  O N N 22  
ASN H    H N N 23  
ASN H2   H N N 24  
ASN HA   H N N 25  
ASN HB2  H N N 26  
ASN HB3  H N N 27  
ASN HD21 H N N 28  
ASN HD22 H N N 29  
ASN HXT  H N N 30  
GLY N    N N N 31  
GLY CA   C N N 32  
GLY C    C N N 33  
GLY O    O N N 34  
GLY OXT  O N N 35  
GLY H    H N N 36  
GLY H2   H N N 37  
GLY HA2  H N N 38  
GLY HA3  H N N 39  
GLY HXT  H N N 40  
ILE N    N N N 41  
ILE CA   C N S 42  
ILE C    C N N 43  
ILE O    O N N 44  
ILE CB   C N S 45  
ILE CG1  C N N 46  
ILE CG2  C N N 47  
ILE CD1  C N N 48  
ILE OXT  O N N 49  
ILE H    H N N 50  
ILE H2   H N N 51  
ILE HA   H N N 52  
ILE HB   H N N 53  
ILE HG12 H N N 54  
ILE HG13 H N N 55  
ILE HG21 H N N 56  
ILE HG22 H N N 57  
ILE HG23 H N N 58  
ILE HD11 H N N 59  
ILE HD12 H N N 60  
ILE HD13 H N N 61  
ILE HXT  H N N 62  
LYS N    N N N 63  
LYS CA   C N S 64  
LYS C    C N N 65  
LYS O    O N N 66  
LYS CB   C N N 67  
LYS CG   C N N 68  
LYS CD   C N N 69  
LYS CE   C N N 70  
LYS NZ   N N N 71  
LYS OXT  O N N 72  
LYS H    H N N 73  
LYS H2   H N N 74  
LYS HA   H N N 75  
LYS HB2  H N N 76  
LYS HB3  H N N 77  
LYS HG2  H N N 78  
LYS HG3  H N N 79  
LYS HD2  H N N 80  
LYS HD3  H N N 81  
LYS HE2  H N N 82  
LYS HE3  H N N 83  
LYS HZ1  H N N 84  
LYS HZ2  H N N 85  
LYS HZ3  H N N 86  
LYS HXT  H N N 87  
NH2 N    N N N 88  
NH2 HN1  H N N 89  
NH2 HN2  H N N 90  
PHE N    N N N 91  
PHE CA   C N S 92  
PHE C    C N N 93  
PHE O    O N N 94  
PHE CB   C N N 95  
PHE CG   C Y N 96  
PHE CD1  C Y N 97  
PHE CD2  C Y N 98  
PHE CE1  C Y N 99  
PHE CE2  C Y N 100 
PHE CZ   C Y N 101 
PHE OXT  O N N 102 
PHE H    H N N 103 
PHE H2   H N N 104 
PHE HA   H N N 105 
PHE HB2  H N N 106 
PHE HB3  H N N 107 
PHE HD1  H N N 108 
PHE HD2  H N N 109 
PHE HE1  H N N 110 
PHE HE2  H N N 111 
PHE HZ   H N N 112 
PHE HXT  H N N 113 
TRP N    N N N 114 
TRP CA   C N S 115 
TRP C    C N N 116 
TRP O    O N N 117 
TRP CB   C N N 118 
TRP CG   C Y N 119 
TRP CD1  C Y N 120 
TRP CD2  C Y N 121 
TRP NE1  N Y N 122 
TRP CE2  C Y N 123 
TRP CE3  C Y N 124 
TRP CZ2  C Y N 125 
TRP CZ3  C Y N 126 
TRP CH2  C Y N 127 
TRP OXT  O N N 128 
TRP H    H N N 129 
TRP H2   H N N 130 
TRP HA   H N N 131 
TRP HB2  H N N 132 
TRP HB3  H N N 133 
TRP HD1  H N N 134 
TRP HE1  H N N 135 
TRP HE3  H N N 136 
TRP HZ2  H N N 137 
TRP HZ3  H N N 138 
TRP HH2  H N N 139 
TRP HXT  H N N 140 
# 
loop_
_chem_comp_bond.comp_id 
_chem_comp_bond.atom_id_1 
_chem_comp_bond.atom_id_2 
_chem_comp_bond.value_order 
_chem_comp_bond.pdbx_aromatic_flag 
_chem_comp_bond.pdbx_stereo_config 
_chem_comp_bond.pdbx_ordinal 
ALA N   CA   sing N N 1   
ALA N   H    sing N N 2   
ALA N   H2   sing N N 3   
ALA CA  C    sing N N 4   
ALA CA  CB   sing N N 5   
ALA CA  HA   sing N N 6   
ALA C   O    doub N N 7   
ALA C   OXT  sing N N 8   
ALA CB  HB1  sing N N 9   
ALA CB  HB2  sing N N 10  
ALA CB  HB3  sing N N 11  
ALA OXT HXT  sing N N 12  
ASN N   CA   sing N N 13  
ASN N   H    sing N N 14  
ASN N   H2   sing N N 15  
ASN CA  C    sing N N 16  
ASN CA  CB   sing N N 17  
ASN CA  HA   sing N N 18  
ASN C   O    doub N N 19  
ASN C   OXT  sing N N 20  
ASN CB  CG   sing N N 21  
ASN CB  HB2  sing N N 22  
ASN CB  HB3  sing N N 23  
ASN CG  OD1  doub N N 24  
ASN CG  ND2  sing N N 25  
ASN ND2 HD21 sing N N 26  
ASN ND2 HD22 sing N N 27  
ASN OXT HXT  sing N N 28  
GLY N   CA   sing N N 29  
GLY N   H    sing N N 30  
GLY N   H2   sing N N 31  
GLY CA  C    sing N N 32  
GLY CA  HA2  sing N N 33  
GLY CA  HA3  sing N N 34  
GLY C   O    doub N N 35  
GLY C   OXT  sing N N 36  
GLY OXT HXT  sing N N 37  
ILE N   CA   sing N N 38  
ILE N   H    sing N N 39  
ILE N   H2   sing N N 40  
ILE CA  C    sing N N 41  
ILE CA  CB   sing N N 42  
ILE CA  HA   sing N N 43  
ILE C   O    doub N N 44  
ILE C   OXT  sing N N 45  
ILE CB  CG1  sing N N 46  
ILE CB  CG2  sing N N 47  
ILE CB  HB   sing N N 48  
ILE CG1 CD1  sing N N 49  
ILE CG1 HG12 sing N N 50  
ILE CG1 HG13 sing N N 51  
ILE CG2 HG21 sing N N 52  
ILE CG2 HG22 sing N N 53  
ILE CG2 HG23 sing N N 54  
ILE CD1 HD11 sing N N 55  
ILE CD1 HD12 sing N N 56  
ILE CD1 HD13 sing N N 57  
ILE OXT HXT  sing N N 58  
LYS N   CA   sing N N 59  
LYS N   H    sing N N 60  
LYS N   H2   sing N N 61  
LYS CA  C    sing N N 62  
LYS CA  CB   sing N N 63  
LYS CA  HA   sing N N 64  
LYS C   O    doub N N 65  
LYS C   OXT  sing N N 66  
LYS CB  CG   sing N N 67  
LYS CB  HB2  sing N N 68  
LYS CB  HB3  sing N N 69  
LYS CG  CD   sing N N 70  
LYS CG  HG2  sing N N 71  
LYS CG  HG3  sing N N 72  
LYS CD  CE   sing N N 73  
LYS CD  HD2  sing N N 74  
LYS CD  HD3  sing N N 75  
LYS CE  NZ   sing N N 76  
LYS CE  HE2  sing N N 77  
LYS CE  HE3  sing N N 78  
LYS NZ  HZ1  sing N N 79  
LYS NZ  HZ2  sing N N 80  
LYS NZ  HZ3  sing N N 81  
LYS OXT HXT  sing N N 82  
NH2 N   HN1  sing N N 83  
NH2 N   HN2  sing N N 84  
PHE N   CA   sing N N 85  
PHE N   H    sing N N 86  
PHE N   H2   sing N N 87  
PHE CA  C    sing N N 88  
PHE CA  CB   sing N N 89  
PHE CA  HA   sing N N 90  
PHE C   O    doub N N 91  
PHE C   OXT  sing N N 92  
PHE CB  CG   sing N N 93  
PHE CB  HB2  sing N N 94  
PHE CB  HB3  sing N N 95  
PHE CG  CD1  doub Y N 96  
PHE CG  CD2  sing Y N 97  
PHE CD1 CE1  sing Y N 98  
PHE CD1 HD1  sing N N 99  
PHE CD2 CE2  doub Y N 100 
PHE CD2 HD2  sing N N 101 
PHE CE1 CZ   doub Y N 102 
PHE CE1 HE1  sing N N 103 
PHE CE2 CZ   sing Y N 104 
PHE CE2 HE2  sing N N 105 
PHE CZ  HZ   sing N N 106 
PHE OXT HXT  sing N N 107 
TRP N   CA   sing N N 108 
TRP N   H    sing N N 109 
TRP N   H2   sing N N 110 
TRP CA  C    sing N N 111 
TRP CA  CB   sing N N 112 
TRP CA  HA   sing N N 113 
TRP C   O    doub N N 114 
TRP C   OXT  sing N N 115 
TRP CB  CG   sing N N 116 
TRP CB  HB2  sing N N 117 
TRP CB  HB3  sing N N 118 
TRP CG  CD1  doub Y N 119 
TRP CG  CD2  sing Y N 120 
TRP CD1 NE1  sing Y N 121 
TRP CD1 HD1  sing N N 122 
TRP CD2 CE2  doub Y N 123 
TRP CD2 CE3  sing Y N 124 
TRP NE1 CE2  sing Y N 125 
TRP NE1 HE1  sing N N 126 
TRP CE2 CZ2  sing Y N 127 
TRP CE3 CZ3  doub Y N 128 
TRP CE3 HE3  sing N N 129 
TRP CZ2 CH2  doub Y N 130 
TRP CZ2 HZ2  sing N N 131 
TRP CZ3 CH2  sing Y N 132 
TRP CZ3 HZ3  sing N N 133 
TRP CH2 HH2  sing N N 134 
TRP OXT HXT  sing N N 135 
# 
_pdbx_nmr_spectrometer.field_strength    600 
_pdbx_nmr_spectrometer.manufacturer      Bruker 
_pdbx_nmr_spectrometer.model             AVANCE 
_pdbx_nmr_spectrometer.spectrometer_id   1 
_pdbx_nmr_spectrometer.type              'Bruker Avance' 
# 
_atom_sites.entry_id                    2L24 
_atom_sites.fract_transf_matrix[1][1]   1.000000 
_atom_sites.fract_transf_matrix[1][2]   0.000000 
_atom_sites.fract_transf_matrix[1][3]   0.000000 
_atom_sites.fract_transf_matrix[2][1]   0.000000 
_atom_sites.fract_transf_matrix[2][2]   1.000000 
_atom_sites.fract_transf_matrix[2][3]   0.000000 
_atom_sites.fract_transf_matrix[3][1]   0.000000 
_atom_sites.fract_transf_matrix[3][2]   0.000000 
_atom_sites.fract_transf_matrix[3][3]   1.000000 
_atom_sites.fract_transf_vector[1]      0.00000 
_atom_sites.fract_transf_vector[2]      0.00000 
_atom_sites.fract_transf_vector[3]      0.00000 
# 
loop_
_atom_type.symbol 
C 
H 
N 
O 
# 
loop_
_atom_site.group_PDB 
_atom_site.id 
_atom_site.type_symbol 
_atom_site.label_atom_id 
_atom_site.label_alt_id 
_atom_site.label_comp_id 
_atom_site.label_asym_id 
_atom_site.label_entity_id 
_atom_site.label_seq_id 
_atom_site.pdbx_PDB_ins_code 
_atom_site.Cartn_x 
_atom_site.Cartn_y 
_atom_site.Cartn_z 
_atom_site.occupancy 
_atom_site.B_iso_or_equiv 
_atom_site.pdbx_formal_charge 
_atom_site.auth_seq_id 
_atom_site.auth_comp_id 
_atom_site.auth_asym_id 
_atom_site.auth_atom_id 
_atom_site.pdbx_PDB_model_num 
ATOM   1    N N    . ILE A 1 1  ? 1.981  -1.202 12.006  1.00 0.00 ? 1  ILE A N    1  
ATOM   2    C CA   . ILE A 1 1  ? 1.961  -1.579 10.603  1.00 0.00 ? 1  ILE A CA   1  
ATOM   3    C C    . ILE A 1 1  ? 1.064  -0.609 9.831   1.00 0.00 ? 1  ILE A C    1  
ATOM   4    O O    . ILE A 1 1  ? 0.031  -1.006 9.296   1.00 0.00 ? 1  ILE A O    1  
ATOM   5    C CB   . ILE A 1 1  ? 1.556  -3.046 10.448  1.00 0.00 ? 1  ILE A CB   1  
ATOM   6    C CG1  . ILE A 1 1  ? 2.549  -3.966 11.159  1.00 0.00 ? 1  ILE A CG1  1  
ATOM   7    C CG2  . ILE A 1 1  ? 1.387  -3.416 8.973   1.00 0.00 ? 1  ILE A CG2  1  
ATOM   8    C CD1  . ILE A 1 1  ? 3.931  -3.889 10.508  1.00 0.00 ? 1  ILE A CD1  1  
ATOM   9    H H1   . ILE A 1 1  ? 1.106  -0.884 12.371  1.00 0.00 ? 1  ILE A H1   1  
ATOM   10   H HA   . ILE A 1 1  ? 2.979  -1.484 10.225  1.00 0.00 ? 1  ILE A HA   1  
ATOM   11   H HB   . ILE A 1 1  ? 0.587  -3.185 10.929  1.00 0.00 ? 1  ILE A HB   1  
ATOM   12   H HG12 . ILE A 1 1  ? 2.622  -3.688 12.210  1.00 0.00 ? 1  ILE A HG12 1  
ATOM   13   H HG13 . ILE A 1 1  ? 2.186  -4.995 11.127  1.00 0.00 ? 1  ILE A HG13 1  
ATOM   14   H HG21 . ILE A 1 1  ? 0.410  -3.079 8.625   1.00 0.00 ? 1  ILE A HG21 1  
ATOM   15   H HG22 . ILE A 1 1  ? 2.168  -2.934 8.385   1.00 0.00 ? 1  ILE A HG22 1  
ATOM   16   H HG23 . ILE A 1 1  ? 1.460  -4.497 8.859   1.00 0.00 ? 1  ILE A HG23 1  
ATOM   17   H HD11 . ILE A 1 1  ? 4.303  -4.897 10.323  1.00 0.00 ? 1  ILE A HD11 1  
ATOM   18   H HD12 . ILE A 1 1  ? 3.859  -3.349 9.564   1.00 0.00 ? 1  ILE A HD12 1  
ATOM   19   H HD13 . ILE A 1 1  ? 4.618  -3.367 11.174  1.00 0.00 ? 1  ILE A HD13 1  
ATOM   20   N N    . PHE A 1 2  ? 1.493  0.645  9.799   1.00 0.00 ? 2  PHE A N    1  
ATOM   21   C CA   . PHE A 1 2  ? 0.741  1.674  9.102   1.00 0.00 ? 2  PHE A CA   1  
ATOM   22   C C    . PHE A 1 2  ? 1.507  2.177  7.876   1.00 0.00 ? 2  PHE A C    1  
ATOM   23   O O    . PHE A 1 2  ? 2.490  2.904  8.009   1.00 0.00 ? 2  PHE A O    1  
ATOM   24   C CB   . PHE A 1 2  ? 0.556  2.834  10.082  1.00 0.00 ? 2  PHE A CB   1  
ATOM   25   C CG   . PHE A 1 2  ? -0.880 3.354  10.167  1.00 0.00 ? 2  PHE A CG   1  
ATOM   26   C CD1  . PHE A 1 2  ? -1.797 2.699  10.931  1.00 0.00 ? 2  PHE A CD1  1  
ATOM   27   C CD2  . PHE A 1 2  ? -1.241 4.470  9.481   1.00 0.00 ? 2  PHE A CD2  1  
ATOM   28   C CE1  . PHE A 1 2  ? -3.129 3.181  11.009  1.00 0.00 ? 2  PHE A CE1  1  
ATOM   29   C CE2  . PHE A 1 2  ? -2.576 4.953  9.560   1.00 0.00 ? 2  PHE A CE2  1  
ATOM   30   C CZ   . PHE A 1 2  ? -3.490 4.298  10.322  1.00 0.00 ? 2  PHE A CZ   1  
ATOM   31   H H    . PHE A 1 2  ? 2.335  0.959  10.237  1.00 0.00 ? 2  PHE A H    1  
ATOM   32   H HA   . PHE A 1 2  ? -0.199 1.228  8.782   1.00 0.00 ? 2  PHE A HA   1  
ATOM   33   H HB2  . PHE A 1 2  ? 0.875  2.512  11.075  1.00 0.00 ? 2  PHE A HB2  1  
ATOM   34   H HB3  . PHE A 1 2  ? 1.211  3.654  9.787   1.00 0.00 ? 2  PHE A HB3  1  
ATOM   35   H HD1  . PHE A 1 2  ? -1.508 1.803  11.481  1.00 0.00 ? 2  PHE A HD1  1  
ATOM   36   H HD2  . PHE A 1 2  ? -0.508 4.995  8.870   1.00 0.00 ? 2  PHE A HD2  1  
ATOM   37   H HE1  . PHE A 1 2  ? -3.863 2.655  11.620  1.00 0.00 ? 2  PHE A HE1  1  
ATOM   38   H HE2  . PHE A 1 2  ? -2.865 5.848  9.009   1.00 0.00 ? 2  PHE A HE2  1  
ATOM   39   H HZ   . PHE A 1 2  ? -4.515 4.667  10.384  1.00 0.00 ? 2  PHE A HZ   1  
ATOM   40   N N    . GLY A 1 3  ? 1.027  1.768  6.710   1.00 0.00 ? 3  GLY A N    1  
ATOM   41   C CA   . GLY A 1 3  ? 1.654  2.167  5.462   1.00 0.00 ? 3  GLY A CA   1  
ATOM   42   C C    . GLY A 1 3  ? 1.483  1.086  4.391   1.00 0.00 ? 3  GLY A C    1  
ATOM   43   O O    . GLY A 1 3  ? 1.617  1.361  3.201   1.00 0.00 ? 3  GLY A O    1  
ATOM   44   H H    . GLY A 1 3  ? 0.227  1.175  6.612   1.00 0.00 ? 3  GLY A H    1  
ATOM   45   H HA2  . GLY A 1 3  ? 1.215  3.101  5.113   1.00 0.00 ? 3  GLY A HA2  1  
ATOM   46   H HA3  . GLY A 1 3  ? 2.715  2.355  5.627   1.00 0.00 ? 3  GLY A HA3  1  
ATOM   47   N N    . ALA A 1 4  ? 1.187  -0.120 4.857   1.00 0.00 ? 4  ALA A N    1  
ATOM   48   C CA   . ALA A 1 4  ? 0.996  -1.242 3.955   1.00 0.00 ? 4  ALA A CA   1  
ATOM   49   C C    . ALA A 1 4  ? -0.214 -0.970 3.058   1.00 0.00 ? 4  ALA A C    1  
ATOM   50   O O    . ALA A 1 4  ? -0.418 -1.659 2.059   1.00 0.00 ? 4  ALA A O    1  
ATOM   51   C CB   . ALA A 1 4  ? 0.843  -2.530 4.767   1.00 0.00 ? 4  ALA A CB   1  
ATOM   52   H H    . ALA A 1 4  ? 1.080  -0.334 5.827   1.00 0.00 ? 4  ALA A H    1  
ATOM   53   H HA   . ALA A 1 4  ? 1.888  -1.324 3.332   1.00 0.00 ? 4  ALA A HA   1  
ATOM   54   H HB1  . ALA A 1 4  ? 1.828  -2.944 4.983   1.00 0.00 ? 4  ALA A HB1  1  
ATOM   55   H HB2  . ALA A 1 4  ? 0.328  -2.309 5.703   1.00 0.00 ? 4  ALA A HB2  1  
ATOM   56   H HB3  . ALA A 1 4  ? 0.261  -3.253 4.195   1.00 0.00 ? 4  ALA A HB3  1  
ATOM   57   N N    . ILE A 1 5  ? -0.983 0.034  3.447   1.00 0.00 ? 5  ILE A N    1  
ATOM   58   C CA   . ILE A 1 5  ? -2.167 0.406  2.691   1.00 0.00 ? 5  ILE A CA   1  
ATOM   59   C C    . ILE A 1 5  ? -1.744 1.131  1.412   1.00 0.00 ? 5  ILE A C    1  
ATOM   60   O O    . ILE A 1 5  ? -2.285 0.870  0.338   1.00 0.00 ? 5  ILE A O    1  
ATOM   61   C CB   . ILE A 1 5  ? -3.130 1.213  3.564   1.00 0.00 ? 5  ILE A CB   1  
ATOM   62   C CG1  . ILE A 1 5  ? -4.210 0.312  4.167   1.00 0.00 ? 5  ILE A CG1  1  
ATOM   63   C CG2  . ILE A 1 5  ? -3.731 2.383  2.784   1.00 0.00 ? 5  ILE A CG2  1  
ATOM   64   C CD1  . ILE A 1 5  ? -3.849 -0.098 5.595   1.00 0.00 ? 5  ILE A CD1  1  
ATOM   65   H H    . ILE A 1 5  ? -0.810 0.590  4.260   1.00 0.00 ? 5  ILE A H    1  
ATOM   66   H HA   . ILE A 1 5  ? -2.680 -0.514 2.412   1.00 0.00 ? 5  ILE A HA   1  
ATOM   67   H HB   . ILE A 1 5  ? -2.564 1.637  4.395   1.00 0.00 ? 5  ILE A HB   1  
ATOM   68   H HG12 . ILE A 1 5  ? -5.168 0.834  4.166   1.00 0.00 ? 5  ILE A HG12 1  
ATOM   69   H HG13 . ILE A 1 5  ? -4.332 -0.578 3.549   1.00 0.00 ? 5  ILE A HG13 1  
ATOM   70   H HG21 . ILE A 1 5  ? -3.027 3.217  2.781   1.00 0.00 ? 5  ILE A HG21 1  
ATOM   71   H HG22 . ILE A 1 5  ? -3.929 2.072  1.758   1.00 0.00 ? 5  ILE A HG22 1  
ATOM   72   H HG23 . ILE A 1 5  ? -4.662 2.695  3.255   1.00 0.00 ? 5  ILE A HG23 1  
ATOM   73   H HD11 . ILE A 1 5  ? -4.565 0.338  6.291   1.00 0.00 ? 5  ILE A HD11 1  
ATOM   74   H HD12 . ILE A 1 5  ? -3.875 -1.185 5.679   1.00 0.00 ? 5  ILE A HD12 1  
ATOM   75   H HD13 . ILE A 1 5  ? -2.846 0.260  5.834   1.00 0.00 ? 5  ILE A HD13 1  
ATOM   76   N N    . ALA A 1 6  ? -0.782 2.028  1.569   1.00 0.00 ? 6  ALA A N    1  
ATOM   77   C CA   . ALA A 1 6  ? -0.279 2.792  0.440   1.00 0.00 ? 6  ALA A CA   1  
ATOM   78   C C    . ALA A 1 6  ? 0.673  1.919  -0.380  1.00 0.00 ? 6  ALA A C    1  
ATOM   79   O O    . ALA A 1 6  ? 0.881  2.165  -1.566  1.00 0.00 ? 6  ALA A O    1  
ATOM   80   C CB   . ALA A 1 6  ? 0.393  4.070  0.946   1.00 0.00 ? 6  ALA A CB   1  
ATOM   81   H H    . ALA A 1 6  ? -0.347 2.235  2.446   1.00 0.00 ? 6  ALA A H    1  
ATOM   82   H HA   . ALA A 1 6  ? -1.131 3.067  -0.182  1.00 0.00 ? 6  ALA A HA   1  
ATOM   83   H HB1  . ALA A 1 6  ? 0.540  4.757  0.114   1.00 0.00 ? 6  ALA A HB1  1  
ATOM   84   H HB2  . ALA A 1 6  ? -0.242 4.541  1.698   1.00 0.00 ? 6  ALA A HB2  1  
ATOM   85   H HB3  . ALA A 1 6  ? 1.358  3.822  1.390   1.00 0.00 ? 6  ALA A HB3  1  
ATOM   86   N N    . GLY A 1 7  ? 1.226  0.916  0.288   1.00 0.00 ? 7  GLY A N    1  
ATOM   87   C CA   . GLY A 1 7  ? 2.151  0.005  -0.363  1.00 0.00 ? 7  GLY A CA   1  
ATOM   88   C C    . GLY A 1 7  ? 1.409  -0.961 -1.290  1.00 0.00 ? 7  GLY A C    1  
ATOM   89   O O    . GLY A 1 7  ? 1.904  -1.301 -2.364  1.00 0.00 ? 7  GLY A O    1  
ATOM   90   H H    . GLY A 1 7  ? 1.052  0.723  1.253   1.00 0.00 ? 7  GLY A H    1  
ATOM   91   H HA2  . GLY A 1 7  ? 2.883  0.573  -0.937  1.00 0.00 ? 7  GLY A HA2  1  
ATOM   92   H HA3  . GLY A 1 7  ? 2.703  -0.559 0.389   1.00 0.00 ? 7  GLY A HA3  1  
ATOM   93   N N    . PHE A 1 8  ? 0.234  -1.377 -0.840  1.00 0.00 ? 8  PHE A N    1  
ATOM   94   C CA   . PHE A 1 8  ? -0.580 -2.296 -1.615  1.00 0.00 ? 8  PHE A CA   1  
ATOM   95   C C    . PHE A 1 8  ? -1.465 -1.541 -2.609  1.00 0.00 ? 8  PHE A C    1  
ATOM   96   O O    . PHE A 1 8  ? -1.900 -2.106 -3.612  1.00 0.00 ? 8  PHE A O    1  
ATOM   97   C CB   . PHE A 1 8  ? -1.474 -3.046 -0.624  1.00 0.00 ? 8  PHE A CB   1  
ATOM   98   C CG   . PHE A 1 8  ? -2.735 -3.645 -1.251  1.00 0.00 ? 8  PHE A CG   1  
ATOM   99   C CD1  . PHE A 1 8  ? -2.703 -4.898 -1.777  1.00 0.00 ? 8  PHE A CD1  1  
ATOM   100  C CD2  . PHE A 1 8  ? -3.887 -2.923 -1.284  1.00 0.00 ? 8  PHE A CD2  1  
ATOM   101  C CE1  . PHE A 1 8  ? -3.872 -5.454 -2.360  1.00 0.00 ? 8  PHE A CE1  1  
ATOM   102  C CE2  . PHE A 1 8  ? -5.056 -3.478 -1.866  1.00 0.00 ? 8  PHE A CE2  1  
ATOM   103  C CZ   . PHE A 1 8  ? -5.025 -4.731 -2.392  1.00 0.00 ? 8  PHE A CZ   1  
ATOM   104  H H    . PHE A 1 8  ? -0.161 -1.096 0.035   1.00 0.00 ? 8  PHE A H    1  
ATOM   105  H HA   . PHE A 1 8  ? 0.099  -2.951 -2.161  1.00 0.00 ? 8  PHE A HA   1  
ATOM   106  H HB2  . PHE A 1 8  ? -0.895 -3.846 -0.162  1.00 0.00 ? 8  PHE A HB2  1  
ATOM   107  H HB3  . PHE A 1 8  ? -1.766 -2.363 0.175   1.00 0.00 ? 8  PHE A HB3  1  
ATOM   108  H HD1  . PHE A 1 8  ? -1.780 -5.477 -1.751  1.00 0.00 ? 8  PHE A HD1  1  
ATOM   109  H HD2  . PHE A 1 8  ? -3.911 -1.917 -0.863  1.00 0.00 ? 8  PHE A HD2  1  
ATOM   110  H HE1  . PHE A 1 8  ? -3.847 -6.459 -2.780  1.00 0.00 ? 8  PHE A HE1  1  
ATOM   111  H HE2  . PHE A 1 8  ? -5.980 -2.899 -1.892  1.00 0.00 ? 8  PHE A HE2  1  
ATOM   112  H HZ   . PHE A 1 8  ? -5.923 -5.158 -2.839  1.00 0.00 ? 8  PHE A HZ   1  
ATOM   113  N N    . ILE A 1 9  ? -1.705 -0.277 -2.298  1.00 0.00 ? 9  ILE A N    1  
ATOM   114  C CA   . ILE A 1 9  ? -2.530 0.562  -3.151  1.00 0.00 ? 9  ILE A CA   1  
ATOM   115  C C    . ILE A 1 9  ? -1.693 1.056  -4.333  1.00 0.00 ? 9  ILE A C    1  
ATOM   116  O O    . ILE A 1 9  ? -2.217 1.256  -5.428  1.00 0.00 ? 9  ILE A O    1  
ATOM   117  C CB   . ILE A 1 9  ? -3.171 1.689  -2.338  1.00 0.00 ? 9  ILE A CB   1  
ATOM   118  C CG1  . ILE A 1 9  ? -4.222 1.138  -1.372  1.00 0.00 ? 9  ILE A CG1  1  
ATOM   119  C CG2  . ILE A 1 9  ? -3.744 2.769  -3.256  1.00 0.00 ? 9  ILE A CG2  1  
ATOM   120  C CD1  . ILE A 1 9  ? -5.580 0.994  -2.066  1.00 0.00 ? 9  ILE A CD1  1  
ATOM   121  H H    . ILE A 1 9  ? -1.347 0.176  -1.479  1.00 0.00 ? 9  ILE A H    1  
ATOM   122  H HA   . ILE A 1 9  ? -3.338 -0.060 -3.536  1.00 0.00 ? 9  ILE A HA   1  
ATOM   123  H HB   . ILE A 1 9  ? -2.394 2.158  -1.733  1.00 0.00 ? 9  ILE A HB   1  
ATOM   124  H HG12 . ILE A 1 9  ? -3.901 0.168  -0.993  1.00 0.00 ? 9  ILE A HG12 1  
ATOM   125  H HG13 . ILE A 1 9  ? -4.317 1.802  -0.513  1.00 0.00 ? 9  ILE A HG13 1  
ATOM   126  H HG21 . ILE A 1 9  ? -4.484 3.355  -2.709  1.00 0.00 ? 9  ILE A HG21 1  
ATOM   127  H HG22 . ILE A 1 9  ? -2.940 3.423  -3.594  1.00 0.00 ? 9  ILE A HG22 1  
ATOM   128  H HG23 . ILE A 1 9  ? -4.217 2.300  -4.118  1.00 0.00 ? 9  ILE A HG23 1  
ATOM   129  H HD11 . ILE A 1 9  ? -6.069 0.085  -1.719  1.00 0.00 ? 9  ILE A HD11 1  
ATOM   130  H HD12 . ILE A 1 9  ? -6.202 1.856  -1.826  1.00 0.00 ? 9  ILE A HD12 1  
ATOM   131  H HD13 . ILE A 1 9  ? -5.434 0.940  -3.144  1.00 0.00 ? 9  ILE A HD13 1  
ATOM   132  N N    . LYS A 1 10 ? -0.407 1.241  -4.071  1.00 0.00 ? 10 LYS A N    1  
ATOM   133  C CA   . LYS A 1 10 ? 0.506  1.707  -5.101  1.00 0.00 ? 10 LYS A CA   1  
ATOM   134  C C    . LYS A 1 10 ? 1.051  0.507  -5.876  1.00 0.00 ? 10 LYS A C    1  
ATOM   135  O O    . LYS A 1 10 ? 1.308  0.602  -7.076  1.00 0.00 ? 10 LYS A O    1  
ATOM   136  C CB   . LYS A 1 10 ? 1.595  2.592  -4.490  1.00 0.00 ? 10 LYS A CB   1  
ATOM   137  C CG   . LYS A 1 10 ? 2.263  3.458  -5.559  1.00 0.00 ? 10 LYS A CG   1  
ATOM   138  C CD   . LYS A 1 10 ? 2.316  4.924  -5.124  1.00 0.00 ? 10 LYS A CD   1  
ATOM   139  C CE   . LYS A 1 10 ? 3.239  5.733  -6.035  1.00 0.00 ? 10 LYS A CE   1  
ATOM   140  N NZ   . LYS A 1 10 ? 4.204  6.517  -5.232  1.00 0.00 ? 10 LYS A NZ   1  
ATOM   141  H H    . LYS A 1 10 ? 0.011  1.076  -3.179  1.00 0.00 ? 10 LYS A H    1  
ATOM   142  H HA   . LYS A 1 10 ? -0.067 2.330  -5.789  1.00 0.00 ? 10 LYS A HA   1  
ATOM   143  H HB2  . LYS A 1 10 ? 1.162  3.230  -3.719  1.00 0.00 ? 10 LYS A HB2  1  
ATOM   144  H HB3  . LYS A 1 10 ? 2.343  1.968  -4.002  1.00 0.00 ? 10 LYS A HB3  1  
ATOM   145  H HG2  . LYS A 1 10 ? 3.272  3.094  -5.748  1.00 0.00 ? 10 LYS A HG2  1  
ATOM   146  H HG3  . LYS A 1 10 ? 1.714  3.372  -6.497  1.00 0.00 ? 10 LYS A HG3  1  
ATOM   147  H HD2  . LYS A 1 10 ? 1.311  5.350  -5.147  1.00 0.00 ? 10 LYS A HD2  1  
ATOM   148  H HD3  . LYS A 1 10 ? 2.665  4.989  -4.095  1.00 0.00 ? 10 LYS A HD3  1  
ATOM   149  H HE2  . LYS A 1 10 ? 3.776  5.064  -6.706  1.00 0.00 ? 10 LYS A HE2  1  
ATOM   150  H HE3  . LYS A 1 10 ? 2.649  6.404  -6.661  1.00 0.00 ? 10 LYS A HE3  1  
ATOM   151  H HZ1  . LYS A 1 10 ? 5.101  6.605  -5.695  1.00 0.00 ? 10 LYS A HZ1  1  
ATOM   152  H HZ3  . LYS A 1 10 ? 4.381  6.089  -4.329  1.00 0.00 ? 10 LYS A HZ3  1  
ATOM   153  N N    . ASN A 1 11 ? 1.213  -0.596 -5.159  1.00 0.00 ? 11 ASN A N    1  
ATOM   154  C CA   . ASN A 1 11 ? 1.724  -1.814 -5.765  1.00 0.00 ? 11 ASN A CA   1  
ATOM   155  C C    . ASN A 1 11 ? 0.638  -2.433 -6.648  1.00 0.00 ? 11 ASN A C    1  
ATOM   156  O O    . ASN A 1 11 ? 0.943  -3.073 -7.653  1.00 0.00 ? 11 ASN A O    1  
ATOM   157  C CB   . ASN A 1 11 ? 2.106  -2.841 -4.696  1.00 0.00 ? 11 ASN A CB   1  
ATOM   158  C CG   . ASN A 1 11 ? 2.680  -4.108 -5.335  1.00 0.00 ? 11 ASN A CG   1  
ATOM   159  O OD1  . ASN A 1 11 ? 1.977  -5.061 -5.625  1.00 0.00 ? 11 ASN A OD1  1  
ATOM   160  N ND2  . ASN A 1 11 ? 3.994  -4.065 -5.537  1.00 0.00 ? 11 ASN A ND2  1  
ATOM   161  H H    . ASN A 1 11 ? 1.002  -0.665 -4.184  1.00 0.00 ? 11 ASN A H    1  
ATOM   162  H HA   . ASN A 1 11 ? 2.600  -1.505 -6.334  1.00 0.00 ? 11 ASN A HA   1  
ATOM   163  H HB2  . ASN A 1 11 ? 2.840  -2.409 -4.017  1.00 0.00 ? 11 ASN A HB2  1  
ATOM   164  H HB3  . ASN A 1 11 ? 1.230  -3.095 -4.100  1.00 0.00 ? 11 ASN A HB3  1  
ATOM   165  H HD21 . ASN A 1 11 ? 4.513  -3.251 -5.277  1.00 0.00 ? 11 ASN A HD21 1  
ATOM   166  H HD22 . ASN A 1 11 ? 4.462  -4.846 -5.950  1.00 0.00 ? 11 ASN A HD22 1  
ATOM   167  N N    . ILE A 1 12 ? -0.604 -2.220 -6.241  1.00 0.00 ? 12 ILE A N    1  
ATOM   168  C CA   . ILE A 1 12 ? -1.736 -2.749 -6.983  1.00 0.00 ? 12 ILE A CA   1  
ATOM   169  C C    . ILE A 1 12 ? -2.103 -1.778 -8.106  1.00 0.00 ? 12 ILE A C    1  
ATOM   170  O O    . ILE A 1 12 ? -2.496 -2.198 -9.193  1.00 0.00 ? 12 ILE A O    1  
ATOM   171  C CB   . ILE A 1 12 ? -2.896 -3.065 -6.037  1.00 0.00 ? 12 ILE A CB   1  
ATOM   172  C CG1  . ILE A 1 12 ? -2.519 -4.176 -5.056  1.00 0.00 ? 12 ILE A CG1  1  
ATOM   173  C CG2  . ILE A 1 12 ? -4.167 -3.398 -6.821  1.00 0.00 ? 12 ILE A CG2  1  
ATOM   174  C CD1  . ILE A 1 12 ? -2.729 -5.555 -5.684  1.00 0.00 ? 12 ILE A CD1  1  
ATOM   175  H H    . ILE A 1 12 ? -0.842 -1.698 -5.422  1.00 0.00 ? 12 ILE A H    1  
ATOM   176  H HA   . ILE A 1 12 ? -1.420 -3.692 -7.431  1.00 0.00 ? 12 ILE A HA   1  
ATOM   177  H HB   . ILE A 1 12 ? -3.108 -2.172 -5.448  1.00 0.00 ? 12 ILE A HB   1  
ATOM   178  H HG12 . ILE A 1 12 ? -1.477 -4.064 -4.757  1.00 0.00 ? 12 ILE A HG12 1  
ATOM   179  H HG13 . ILE A 1 12 ? -3.122 -4.088 -4.153  1.00 0.00 ? 12 ILE A HG13 1  
ATOM   180  H HG21 . ILE A 1 12 ? -4.551 -2.495 -7.294  1.00 0.00 ? 12 ILE A HG21 1  
ATOM   181  H HG22 . ILE A 1 12 ? -3.937 -4.139 -7.589  1.00 0.00 ? 12 ILE A HG22 1  
ATOM   182  H HG23 . ILE A 1 12 ? -4.918 -3.802 -6.141  1.00 0.00 ? 12 ILE A HG23 1  
ATOM   183  H HD11 . ILE A 1 12 ? -2.110 -6.288 -5.166  1.00 0.00 ? 12 ILE A HD11 1  
ATOM   184  H HD12 . ILE A 1 12 ? -3.778 -5.839 -5.595  1.00 0.00 ? 12 ILE A HD12 1  
ATOM   185  H HD13 . ILE A 1 12 ? -2.450 -5.522 -6.737  1.00 0.00 ? 12 ILE A HD13 1  
ATOM   186  N N    . TRP A 1 13 ? -1.961 -0.494 -7.804  1.00 0.00 ? 13 TRP A N    1  
ATOM   187  C CA   . TRP A 1 13 ? -2.275 0.541  -8.774  1.00 0.00 ? 13 TRP A CA   1  
ATOM   188  C C    . TRP A 1 13 ? -1.008 1.367  -9.008  1.00 0.00 ? 13 TRP A C    1  
ATOM   189  O O    . TRP A 1 13 ? -0.772 2.357  -8.316  1.00 0.00 ? 13 TRP A O    1  
ATOM   190  C CB   . TRP A 1 13 ? -3.462 1.385  -8.313  1.00 0.00 ? 13 TRP A CB   1  
ATOM   191  C CG   . TRP A 1 13 ? -4.801 0.962  -8.920  1.00 0.00 ? 13 TRP A CG   1  
ATOM   192  C CD1  . TRP A 1 13 ? -5.218 -0.276 -9.215  1.00 0.00 ? 13 TRP A CD1  1  
ATOM   193  C CD2  . TRP A 1 13 ? -5.888 1.834  -9.297  1.00 0.00 ? 13 TRP A CD2  1  
ATOM   194  N NE1  . TRP A 1 13 ? -6.489 -0.267 -9.751  1.00 0.00 ? 13 TRP A NE1  1  
ATOM   195  C CE2  . TRP A 1 13 ? -6.909 1.056  -9.803  1.00 0.00 ? 13 TRP A CE2  1  
ATOM   196  C CE3  . TRP A 1 13 ? -6.005 3.232  -9.212  1.00 0.00 ? 13 TRP A CE3  1  
ATOM   197  C CZ2  . TRP A 1 13 ? -8.120 1.587  -10.266 1.00 0.00 ? 13 TRP A CZ2  1  
ATOM   198  C CZ3  . TRP A 1 13 ? -7.221 3.747  -9.678  1.00 0.00 ? 13 TRP A CZ3  1  
ATOM   199  C CH2  . TRP A 1 13 ? -8.258 2.979  -10.191 1.00 0.00 ? 13 TRP A CH2  1  
ATOM   200  H H    . TRP A 1 13 ? -1.641 -0.160 -6.918  1.00 0.00 ? 13 TRP A H    1  
ATOM   201  H HA   . TRP A 1 13 ? -2.575 0.050  -9.701  1.00 0.00 ? 13 TRP A HA   1  
ATOM   202  H HB2  . TRP A 1 13 ? -3.533 1.329  -7.226  1.00 0.00 ? 13 TRP A HB2  1  
ATOM   203  H HB3  . TRP A 1 13 ? -3.274 2.428  -8.565  1.00 0.00 ? 13 TRP A HB3  1  
ATOM   204  H HD1  . TRP A 1 13 ? -4.627 -1.178 -9.051  1.00 0.00 ? 13 TRP A HD1  1  
ATOM   205  H HE1  . TRP A 1 13 ? -7.059 -1.139 -10.077 1.00 0.00 ? 13 TRP A HE1  1  
ATOM   206  H HE3  . TRP A 1 13 ? -5.213 3.867  -8.816  1.00 0.00 ? 13 TRP A HE3  1  
ATOM   207  H HZ2  . TRP A 1 13 ? -8.912 0.951  -10.662 1.00 0.00 ? 13 TRP A HZ2  1  
ATOM   208  H HZ3  . TRP A 1 13 ? -7.363 4.827  -9.635  1.00 0.00 ? 13 TRP A HZ3  1  
ATOM   209  H HH2  . TRP A 1 13 ? -9.176 3.456  -10.534 1.00 0.00 ? 13 TRP A HH2  1  
HETATM 210  N N    . NH2 A 1 14 ? -0.227 0.931  -9.986  1.00 0.00 ? 14 NH2 A N    1  
HETATM 211  H HN1  . NH2 A 1 14 ? 0.622  1.416  -10.202 1.00 0.00 ? 14 NH2 A HN1  1  
HETATM 212  H HN2  . NH2 A 1 14 ? -0.485 0.117  -10.506 1.00 0.00 ? 14 NH2 A HN2  1  
ATOM   213  N N    . ILE A 1 1  ? 0.819  -2.199 12.000  1.00 0.00 ? 1  ILE A N    2  
ATOM   214  C CA   . ILE A 1 1  ? 1.207  -1.926 10.626  1.00 0.00 ? 1  ILE A CA   2  
ATOM   215  C C    . ILE A 1 1  ? 0.525  -0.641 10.153  1.00 0.00 ? 1  ILE A C    2  
ATOM   216  O O    . ILE A 1 1  ? -0.685 -0.483 10.310  1.00 0.00 ? 1  ILE A O    2  
ATOM   217  C CB   . ILE A 1 1  ? 0.921  -3.138 9.737   1.00 0.00 ? 1  ILE A CB   2  
ATOM   218  C CG1  . ILE A 1 1  ? 1.397  -2.890 8.304   1.00 0.00 ? 1  ILE A CG1  2  
ATOM   219  C CG2  . ILE A 1 1  ? -0.559 -3.519 9.792   1.00 0.00 ? 1  ILE A CG2  2  
ATOM   220  C CD1  . ILE A 1 1  ? 1.832  -4.199 7.638   1.00 0.00 ? 1  ILE A CD1  2  
ATOM   221  H H1   . ILE A 1 1  ? 0.298  -1.471 12.443  1.00 0.00 ? 1  ILE A H1   2  
ATOM   222  H HA   . ILE A 1 1  ? 2.286  -1.768 10.617  1.00 0.00 ? 1  ILE A HA   2  
ATOM   223  H HB   . ILE A 1 1  ? 1.487  -3.985 10.123  1.00 0.00 ? 1  ILE A HB   2  
ATOM   224  H HG12 . ILE A 1 1  ? 0.595  -2.433 7.724   1.00 0.00 ? 1  ILE A HG12 2  
ATOM   225  H HG13 . ILE A 1 1  ? 2.229  -2.186 8.308   1.00 0.00 ? 1  ILE A HG13 2  
ATOM   226  H HG21 . ILE A 1 1  ? -1.168 -2.655 9.527   1.00 0.00 ? 1  ILE A HG21 2  
ATOM   227  H HG22 . ILE A 1 1  ? -0.752 -4.329 9.087   1.00 0.00 ? 1  ILE A HG22 2  
ATOM   228  H HG23 . ILE A 1 1  ? -0.813 -3.848 10.799  1.00 0.00 ? 1  ILE A HG23 2  
ATOM   229  H HD11 . ILE A 1 1  ? 2.019  -4.951 8.402   1.00 0.00 ? 1  ILE A HD11 2  
ATOM   230  H HD12 . ILE A 1 1  ? 1.044  -4.545 6.970   1.00 0.00 ? 1  ILE A HD12 2  
ATOM   231  H HD13 . ILE A 1 1  ? 2.744  -4.028 7.065   1.00 0.00 ? 1  ILE A HD13 2  
ATOM   232  N N    . PHE A 1 2  ? 1.330  0.244  9.585   1.00 0.00 ? 2  PHE A N    2  
ATOM   233  C CA   . PHE A 1 2  ? 0.817  1.511  9.089   1.00 0.00 ? 2  PHE A CA   2  
ATOM   234  C C    . PHE A 1 2  ? 1.613  1.984  7.870   1.00 0.00 ? 2  PHE A C    2  
ATOM   235  O O    . PHE A 1 2  ? 2.701  2.541  8.011   1.00 0.00 ? 2  PHE A O    2  
ATOM   236  C CB   . PHE A 1 2  ? 0.981  2.533  10.216  1.00 0.00 ? 2  PHE A CB   2  
ATOM   237  C CG   . PHE A 1 2  ? -0.342 3.089  10.746  1.00 0.00 ? 2  PHE A CG   2  
ATOM   238  C CD1  . PHE A 1 2  ? -1.215 3.693  9.898   1.00 0.00 ? 2  PHE A CD1  2  
ATOM   239  C CD2  . PHE A 1 2  ? -0.644 2.980  12.069  1.00 0.00 ? 2  PHE A CD2  2  
ATOM   240  C CE1  . PHE A 1 2  ? -2.442 4.209  10.390  1.00 0.00 ? 2  PHE A CE1  2  
ATOM   241  C CE2  . PHE A 1 2  ? -1.871 3.496  12.561  1.00 0.00 ? 2  PHE A CE2  2  
ATOM   242  C CZ   . PHE A 1 2  ? -2.744 4.101  11.711  1.00 0.00 ? 2  PHE A CZ   2  
ATOM   243  H H    . PHE A 1 2  ? 2.313  0.109  9.461   1.00 0.00 ? 2  PHE A H    2  
ATOM   244  H HA   . PHE A 1 2  ? -0.220 1.350  8.802   1.00 0.00 ? 2  PHE A HA   2  
ATOM   245  H HB2  . PHE A 1 2  ? 1.524  2.066  11.039  1.00 0.00 ? 2  PHE A HB2  2  
ATOM   246  H HB3  . PHE A 1 2  ? 1.593  3.359  9.857   1.00 0.00 ? 2  PHE A HB3  2  
ATOM   247  H HD1  . PHE A 1 2  ? -0.973 3.780  8.838   1.00 0.00 ? 2  PHE A HD1  2  
ATOM   248  H HD2  . PHE A 1 2  ? 0.057  2.495  12.749  1.00 0.00 ? 2  PHE A HD2  2  
ATOM   249  H HE1  . PHE A 1 2  ? -3.143 4.694  9.709   1.00 0.00 ? 2  PHE A HE1  2  
ATOM   250  H HE2  . PHE A 1 2  ? -2.113 3.409  13.621  1.00 0.00 ? 2  PHE A HE2  2  
ATOM   251  H HZ   . PHE A 1 2  ? -3.687 4.497  12.091  1.00 0.00 ? 2  PHE A HZ   2  
ATOM   252  N N    . GLY A 1 3  ? 1.040  1.744  6.700   1.00 0.00 ? 3  GLY A N    2  
ATOM   253  C CA   . GLY A 1 3  ? 1.681  2.139  5.456   1.00 0.00 ? 3  GLY A CA   2  
ATOM   254  C C    . GLY A 1 3  ? 1.498  1.065  4.381   1.00 0.00 ? 3  GLY A C    2  
ATOM   255  O O    . GLY A 1 3  ? 1.649  1.342  3.192   1.00 0.00 ? 3  GLY A O    2  
ATOM   256  H H    . GLY A 1 3  ? 0.155  1.290  6.593   1.00 0.00 ? 3  GLY A H    2  
ATOM   257  H HA2  . GLY A 1 3  ? 1.261  3.082  5.110   1.00 0.00 ? 3  GLY A HA2  2  
ATOM   258  H HA3  . GLY A 1 3  ? 2.744  2.307  5.629   1.00 0.00 ? 3  GLY A HA3  2  
ATOM   259  N N    . ALA A 1 4  ? 1.173  -0.136 4.837   1.00 0.00 ? 4  ALA A N    2  
ATOM   260  C CA   . ALA A 1 4  ? 0.968  -1.250 3.928   1.00 0.00 ? 4  ALA A CA   2  
ATOM   261  C C    . ALA A 1 4  ? -0.244 -0.962 3.040   1.00 0.00 ? 4  ALA A C    2  
ATOM   262  O O    . ALA A 1 4  ? -0.468 -1.653 2.047   1.00 0.00 ? 4  ALA A O    2  
ATOM   263  C CB   . ALA A 1 4  ? 0.808  -2.542 4.732   1.00 0.00 ? 4  ALA A CB   2  
ATOM   264  H H    . ALA A 1 4  ? 1.053  -0.352 5.806   1.00 0.00 ? 4  ALA A H    2  
ATOM   265  H HA   . ALA A 1 4  ? 1.857  -1.335 3.301   1.00 0.00 ? 4  ALA A HA   2  
ATOM   266  H HB1  . ALA A 1 4  ? -0.251 -2.742 4.890   1.00 0.00 ? 4  ALA A HB1  2  
ATOM   267  H HB2  . ALA A 1 4  ? 1.256  -3.370 4.183   1.00 0.00 ? 4  ALA A HB2  2  
ATOM   268  H HB3  . ALA A 1 4  ? 1.305  -2.434 5.697   1.00 0.00 ? 4  ALA A HB3  2  
ATOM   269  N N    . ILE A 1 5  ? -0.993 0.059  3.430   1.00 0.00 ? 5  ILE A N    2  
ATOM   270  C CA   . ILE A 1 5  ? -2.176 0.447  2.680   1.00 0.00 ? 5  ILE A CA   2  
ATOM   271  C C    . ILE A 1 5  ? -1.750 1.164  1.398   1.00 0.00 ? 5  ILE A C    2  
ATOM   272  O O    . ILE A 1 5  ? -2.305 0.912  0.329   1.00 0.00 ? 5  ILE A O    2  
ATOM   273  C CB   . ILE A 1 5  ? -3.121 1.268  3.560   1.00 0.00 ? 5  ILE A CB   2  
ATOM   274  C CG1  . ILE A 1 5  ? -4.208 0.385  4.173   1.00 0.00 ? 5  ILE A CG1  2  
ATOM   275  C CG2  . ILE A 1 5  ? -3.711 2.446  2.781   1.00 0.00 ? 5  ILE A CG2  2  
ATOM   276  C CD1  . ILE A 1 5  ? -4.771 1.012  5.449   1.00 0.00 ? 5  ILE A CD1  2  
ATOM   277  H H    . ILE A 1 5  ? -0.803 0.615  4.239   1.00 0.00 ? 5  ILE A H    2  
ATOM   278  H HA   . ILE A 1 5  ? -2.704 -0.467 2.408   1.00 0.00 ? 5  ILE A HA   2  
ATOM   279  H HB   . ILE A 1 5  ? -2.543 1.686  4.385   1.00 0.00 ? 5  ILE A HB   2  
ATOM   280  H HG12 . ILE A 1 5  ? -5.012 0.238  3.451   1.00 0.00 ? 5  ILE A HG12 2  
ATOM   281  H HG13 . ILE A 1 5  ? -3.798 -0.601 4.397   1.00 0.00 ? 5  ILE A HG13 2  
ATOM   282  H HG21 . ILE A 1 5  ? -4.624 2.783  3.270   1.00 0.00 ? 5  ILE A HG21 2  
ATOM   283  H HG22 . ILE A 1 5  ? -2.989 3.262  2.754   1.00 0.00 ? 5  ILE A HG22 2  
ATOM   284  H HG23 . ILE A 1 5  ? -3.938 2.129  1.764   1.00 0.00 ? 5  ILE A HG23 2  
ATOM   285  H HD11 . ILE A 1 5  ? -5.473 0.321  5.916   1.00 0.00 ? 5  ILE A HD11 2  
ATOM   286  H HD12 . ILE A 1 5  ? -3.954 1.221  6.143   1.00 0.00 ? 5  ILE A HD12 2  
ATOM   287  H HD13 . ILE A 1 5  ? -5.285 1.940  5.203   1.00 0.00 ? 5  ILE A HD13 2  
ATOM   288  N N    . ALA A 1 6  ? -0.769 2.042  1.547   1.00 0.00 ? 6  ALA A N    2  
ATOM   289  C CA   . ALA A 1 6  ? -0.264 2.797  0.413   1.00 0.00 ? 6  ALA A CA   2  
ATOM   290  C C    . ALA A 1 6  ? 0.692  1.916  -0.395  1.00 0.00 ? 6  ALA A C    2  
ATOM   291  O O    . ALA A 1 6  ? 0.909  2.156  -1.582  1.00 0.00 ? 6  ALA A O    2  
ATOM   292  C CB   . ALA A 1 6  ? 0.406  4.079  0.912   1.00 0.00 ? 6  ALA A CB   2  
ATOM   293  H H    . ALA A 1 6  ? -0.325 2.240  2.420   1.00 0.00 ? 6  ALA A H    2  
ATOM   294  H HA   . ALA A 1 6  ? -1.114 3.066  -0.214  1.00 0.00 ? 6  ALA A HA   2  
ATOM   295  H HB1  . ALA A 1 6  ? -0.181 4.501  1.727   1.00 0.00 ? 6  ALA A HB1  2  
ATOM   296  H HB2  . ALA A 1 6  ? 1.411  3.850  1.266   1.00 0.00 ? 6  ALA A HB2  2  
ATOM   297  H HB3  . ALA A 1 6  ? 0.464  4.799  0.095   1.00 0.00 ? 6  ALA A HB3  2  
ATOM   298  N N    . GLY A 1 7  ? 1.236  0.914  0.280   1.00 0.00 ? 7  GLY A N    2  
ATOM   299  C CA   . GLY A 1 7  ? 2.163  -0.003 -0.360  1.00 0.00 ? 7  GLY A CA   2  
ATOM   300  C C    . GLY A 1 7  ? 1.425  -0.972 -1.286  1.00 0.00 ? 7  GLY A C    2  
ATOM   301  O O    . GLY A 1 7  ? 1.926  -1.320 -2.353  1.00 0.00 ? 7  GLY A O    2  
ATOM   302  H H    . GLY A 1 7  ? 1.053  0.726  1.246   1.00 0.00 ? 7  GLY A H    2  
ATOM   303  H HA2  . GLY A 1 7  ? 2.901  0.560  -0.932  1.00 0.00 ? 7  GLY A HA2  2  
ATOM   304  H HA3  . GLY A 1 7  ? 2.708  -0.564 0.400   1.00 0.00 ? 7  GLY A HA3  2  
ATOM   305  N N    . PHE A 1 8  ? 0.245  -1.381 -0.842  1.00 0.00 ? 8  PHE A N    2  
ATOM   306  C CA   . PHE A 1 8  ? -0.569 -2.302 -1.616  1.00 0.00 ? 8  PHE A CA   2  
ATOM   307  C C    . PHE A 1 8  ? -1.460 -1.550 -2.604  1.00 0.00 ? 8  PHE A C    2  
ATOM   308  O O    . PHE A 1 8  ? -1.889 -2.111 -3.611  1.00 0.00 ? 8  PHE A O    2  
ATOM   309  C CB   . PHE A 1 8  ? -1.453 -3.062 -0.624  1.00 0.00 ? 8  PHE A CB   2  
ATOM   310  C CG   . PHE A 1 8  ? -2.690 -3.700 -1.257  1.00 0.00 ? 8  PHE A CG   2  
ATOM   311  C CD1  . PHE A 1 8  ? -2.624 -4.965 -1.754  1.00 0.00 ? 8  PHE A CD1  2  
ATOM   312  C CD2  . PHE A 1 8  ? -3.857 -3.004 -1.321  1.00 0.00 ? 8  PHE A CD2  2  
ATOM   313  C CE1  . PHE A 1 8  ? -3.773 -5.558 -2.341  1.00 0.00 ? 8  PHE A CE1  2  
ATOM   314  C CE2  . PHE A 1 8  ? -5.005 -3.598 -1.909  1.00 0.00 ? 8  PHE A CE2  2  
ATOM   315  C CZ   . PHE A 1 8  ? -4.940 -4.861 -2.406  1.00 0.00 ? 8  PHE A CZ   2  
ATOM   316  H H    . PHE A 1 8  ? -0.155 -1.093 0.029   1.00 0.00 ? 8  PHE A H    2  
ATOM   317  H HA   . PHE A 1 8  ? 0.114  -2.951 -2.166  1.00 0.00 ? 8  PHE A HA   2  
ATOM   318  H HB2  . PHE A 1 8  ? -0.859 -3.841 -0.146  1.00 0.00 ? 8  PHE A HB2  2  
ATOM   319  H HB3  . PHE A 1 8  ? -1.771 -2.376 0.161   1.00 0.00 ? 8  PHE A HB3  2  
ATOM   320  H HD1  . PHE A 1 8  ? -1.689 -5.523 -1.703  1.00 0.00 ? 8  PHE A HD1  2  
ATOM   321  H HD2  . PHE A 1 8  ? -3.909 -1.991 -0.923  1.00 0.00 ? 8  PHE A HD2  2  
ATOM   322  H HE1  . PHE A 1 8  ? -3.721 -6.570 -2.740  1.00 0.00 ? 8  PHE A HE1  2  
ATOM   323  H HE2  . PHE A 1 8  ? -5.941 -3.039 -1.960  1.00 0.00 ? 8  PHE A HE2  2  
ATOM   324  H HZ   . PHE A 1 8  ? -5.822 -5.316 -2.856  1.00 0.00 ? 8  PHE A HZ   2  
ATOM   325  N N    . ILE A 1 9  ? -1.716 -0.290 -2.280  1.00 0.00 ? 9  ILE A N    2  
ATOM   326  C CA   . ILE A 1 9  ? -2.550 0.546  -3.128  1.00 0.00 ? 9  ILE A CA   2  
ATOM   327  C C    . ILE A 1 9  ? -1.724 1.045  -4.317  1.00 0.00 ? 9  ILE A C    2  
ATOM   328  O O    . ILE A 1 9  ? -2.255 1.237  -5.409  1.00 0.00 ? 9  ILE A O    2  
ATOM   329  C CB   . ILE A 1 9  ? -3.188 1.668  -2.309  1.00 0.00 ? 9  ILE A CB   2  
ATOM   330  C CG1  . ILE A 1 9  ? -4.263 1.118  -1.370  1.00 0.00 ? 9  ILE A CG1  2  
ATOM   331  C CG2  . ILE A 1 9  ? -3.735 2.770  -3.221  1.00 0.00 ? 9  ILE A CG2  2  
ATOM   332  C CD1  . ILE A 1 9  ? -5.613 1.008  -2.082  1.00 0.00 ? 9  ILE A CD1  2  
ATOM   333  H H    . ILE A 1 9  ? -1.363 0.159  -1.460  1.00 0.00 ? 9  ILE A H    2  
ATOM   334  H HA   . ILE A 1 9  ? -3.359 -0.079 -3.507  1.00 0.00 ? 9  ILE A HA   2  
ATOM   335  H HB   . ILE A 1 9  ? -2.417 2.120  -1.686  1.00 0.00 ? 9  ILE A HB   2  
ATOM   336  H HG12 . ILE A 1 9  ? -3.962 0.137  -1.002  1.00 0.00 ? 9  ILE A HG12 2  
ATOM   337  H HG13 . ILE A 1 9  ? -4.359 1.768  -0.499  1.00 0.00 ? 9  ILE A HG13 2  
ATOM   338  H HG21 . ILE A 1 9  ? -2.916 3.208  -3.791  1.00 0.00 ? 9  ILE A HG21 2  
ATOM   339  H HG22 . ILE A 1 9  ? -4.469 2.345  -3.904  1.00 0.00 ? 9  ILE A HG22 2  
ATOM   340  H HG23 . ILE A 1 9  ? -4.208 3.542  -2.614  1.00 0.00 ? 9  ILE A HG23 2  
ATOM   341  H HD11 . ILE A 1 9  ? -5.487 0.456  -3.014  1.00 0.00 ? 9  ILE A HD11 2  
ATOM   342  H HD12 . ILE A 1 9  ? -6.320 0.484  -1.441  1.00 0.00 ? 9  ILE A HD12 2  
ATOM   343  H HD13 . ILE A 1 9  ? -5.990 2.008  -2.299  1.00 0.00 ? 9  ILE A HD13 2  
ATOM   344  N N    . LYS A 1 10 ? -0.438 1.241  -4.062  1.00 0.00 ? 10 LYS A N    2  
ATOM   345  C CA   . LYS A 1 10 ? 0.465  1.714  -5.097  1.00 0.00 ? 10 LYS A CA   2  
ATOM   346  C C    . LYS A 1 10 ? 1.028  0.516  -5.864  1.00 0.00 ? 10 LYS A C    2  
ATOM   347  O O    . LYS A 1 10 ? 1.266  0.601  -7.067  1.00 0.00 ? 10 LYS A O    2  
ATOM   348  C CB   . LYS A 1 10 ? 1.543  2.620  -4.495  1.00 0.00 ? 10 LYS A CB   2  
ATOM   349  C CG   . LYS A 1 10 ? 2.285  3.388  -5.589  1.00 0.00 ? 10 LYS A CG   2  
ATOM   350  C CD   . LYS A 1 10 ? 3.024  4.595  -5.005  1.00 0.00 ? 10 LYS A CD   2  
ATOM   351  C CE   . LYS A 1 10 ? 2.404  5.906  -5.496  1.00 0.00 ? 10 LYS A CE   2  
ATOM   352  N NZ   . LYS A 1 10 ? 3.356  6.637  -6.361  1.00 0.00 ? 10 LYS A NZ   2  
ATOM   353  H H    . LYS A 1 10 ? -0.014 1.083  -3.171  1.00 0.00 ? 10 LYS A H    2  
ATOM   354  H HA   . LYS A 1 10 ? -0.119 2.322  -5.787  1.00 0.00 ? 10 LYS A HA   2  
ATOM   355  H HB2  . LYS A 1 10 ? 1.084  3.323  -3.798  1.00 0.00 ? 10 LYS A HB2  2  
ATOM   356  H HB3  . LYS A 1 10 ? 2.249  2.019  -3.923  1.00 0.00 ? 10 LYS A HB3  2  
ATOM   357  H HG2  . LYS A 1 10 ? 2.997  2.727  -6.084  1.00 0.00 ? 10 LYS A HG2  2  
ATOM   358  H HG3  . LYS A 1 10 ? 1.579  3.722  -6.349  1.00 0.00 ? 10 LYS A HG3  2  
ATOM   359  H HD2  . LYS A 1 10 ? 2.987  4.558  -3.916  1.00 0.00 ? 10 LYS A HD2  2  
ATOM   360  H HD3  . LYS A 1 10 ? 4.074  4.557  -5.292  1.00 0.00 ? 10 LYS A HD3  2  
ATOM   361  H HE2  . LYS A 1 10 ? 1.487  5.697  -6.049  1.00 0.00 ? 10 LYS A HE2  2  
ATOM   362  H HE3  . LYS A 1 10 ? 2.128  6.526  -4.644  1.00 0.00 ? 10 LYS A HE3  2  
ATOM   363  H HZ1  . LYS A 1 10 ? 3.291  6.345  -7.330  1.00 0.00 ? 10 LYS A HZ1  2  
ATOM   364  H HZ3  . LYS A 1 10 ? 4.319  6.493  -6.076  1.00 0.00 ? 10 LYS A HZ3  2  
ATOM   365  N N    . ASN A 1 11 ? 1.224  -0.573 -5.135  1.00 0.00 ? 11 ASN A N    2  
ATOM   366  C CA   . ASN A 1 11 ? 1.753  -1.788 -5.731  1.00 0.00 ? 11 ASN A CA   2  
ATOM   367  C C    . ASN A 1 11 ? 0.682  -2.422 -6.621  1.00 0.00 ? 11 ASN A C    2  
ATOM   368  O O    . ASN A 1 11 ? 1.003  -3.065 -7.620  1.00 0.00 ? 11 ASN A O    2  
ATOM   369  C CB   . ASN A 1 11 ? 2.139  -2.807 -4.657  1.00 0.00 ? 11 ASN A CB   2  
ATOM   370  C CG   . ASN A 1 11 ? 2.518  -4.148 -5.284  1.00 0.00 ? 11 ASN A CG   2  
ATOM   371  O OD1  . ASN A 1 11 ? 1.679  -4.926 -5.706  1.00 0.00 ? 11 ASN A OD1  2  
ATOM   372  N ND2  . ASN A 1 11 ? 3.828  -4.376 -5.324  1.00 0.00 ? 11 ASN A ND2  2  
ATOM   373  H H    . ASN A 1 11 ? 1.027  -0.635 -4.156  1.00 0.00 ? 11 ASN A H    2  
ATOM   374  H HA   . ASN A 1 11 ? 2.631  -1.471 -6.295  1.00 0.00 ? 11 ASN A HA   2  
ATOM   375  H HB2  . ASN A 1 11 ? 2.975  -2.424 -4.073  1.00 0.00 ? 11 ASN A HB2  2  
ATOM   376  H HB3  . ASN A 1 11 ? 1.306  -2.946 -3.968  1.00 0.00 ? 11 ASN A HB3  2  
ATOM   377  H HD21 . ASN A 1 11 ? 4.465  -3.696 -4.960  1.00 0.00 ? 11 ASN A HD21 2  
ATOM   378  H HD22 . ASN A 1 11 ? 4.177  -5.228 -5.717  1.00 0.00 ? 11 ASN A HD22 2  
ATOM   379  N N    . ILE A 1 12 ? -0.566 -2.219 -6.229  1.00 0.00 ? 12 ILE A N    2  
ATOM   380  C CA   . ILE A 1 12 ? -1.685 -2.764 -6.978  1.00 0.00 ? 12 ILE A CA   2  
ATOM   381  C C    . ILE A 1 12 ? -2.065 -1.792 -8.096  1.00 0.00 ? 12 ILE A C    2  
ATOM   382  O O    . ILE A 1 12 ? -2.441 -2.211 -9.189  1.00 0.00 ? 12 ILE A O    2  
ATOM   383  C CB   . ILE A 1 12 ? -2.843 -3.106 -6.039  1.00 0.00 ? 12 ILE A CB   2  
ATOM   384  C CG1  . ILE A 1 12 ? -2.443 -4.203 -5.050  1.00 0.00 ? 12 ILE A CG1  2  
ATOM   385  C CG2  . ILE A 1 12 ? -4.099 -3.479 -6.830  1.00 0.00 ? 12 ILE A CG2  2  
ATOM   386  C CD1  . ILE A 1 12 ? -2.482 -5.581 -5.714  1.00 0.00 ? 12 ILE A CD1  2  
ATOM   387  H H    . ILE A 1 12 ? -0.818 -1.695 -5.414  1.00 0.00 ? 12 ILE A H    2  
ATOM   388  H HA   . ILE A 1 12 ? -1.351 -3.698 -7.432  1.00 0.00 ? 12 ILE A HA   2  
ATOM   389  H HB   . ILE A 1 12 ? -3.084 -2.217 -5.456  1.00 0.00 ? 12 ILE A HB   2  
ATOM   390  H HG12 . ILE A 1 12 ? -1.440 -4.006 -4.672  1.00 0.00 ? 12 ILE A HG12 2  
ATOM   391  H HG13 . ILE A 1 12 ? -3.117 -4.189 -4.194  1.00 0.00 ? 12 ILE A HG13 2  
ATOM   392  H HG21 . ILE A 1 12 ? -3.811 -3.987 -7.751  1.00 0.00 ? 12 ILE A HG21 2  
ATOM   393  H HG22 . ILE A 1 12 ? -4.724 -4.140 -6.232  1.00 0.00 ? 12 ILE A HG22 2  
ATOM   394  H HG23 . ILE A 1 12 ? -4.656 -2.574 -7.075  1.00 0.00 ? 12 ILE A HG23 2  
ATOM   395  H HD11 . ILE A 1 12 ? -3.441 -5.716 -6.214  1.00 0.00 ? 12 ILE A HD11 2  
ATOM   396  H HD12 . ILE A 1 12 ? -1.678 -5.654 -6.447  1.00 0.00 ? 12 ILE A HD12 2  
ATOM   397  H HD13 . ILE A 1 12 ? -2.354 -6.353 -4.957  1.00 0.00 ? 12 ILE A HD13 2  
ATOM   398  N N    . TRP A 1 13 ? -1.953 -0.507 -7.784  1.00 0.00 ? 13 TRP A N    2  
ATOM   399  C CA   . TRP A 1 13 ? -2.281 0.528  -8.747  1.00 0.00 ? 13 TRP A CA   2  
ATOM   400  C C    . TRP A 1 13 ? -0.981 0.979  -9.418  1.00 0.00 ? 13 TRP A C    2  
ATOM   401  O O    . TRP A 1 13 ? -0.411 2.001  -9.047  1.00 0.00 ? 13 TRP A O    2  
ATOM   402  C CB   . TRP A 1 13 ? -3.039 1.677  -8.082  1.00 0.00 ? 13 TRP A CB   2  
ATOM   403  C CG   . TRP A 1 13 ? -4.293 1.239  -7.322  1.00 0.00 ? 13 TRP A CG   2  
ATOM   404  C CD1  . TRP A 1 13 ? -4.411 0.249  -6.426  1.00 0.00 ? 13 TRP A CD1  2  
ATOM   405  C CD2  . TRP A 1 13 ? -5.611 1.817  -7.431  1.00 0.00 ? 13 TRP A CD2  2  
ATOM   406  N NE1  . TRP A 1 13 ? -5.702 0.149  -5.949  1.00 0.00 ? 13 TRP A NE1  2  
ATOM   407  C CE2  . TRP A 1 13 ? -6.455 1.133  -6.580  1.00 0.00 ? 13 TRP A CE2  2  
ATOM   408  C CE3  . TRP A 1 13 ? -6.073 2.885  -8.221  1.00 0.00 ? 13 TRP A CE3  2  
ATOM   409  C CZ2  . TRP A 1 13 ? -7.813 1.439  -6.439  1.00 0.00 ? 13 TRP A CZ2  2  
ATOM   410  C CZ3  . TRP A 1 13 ? -7.434 3.178  -8.067  1.00 0.00 ? 13 TRP A CZ3  2  
ATOM   411  C CH2  . TRP A 1 13 ? -8.297 2.499  -7.217  1.00 0.00 ? 13 TRP A CH2  2  
ATOM   412  H H    . TRP A 1 13 ? -1.646 -0.175 -6.892  1.00 0.00 ? 13 TRP A H    2  
ATOM   413  H HA   . TRP A 1 13 ? -2.951 0.094  -9.489  1.00 0.00 ? 13 TRP A HA   2  
ATOM   414  H HB2  . TRP A 1 13 ? -2.369 2.189  -7.390  1.00 0.00 ? 13 TRP A HB2  2  
ATOM   415  H HB3  . TRP A 1 13 ? -3.325 2.402  -8.845  1.00 0.00 ? 13 TRP A HB3  2  
ATOM   416  H HD1  . TRP A 1 13 ? -3.589 -0.395 -6.112  1.00 0.00 ? 13 TRP A HD1  2  
ATOM   417  H HE1  . TRP A 1 13 ? -6.066 -0.569 -5.215  1.00 0.00 ? 13 TRP A HE1  2  
ATOM   418  H HE3  . TRP A 1 13 ? -5.428 3.441  -8.899  1.00 0.00 ? 13 TRP A HE3  2  
ATOM   419  H HZ2  . TRP A 1 13 ? -8.460 0.883  -5.760  1.00 0.00 ? 13 TRP A HZ2  2  
ATOM   420  H HZ3  . TRP A 1 13 ? -7.845 3.998  -8.657  1.00 0.00 ? 13 TRP A HZ3  2  
ATOM   421  H HH2  . TRP A 1 13 ? -9.346 2.789  -7.153  1.00 0.00 ? 13 TRP A HH2  2  
HETATM 422  N N    . NH2 A 1 14 ? -0.553 0.190  -10.394 1.00 0.00 ? 14 NH2 A N    2  
HETATM 423  H HN1  . NH2 A 1 14 ? 0.290  0.415  -10.884 1.00 0.00 ? 14 NH2 A HN1  2  
HETATM 424  H HN2  . NH2 A 1 14 ? -1.072 -0.628 -10.641 1.00 0.00 ? 14 NH2 A HN2  2  
ATOM   425  N N    . ILE A 1 1  ? 1.312  -1.910 11.575  1.00 0.00 ? 1  ILE A N    3  
ATOM   426  C CA   . ILE A 1 1  ? 1.584  -1.849 10.149  1.00 0.00 ? 1  ILE A CA   3  
ATOM   427  C C    . ILE A 1 1  ? 0.805  -0.685 9.534   1.00 0.00 ? 1  ILE A C    3  
ATOM   428  O O    . ILE A 1 1  ? -0.278 -0.880 8.984   1.00 0.00 ? 1  ILE A O    3  
ATOM   429  C CB   . ILE A 1 1  ? 1.295  -3.198 9.489   1.00 0.00 ? 1  ILE A CB   3  
ATOM   430  C CG1  . ILE A 1 1  ? 2.249  -4.277 10.008  1.00 0.00 ? 1  ILE A CG1  3  
ATOM   431  C CG2  . ILE A 1 1  ? 1.334  -3.084 7.965   1.00 0.00 ? 1  ILE A CG2  3  
ATOM   432  C CD1  . ILE A 1 1  ? 1.595  -5.660 9.954   1.00 0.00 ? 1  ILE A CD1  3  
ATOM   433  H H1   . ILE A 1 1  ? 1.266  -2.832 11.957  1.00 0.00 ? 1  ILE A H1   3  
ATOM   434  H HA   . ILE A 1 1  ? 2.650  -1.652 10.028  1.00 0.00 ? 1  ILE A HA   3  
ATOM   435  H HB   . ILE A 1 1  ? 0.286  -3.503 9.764   1.00 0.00 ? 1  ILE A HB   3  
ATOM   436  H HG12 . ILE A 1 1  ? 3.161  -4.278 9.411   1.00 0.00 ? 1  ILE A HG12 3  
ATOM   437  H HG13 . ILE A 1 1  ? 2.541  -4.048 11.033  1.00 0.00 ? 1  ILE A HG13 3  
ATOM   438  H HG21 . ILE A 1 1  ? 0.329  -3.212 7.565   1.00 0.00 ? 1  ILE A HG21 3  
ATOM   439  H HG22 . ILE A 1 1  ? 1.715  -2.102 7.684   1.00 0.00 ? 1  ILE A HG22 3  
ATOM   440  H HG23 . ILE A 1 1  ? 1.988  -3.857 7.559   1.00 0.00 ? 1  ILE A HG23 3  
ATOM   441  H HD11 . ILE A 1 1  ? 1.456  -6.035 10.968  1.00 0.00 ? 1  ILE A HD11 3  
ATOM   442  H HD12 . ILE A 1 1  ? 0.628  -5.585 9.457   1.00 0.00 ? 1  ILE A HD12 3  
ATOM   443  H HD13 . ILE A 1 1  ? 2.238  -6.344 9.399   1.00 0.00 ? 1  ILE A HD13 3  
ATOM   444  N N    . PHE A 1 2  ? 1.386  0.500  9.646   1.00 0.00 ? 2  PHE A N    3  
ATOM   445  C CA   . PHE A 1 2  ? 0.760  1.696  9.108   1.00 0.00 ? 2  PHE A CA   3  
ATOM   446  C C    . PHE A 1 2  ? 1.511  2.202  7.876   1.00 0.00 ? 2  PHE A C    3  
ATOM   447  O O    . PHE A 1 2  ? 2.486  2.940  7.998   1.00 0.00 ? 2  PHE A O    3  
ATOM   448  C CB   . PHE A 1 2  ? 0.820  2.765  10.202  1.00 0.00 ? 2  PHE A CB   3  
ATOM   449  C CG   . PHE A 1 2  ? -0.188 2.554  11.334  1.00 0.00 ? 2  PHE A CG   3  
ATOM   450  C CD1  . PHE A 1 2  ? 0.130  1.757  12.388  1.00 0.00 ? 2  PHE A CD1  3  
ATOM   451  C CD2  . PHE A 1 2  ? -1.402 3.166  11.287  1.00 0.00 ? 2  PHE A CD2  3  
ATOM   452  C CE1  . PHE A 1 2  ? -0.806 1.562  13.439  1.00 0.00 ? 2  PHE A CE1  3  
ATOM   453  C CE2  . PHE A 1 2  ? -2.337 2.971  12.336  1.00 0.00 ? 2  PHE A CE2  3  
ATOM   454  C CZ   . PHE A 1 2  ? -2.018 2.173  13.390  1.00 0.00 ? 2  PHE A CZ   3  
ATOM   455  H H    . PHE A 1 2  ? 2.266  0.651  10.096  1.00 0.00 ? 2  PHE A H    3  
ATOM   456  H HA   . PHE A 1 2  ? -0.259 1.428  8.826   1.00 0.00 ? 2  PHE A HA   3  
ATOM   457  H HB2  . PHE A 1 2  ? 1.825  2.781  10.623  1.00 0.00 ? 2  PHE A HB2  3  
ATOM   458  H HB3  . PHE A 1 2  ? 0.647  3.741  9.752   1.00 0.00 ? 2  PHE A HB3  3  
ATOM   459  H HD1  . PHE A 1 2  ? 1.103  1.266  12.427  1.00 0.00 ? 2  PHE A HD1  3  
ATOM   460  H HD2  . PHE A 1 2  ? -1.657 3.806  10.440  1.00 0.00 ? 2  PHE A HD2  3  
ATOM   461  H HE1  . PHE A 1 2  ? -0.550 0.922  14.283  1.00 0.00 ? 2  PHE A HE1  3  
ATOM   462  H HE2  . PHE A 1 2  ? -3.310 3.461  12.298  1.00 0.00 ? 2  PHE A HE2  3  
ATOM   463  H HZ   . PHE A 1 2  ? -2.737 2.023  14.197  1.00 0.00 ? 2  PHE A HZ   3  
ATOM   464  N N    . GLY A 1 3  ? 1.027  1.783  6.715   1.00 0.00 ? 3  GLY A N    3  
ATOM   465  C CA   . GLY A 1 3  ? 1.641  2.185  5.461   1.00 0.00 ? 3  GLY A CA   3  
ATOM   466  C C    . GLY A 1 3  ? 1.473  1.100  4.395   1.00 0.00 ? 3  GLY A C    3  
ATOM   467  O O    . GLY A 1 3  ? 1.597  1.370  3.202   1.00 0.00 ? 3  GLY A O    3  
ATOM   468  H H    . GLY A 1 3  ? 0.232  1.184  6.624   1.00 0.00 ? 3  GLY A H    3  
ATOM   469  H HA2  . GLY A 1 3  ? 1.190  3.114  5.111   1.00 0.00 ? 3  GLY A HA2  3  
ATOM   470  H HA3  . GLY A 1 3  ? 2.701  2.385  5.617   1.00 0.00 ? 3  GLY A HA3  3  
ATOM   471  N N    . ALA A 1 4  ? 1.193  -0.108 4.866   1.00 0.00 ? 4  ALA A N    3  
ATOM   472  C CA   . ALA A 1 4  ? 1.006  -1.236 3.969   1.00 0.00 ? 4  ALA A CA   3  
ATOM   473  C C    . ALA A 1 4  ? -0.201 -0.972 3.068   1.00 0.00 ? 4  ALA A C    3  
ATOM   474  O O    . ALA A 1 4  ? -0.397 -1.660 2.068   1.00 0.00 ? 4  ALA A O    3  
ATOM   475  C CB   . ALA A 1 4  ? 0.855  -2.519 4.788   1.00 0.00 ? 4  ALA A CB   3  
ATOM   476  H H    . ALA A 1 4  ? 1.093  -0.320 5.838   1.00 0.00 ? 4  ALA A H    3  
ATOM   477  H HA   . ALA A 1 4  ? 1.901  -1.318 3.351   1.00 0.00 ? 4  ALA A HA   3  
ATOM   478  H HB1  . ALA A 1 4  ? 0.152  -3.187 4.289   1.00 0.00 ? 4  ALA A HB1  3  
ATOM   479  H HB2  . ALA A 1 4  ? 1.823  -3.011 4.876   1.00 0.00 ? 4  ALA A HB2  3  
ATOM   480  H HB3  . ALA A 1 4  ? 0.479  -2.274 5.781   1.00 0.00 ? 4  ALA A HB3  3  
ATOM   481  N N    . ILE A 1 5  ? -0.981 0.028  3.455   1.00 0.00 ? 5  ILE A N    3  
ATOM   482  C CA   . ILE A 1 5  ? -2.163 0.391  2.695   1.00 0.00 ? 5  ILE A CA   3  
ATOM   483  C C    . ILE A 1 5  ? -1.740 1.118  1.416   1.00 0.00 ? 5  ILE A C    3  
ATOM   484  O O    . ILE A 1 5  ? -2.274 0.851  0.341   1.00 0.00 ? 5  ILE A O    3  
ATOM   485  C CB   . ILE A 1 5  ? -3.134 1.193  3.565   1.00 0.00 ? 5  ILE A CB   3  
ATOM   486  C CG1  . ILE A 1 5  ? -4.214 0.287  4.160   1.00 0.00 ? 5  ILE A CG1  3  
ATOM   487  C CG2  . ILE A 1 5  ? -3.735 2.363  2.782   1.00 0.00 ? 5  ILE A CG2  3  
ATOM   488  C CD1  . ILE A 1 5  ? -4.827 0.915  5.413   1.00 0.00 ? 5  ILE A CD1  3  
ATOM   489  H H    . ILE A 1 5  ? -0.814 0.584  4.270   1.00 0.00 ? 5  ILE A H    3  
ATOM   490  H HA   . ILE A 1 5  ? -2.670 -0.532 2.417   1.00 0.00 ? 5  ILE A HA   3  
ATOM   491  H HB   . ILE A 1 5  ? -2.574 1.617  4.399   1.00 0.00 ? 5  ILE A HB   3  
ATOM   492  H HG12 . ILE A 1 5  ? -4.993 0.109  3.419   1.00 0.00 ? 5  ILE A HG12 3  
ATOM   493  H HG13 . ILE A 1 5  ? -3.783 -0.683 4.408   1.00 0.00 ? 5  ILE A HG13 3  
ATOM   494  H HG21 . ILE A 1 5  ? -2.933 3.006  2.418   1.00 0.00 ? 5  ILE A HG21 3  
ATOM   495  H HG22 . ILE A 1 5  ? -4.305 1.979  1.936   1.00 0.00 ? 5  ILE A HG22 3  
ATOM   496  H HG23 . ILE A 1 5  ? -4.394 2.935  3.434   1.00 0.00 ? 5  ILE A HG23 3  
ATOM   497  H HD11 . ILE A 1 5  ? -4.128 0.826  6.244   1.00 0.00 ? 5  ILE A HD11 3  
ATOM   498  H HD12 . ILE A 1 5  ? -5.038 1.968  5.226   1.00 0.00 ? 5  ILE A HD12 3  
ATOM   499  H HD13 . ILE A 1 5  ? -5.755 0.399  5.662   1.00 0.00 ? 5  ILE A HD13 3  
ATOM   500  N N    . ALA A 1 6  ? -0.786 2.022  1.576   1.00 0.00 ? 6  ALA A N    3  
ATOM   501  C CA   . ALA A 1 6  ? -0.284 2.789  0.449   1.00 0.00 ? 6  ALA A CA   3  
ATOM   502  C C    . ALA A 1 6  ? 0.668  1.917  -0.372  1.00 0.00 ? 6  ALA A C    3  
ATOM   503  O O    . ALA A 1 6  ? 0.876  2.166  -1.559  1.00 0.00 ? 6  ALA A O    3  
ATOM   504  C CB   . ALA A 1 6  ? 0.387  4.066  0.957   1.00 0.00 ? 6  ALA A CB   3  
ATOM   505  H H    . ALA A 1 6  ? -0.357 2.233  2.455   1.00 0.00 ? 6  ALA A H    3  
ATOM   506  H HA   . ALA A 1 6  ? -1.139 3.065  -0.171  1.00 0.00 ? 6  ALA A HA   3  
ATOM   507  H HB1  . ALA A 1 6  ? 1.418  3.849  1.235   1.00 0.00 ? 6  ALA A HB1  3  
ATOM   508  H HB2  . ALA A 1 6  ? 0.373  4.822  0.171   1.00 0.00 ? 6  ALA A HB2  3  
ATOM   509  H HB3  . ALA A 1 6  ? -0.152 4.439  1.829   1.00 0.00 ? 6  ALA A HB3  3  
ATOM   510  N N    . GLY A 1 7  ? 1.219  0.912  0.291   1.00 0.00 ? 7  GLY A N    3  
ATOM   511  C CA   . GLY A 1 7  ? 2.143  0.002  -0.362  1.00 0.00 ? 7  GLY A CA   3  
ATOM   512  C C    . GLY A 1 7  ? 1.401  -0.961 -1.291  1.00 0.00 ? 7  GLY A C    3  
ATOM   513  O O    . GLY A 1 7  ? 1.892  -1.293 -2.369  1.00 0.00 ? 7  GLY A O    3  
ATOM   514  H H    . GLY A 1 7  ? 1.043  0.715  1.256   1.00 0.00 ? 7  GLY A H    3  
ATOM   515  H HA2  . GLY A 1 7  ? 2.876  0.571  -0.934  1.00 0.00 ? 7  GLY A HA2  3  
ATOM   516  H HA3  . GLY A 1 7  ? 2.694  -0.564 0.388   1.00 0.00 ? 7  GLY A HA3  3  
ATOM   517  N N    . PHE A 1 8  ? 0.228  -1.383 -0.840  1.00 0.00 ? 8  PHE A N    3  
ATOM   518  C CA   . PHE A 1 8  ? -0.588 -2.300 -1.616  1.00 0.00 ? 8  PHE A CA   3  
ATOM   519  C C    . PHE A 1 8  ? -1.466 -1.544 -2.613  1.00 0.00 ? 8  PHE A C    3  
ATOM   520  O O    . PHE A 1 8  ? -1.904 -2.108 -3.613  1.00 0.00 ? 8  PHE A O    3  
ATOM   521  C CB   . PHE A 1 8  ? -1.484 -3.049 -0.627  1.00 0.00 ? 8  PHE A CB   3  
ATOM   522  C CG   . PHE A 1 8  ? -2.746 -3.641 -1.257  1.00 0.00 ? 8  PHE A CG   3  
ATOM   523  C CD1  . PHE A 1 8  ? -2.717 -4.891 -1.791  1.00 0.00 ? 8  PHE A CD1  3  
ATOM   524  C CD2  . PHE A 1 8  ? -3.897 -2.917 -1.283  1.00 0.00 ? 8  PHE A CD2  3  
ATOM   525  C CE1  . PHE A 1 8  ? -3.889 -5.441 -2.375  1.00 0.00 ? 8  PHE A CE1  3  
ATOM   526  C CE2  . PHE A 1 8  ? -5.068 -3.467 -1.868  1.00 0.00 ? 8  PHE A CE2  3  
ATOM   527  C CZ   . PHE A 1 8  ? -5.039 -4.716 -2.402  1.00 0.00 ? 8  PHE A CZ   3  
ATOM   528  H H    . PHE A 1 8  ? -0.164 -1.108 0.039   1.00 0.00 ? 8  PHE A H    3  
ATOM   529  H HA   . PHE A 1 8  ? 0.093  -2.957 -2.160  1.00 0.00 ? 8  PHE A HA   3  
ATOM   530  H HB2  . PHE A 1 8  ? -0.909 -3.852 -0.166  1.00 0.00 ? 8  PHE A HB2  3  
ATOM   531  H HB3  . PHE A 1 8  ? -1.775 -2.366 0.171   1.00 0.00 ? 8  PHE A HB3  3  
ATOM   532  H HD1  . PHE A 1 8  ? -1.795 -5.471 -1.770  1.00 0.00 ? 8  PHE A HD1  3  
ATOM   533  H HD2  . PHE A 1 8  ? -3.921 -1.914 -0.855  1.00 0.00 ? 8  PHE A HD2  3  
ATOM   534  H HE1  . PHE A 1 8  ? -3.866 -6.443 -2.803  1.00 0.00 ? 8  PHE A HE1  3  
ATOM   535  H HE2  . PHE A 1 8  ? -5.992 -2.887 -1.889  1.00 0.00 ? 8  PHE A HE2  3  
ATOM   536  H HZ   . PHE A 1 8  ? -5.939 -5.139 -2.851  1.00 0.00 ? 8  PHE A HZ   3  
ATOM   537  N N    . ILE A 1 9  ? -1.700 -0.277 -2.304  1.00 0.00 ? 9  ILE A N    3  
ATOM   538  C CA   . ILE A 1 9  ? -2.519 0.563  -3.160  1.00 0.00 ? 9  ILE A CA   3  
ATOM   539  C C    . ILE A 1 9  ? -1.678 1.060  -4.337  1.00 0.00 ? 9  ILE A C    3  
ATOM   540  O O    . ILE A 1 9  ? -2.197 1.265  -5.434  1.00 0.00 ? 9  ILE A O    3  
ATOM   541  C CB   . ILE A 1 9  ? -3.165 1.689  -2.348  1.00 0.00 ? 9  ILE A CB   3  
ATOM   542  C CG1  . ILE A 1 9  ? -4.207 1.134  -1.374  1.00 0.00 ? 9  ILE A CG1  3  
ATOM   543  C CG2  . ILE A 1 9  ? -3.753 2.761  -3.267  1.00 0.00 ? 9  ILE A CG2  3  
ATOM   544  C CD1  . ILE A 1 9  ? -5.578 1.025  -2.043  1.00 0.00 ? 9  ILE A CD1  3  
ATOM   545  H H    . ILE A 1 9  ? -1.341 0.175  -1.487  1.00 0.00 ? 9  ILE A H    3  
ATOM   546  H HA   . ILE A 1 9  ? -3.328 -0.057 -3.549  1.00 0.00 ? 9  ILE A HA   3  
ATOM   547  H HB   . ILE A 1 9  ? -2.389 2.167  -1.751  1.00 0.00 ? 9  ILE A HB   3  
ATOM   548  H HG12 . ILE A 1 9  ? -3.892 0.153  -1.020  1.00 0.00 ? 9  ILE A HG12 3  
ATOM   549  H HG13 . ILE A 1 9  ? -4.275 1.783  -0.501  1.00 0.00 ? 9  ILE A HG13 3  
ATOM   550  H HG21 . ILE A 1 9  ? -2.958 3.195  -3.874  1.00 0.00 ? 9  ILE A HG21 3  
ATOM   551  H HG22 . ILE A 1 9  ? -4.501 2.310  -3.919  1.00 0.00 ? 9  ILE A HG22 3  
ATOM   552  H HG23 . ILE A 1 9  ? -4.217 3.542  -2.664  1.00 0.00 ? 9  ILE A HG23 3  
ATOM   553  H HD11 . ILE A 1 9  ? -5.453 0.712  -3.080  1.00 0.00 ? 9  ILE A HD11 3  
ATOM   554  H HD12 . ILE A 1 9  ? -6.184 0.290  -1.513  1.00 0.00 ? 9  ILE A HD12 3  
ATOM   555  H HD13 . ILE A 1 9  ? -6.076 1.994  -2.014  1.00 0.00 ? 9  ILE A HD13 3  
ATOM   556  N N    . LYS A 1 10 ? -0.392 1.237  -4.071  1.00 0.00 ? 10 LYS A N    3  
ATOM   557  C CA   . LYS A 1 10 ? 0.525  1.706  -5.095  1.00 0.00 ? 10 LYS A CA   3  
ATOM   558  C C    . LYS A 1 10 ? 1.064  0.506  -5.878  1.00 0.00 ? 10 LYS A C    3  
ATOM   559  O O    . LYS A 1 10 ? 1.330  0.610  -7.074  1.00 0.00 ? 10 LYS A O    3  
ATOM   560  C CB   . LYS A 1 10 ? 1.620  2.576  -4.475  1.00 0.00 ? 10 LYS A CB   3  
ATOM   561  C CG   . LYS A 1 10 ? 2.526  3.170  -5.556  1.00 0.00 ? 10 LYS A CG   3  
ATOM   562  C CD   . LYS A 1 10 ? 3.982  3.212  -5.088  1.00 0.00 ? 10 LYS A CD   3  
ATOM   563  C CE   . LYS A 1 10 ? 4.889  3.807  -6.168  1.00 0.00 ? 10 LYS A CE   3  
ATOM   564  N NZ   . LYS A 1 10 ? 5.151  2.810  -7.231  1.00 0.00 ? 10 LYS A NZ   3  
ATOM   565  H H    . LYS A 1 10 ? 0.022  1.067  -3.177  1.00 0.00 ? 10 LYS A H    3  
ATOM   566  H HA   . LYS A 1 10 ? -0.041 2.338  -5.777  1.00 0.00 ? 10 LYS A HA   3  
ATOM   567  H HB2  . LYS A 1 10 ? 1.167  3.379  -3.894  1.00 0.00 ? 10 LYS A HB2  3  
ATOM   568  H HB3  . LYS A 1 10 ? 2.217  1.980  -3.783  1.00 0.00 ? 10 LYS A HB3  3  
ATOM   569  H HG2  . LYS A 1 10 ? 2.451  2.576  -6.465  1.00 0.00 ? 10 LYS A HG2  3  
ATOM   570  H HG3  . LYS A 1 10 ? 2.191  4.177  -5.803  1.00 0.00 ? 10 LYS A HG3  3  
ATOM   571  H HD2  . LYS A 1 10 ? 4.059  3.806  -4.177  1.00 0.00 ? 10 LYS A HD2  3  
ATOM   572  H HD3  . LYS A 1 10 ? 4.319  2.205  -4.841  1.00 0.00 ? 10 LYS A HD3  3  
ATOM   573  H HE2  . LYS A 1 10 ? 4.418  4.690  -6.599  1.00 0.00 ? 10 LYS A HE2  3  
ATOM   574  H HE3  . LYS A 1 10 ? 5.829  4.131  -5.725  1.00 0.00 ? 10 LYS A HE3  3  
ATOM   575  H HZ1  . LYS A 1 10 ? 6.081  2.414  -7.157  1.00 0.00 ? 10 LYS A HZ1  3  
ATOM   576  H HZ3  . LYS A 1 10 ? 5.076  3.214  -8.158  1.00 0.00 ? 10 LYS A HZ3  3  
ATOM   577  N N    . ASN A 1 11 ? 1.208  -0.606 -5.171  1.00 0.00 ? 11 ASN A N    3  
ATOM   578  C CA   . ASN A 1 11 ? 1.709  -1.824 -5.785  1.00 0.00 ? 11 ASN A CA   3  
ATOM   579  C C    . ASN A 1 11 ? 0.617  -2.432 -6.667  1.00 0.00 ? 11 ASN A C    3  
ATOM   580  O O    . ASN A 1 11 ? 0.912  -3.067 -7.678  1.00 0.00 ? 11 ASN A O    3  
ATOM   581  C CB   . ASN A 1 11 ? 2.093  -2.858 -4.725  1.00 0.00 ? 11 ASN A CB   3  
ATOM   582  C CG   . ASN A 1 11 ? 2.706  -4.102 -5.368  1.00 0.00 ? 11 ASN A CG   3  
ATOM   583  O OD1  . ASN A 1 11 ? 2.742  -4.252 -6.580  1.00 0.00 ? 11 ASN A OD1  3  
ATOM   584  N ND2  . ASN A 1 11 ? 3.184  -4.983 -4.495  1.00 0.00 ? 11 ASN A ND2  3  
ATOM   585  H H    . ASN A 1 11 ? 0.990  -0.681 -4.198  1.00 0.00 ? 11 ASN A H    3  
ATOM   586  H HA   . ASN A 1 11 ? 2.584  -1.516 -6.358  1.00 0.00 ? 11 ASN A HA   3  
ATOM   587  H HB2  . ASN A 1 11 ? 2.802  -2.418 -4.023  1.00 0.00 ? 11 ASN A HB2  3  
ATOM   588  H HB3  . ASN A 1 11 ? 1.211  -3.139 -4.150  1.00 0.00 ? 11 ASN A HB3  3  
ATOM   589  H HD21 . ASN A 1 11 ? 3.122  -4.799 -3.515  1.00 0.00 ? 11 ASN A HD21 3  
ATOM   590  H HD22 . ASN A 1 11 ? 3.606  -5.831 -4.820  1.00 0.00 ? 11 ASN A HD22 3  
ATOM   591  N N    . ILE A 1 12 ? -0.623 -2.217 -6.251  1.00 0.00 ? 12 ILE A N    3  
ATOM   592  C CA   . ILE A 1 12 ? -1.761 -2.736 -6.990  1.00 0.00 ? 12 ILE A CA   3  
ATOM   593  C C    . ILE A 1 12 ? -2.124 -1.761 -8.111  1.00 0.00 ? 12 ILE A C    3  
ATOM   594  O O    . ILE A 1 12 ? -2.532 -2.177 -9.193  1.00 0.00 ? 12 ILE A O    3  
ATOM   595  C CB   . ILE A 1 12 ? -2.922 -3.042 -6.041  1.00 0.00 ? 12 ILE A CB   3  
ATOM   596  C CG1  . ILE A 1 12 ? -2.551 -4.163 -5.067  1.00 0.00 ? 12 ILE A CG1  3  
ATOM   597  C CG2  . ILE A 1 12 ? -4.198 -3.360 -6.820  1.00 0.00 ? 12 ILE A CG2  3  
ATOM   598  C CD1  . ILE A 1 12 ? -2.693 -5.535 -5.730  1.00 0.00 ? 12 ILE A CD1  3  
ATOM   599  H H    . ILE A 1 12 ? -0.854 -1.699 -5.427  1.00 0.00 ? 12 ILE A H    3  
ATOM   600  H HA   . ILE A 1 12 ? -1.454 -3.681 -7.440  1.00 0.00 ? 12 ILE A HA   3  
ATOM   601  H HB   . ILE A 1 12 ? -3.120 -2.151 -5.445  1.00 0.00 ? 12 ILE A HB   3  
ATOM   602  H HG12 . ILE A 1 12 ? -1.526 -4.027 -4.722  1.00 0.00 ? 12 ILE A HG12 3  
ATOM   603  H HG13 . ILE A 1 12 ? -3.193 -4.112 -4.189  1.00 0.00 ? 12 ILE A HG13 3  
ATOM   604  H HG21 . ILE A 1 12 ? -4.028 -4.227 -7.459  1.00 0.00 ? 12 ILE A HG21 3  
ATOM   605  H HG22 . ILE A 1 12 ? -5.006 -3.576 -6.123  1.00 0.00 ? 12 ILE A HG22 3  
ATOM   606  H HG23 . ILE A 1 12 ? -4.470 -2.502 -7.438  1.00 0.00 ? 12 ILE A HG23 3  
ATOM   607  H HD11 . ILE A 1 12 ? -3.723 -5.880 -5.635  1.00 0.00 ? 12 ILE A HD11 3  
ATOM   608  H HD12 . ILE A 1 12 ? -2.432 -5.457 -6.785  1.00 0.00 ? 12 ILE A HD12 3  
ATOM   609  H HD13 . ILE A 1 12 ? -2.026 -6.246 -5.242  1.00 0.00 ? 12 ILE A HD13 3  
ATOM   610  N N    . TRP A 1 13 ? -1.962 -0.479 -7.812  1.00 0.00 ? 13 TRP A N    3  
ATOM   611  C CA   . TRP A 1 13 ? -2.268 0.559  -8.781  1.00 0.00 ? 13 TRP A CA   3  
ATOM   612  C C    . TRP A 1 13 ? -3.607 0.214  -9.437  1.00 0.00 ? 13 TRP A C    3  
ATOM   613  O O    . TRP A 1 13 ? -4.348 -0.630 -8.937  1.00 0.00 ? 13 TRP A O    3  
ATOM   614  C CB   . TRP A 1 13 ? -1.131 0.719  -9.792  1.00 0.00 ? 13 TRP A CB   3  
ATOM   615  C CG   . TRP A 1 13 ? -0.921 -0.501 -10.691 1.00 0.00 ? 13 TRP A CG   3  
ATOM   616  C CD1  . TRP A 1 13 ? -0.335 -1.665 -10.380 1.00 0.00 ? 13 TRP A CD1  3  
ATOM   617  C CD2  . TRP A 1 13 ? -1.325 -0.633 -12.070 1.00 0.00 ? 13 TRP A CD2  3  
ATOM   618  N NE1  . TRP A 1 13 ? -0.330 -2.532 -11.452 1.00 0.00 ? 13 TRP A NE1  3  
ATOM   619  C CE2  . TRP A 1 13 ? -0.952 -1.884 -12.514 1.00 0.00 ? 13 TRP A CE2  3  
ATOM   620  C CE3  . TRP A 1 13 ? -1.985 0.278  -12.916 1.00 0.00 ? 13 TRP A CE3  3  
ATOM   621  C CZ2  . TRP A 1 13 ? -1.193 -2.341 -13.814 1.00 0.00 ? 13 TRP A CZ2  3  
ATOM   622  C CZ3  . TRP A 1 13 ? -2.219 -0.193 -14.214 1.00 0.00 ? 13 TRP A CZ3  3  
ATOM   623  C CH2  . TRP A 1 13 ? -1.849 -1.450 -14.675 1.00 0.00 ? 13 TRP A CH2  3  
ATOM   624  H H    . TRP A 1 13 ? -1.629 -0.149 -6.929  1.00 0.00 ? 13 TRP A H    3  
ATOM   625  H HA   . TRP A 1 13 ? -2.349 1.503  -8.243  1.00 0.00 ? 13 TRP A HA   3  
ATOM   626  H HB2  . TRP A 1 13 ? -1.334 1.587  -10.417 1.00 0.00 ? 13 TRP A HB2  3  
ATOM   627  H HB3  . TRP A 1 13 ? -0.206 0.922  -9.253  1.00 0.00 ? 13 TRP A HB3  3  
ATOM   628  H HD1  . TRP A 1 13 ? 0.087  -1.897 -9.402  1.00 0.00 ? 13 TRP A HD1  3  
ATOM   629  H HE1  . TRP A 1 13 ? 0.085  -3.541 -11.467 1.00 0.00 ? 13 TRP A HE1  3  
ATOM   630  H HE3  . TRP A 1 13 ? -2.290 1.272  -12.589 1.00 0.00 ? 13 TRP A HE3  3  
ATOM   631  H HZ2  . TRP A 1 13 ? -0.888 -3.334 -14.141 1.00 0.00 ? 13 TRP A HZ2  3  
ATOM   632  H HZ3  . TRP A 1 13 ? -2.728 0.473  -14.910 1.00 0.00 ? 13 TRP A HZ3  3  
ATOM   633  H HH2  . TRP A 1 13 ? -2.068 -1.744 -15.701 1.00 0.00 ? 13 TRP A HH2  3  
HETATM 634  N N    . NH2 A 1 14 ? -3.875 0.885  -10.547 1.00 0.00 ? 14 NH2 A N    3  
HETATM 635  H HN1  . NH2 A 1 14 ? -4.731 0.718  -11.037 1.00 0.00 ? 14 NH2 A HN1  3  
HETATM 636  H HN2  . NH2 A 1 14 ? -3.223 1.558  -10.895 1.00 0.00 ? 14 NH2 A HN2  3  
ATOM   637  N N    . ILE A 1 1  ? 0.835  -2.833 10.480  1.00 0.00 ? 1  ILE A N    4  
ATOM   638  C CA   . ILE A 1 1  ? 1.839  -2.049 9.781   1.00 0.00 ? 1  ILE A CA   4  
ATOM   639  C C    . ILE A 1 1  ? 1.164  -0.865 9.087   1.00 0.00 ? 1  ILE A C    4  
ATOM   640  O O    . ILE A 1 1  ? 0.469  -1.041 8.086   1.00 0.00 ? 1  ILE A O    4  
ATOM   641  C CB   . ILE A 1 1  ? 2.649  -2.937 8.835   1.00 0.00 ? 1  ILE A CB   4  
ATOM   642  C CG1  . ILE A 1 1  ? 3.384  -4.033 9.607   1.00 0.00 ? 1  ILE A CG1  4  
ATOM   643  C CG2  . ILE A 1 1  ? 3.602  -2.100 7.978   1.00 0.00 ? 1  ILE A CG2  4  
ATOM   644  C CD1  . ILE A 1 1  ? 3.456  -5.325 8.791   1.00 0.00 ? 1  ILE A CD1  4  
ATOM   645  H H1   . ILE A 1 1  ? -0.101 -2.711 10.150  1.00 0.00 ? 1  ILE A H1   4  
ATOM   646  H HA   . ILE A 1 1  ? 2.530  -1.661 10.530  1.00 0.00 ? 1  ILE A HA   4  
ATOM   647  H HB   . ILE A 1 1  ? 1.956  -3.432 8.155   1.00 0.00 ? 1  ILE A HB   4  
ATOM   648  H HG12 . ILE A 1 1  ? 4.393  -3.697 9.851   1.00 0.00 ? 1  ILE A HG12 4  
ATOM   649  H HG13 . ILE A 1 1  ? 2.875  -4.223 10.551  1.00 0.00 ? 1  ILE A HG13 4  
ATOM   650  H HG21 . ILE A 1 1  ? 3.547  -2.433 6.942   1.00 0.00 ? 1  ILE A HG21 4  
ATOM   651  H HG22 . ILE A 1 1  ? 3.317  -1.050 8.037   1.00 0.00 ? 1  ILE A HG22 4  
ATOM   652  H HG23 . ILE A 1 1  ? 4.622  -2.221 8.347   1.00 0.00 ? 1  ILE A HG23 4  
ATOM   653  H HD11 . ILE A 1 1  ? 2.448  -5.696 8.607   1.00 0.00 ? 1  ILE A HD11 4  
ATOM   654  H HD12 . ILE A 1 1  ? 3.950  -5.127 7.839   1.00 0.00 ? 1  ILE A HD12 4  
ATOM   655  H HD13 . ILE A 1 1  ? 4.024  -6.074 9.344   1.00 0.00 ? 1  ILE A HD13 4  
ATOM   656  N N    . PHE A 1 2  ? 1.391  0.315  9.644   1.00 0.00 ? 2  PHE A N    4  
ATOM   657  C CA   . PHE A 1 2  ? 0.812  1.528  9.090   1.00 0.00 ? 2  PHE A CA   4  
ATOM   658  C C    . PHE A 1 2  ? 1.602  2.006  7.871   1.00 0.00 ? 2  PHE A C    4  
ATOM   659  O O    . PHE A 1 2  ? 2.677  2.587  8.013   1.00 0.00 ? 2  PHE A O    4  
ATOM   660  C CB   . PHE A 1 2  ? 0.886  2.598  10.182  1.00 0.00 ? 2  PHE A CB   4  
ATOM   661  C CG   . PHE A 1 2  ? -0.392 3.428  10.327  1.00 0.00 ? 2  PHE A CG   4  
ATOM   662  C CD1  . PHE A 1 2  ? -0.783 4.254  9.320   1.00 0.00 ? 2  PHE A CD1  4  
ATOM   663  C CD2  . PHE A 1 2  ? -1.135 3.340  11.462  1.00 0.00 ? 2  PHE A CD2  4  
ATOM   664  C CE1  . PHE A 1 2  ? -1.968 5.025  9.455   1.00 0.00 ? 2  PHE A CE1  4  
ATOM   665  C CE2  . PHE A 1 2  ? -2.319 4.111  11.596  1.00 0.00 ? 2  PHE A CE2  4  
ATOM   666  C CZ   . PHE A 1 2  ? -2.712 4.936  10.590  1.00 0.00 ? 2  PHE A CZ   4  
ATOM   667  H H    . PHE A 1 2  ? 1.957  0.449  10.457  1.00 0.00 ? 2  PHE A H    4  
ATOM   668  H HA   . PHE A 1 2  ? -0.209 1.291  8.789   1.00 0.00 ? 2  PHE A HA   4  
ATOM   669  H HB2  . PHE A 1 2  ? 1.103  2.115  11.135  1.00 0.00 ? 2  PHE A HB2  4  
ATOM   670  H HB3  . PHE A 1 2  ? 1.719  3.266  9.966   1.00 0.00 ? 2  PHE A HB3  4  
ATOM   671  H HD1  . PHE A 1 2  ? -0.186 4.324  8.410   1.00 0.00 ? 2  PHE A HD1  4  
ATOM   672  H HD2  . PHE A 1 2  ? -0.821 2.677  12.269  1.00 0.00 ? 2  PHE A HD2  4  
ATOM   673  H HE1  . PHE A 1 2  ? -2.281 5.687  8.648   1.00 0.00 ? 2  PHE A HE1  4  
ATOM   674  H HE2  . PHE A 1 2  ? -2.916 4.040  12.506  1.00 0.00 ? 2  PHE A HE2  4  
ATOM   675  H HZ   . PHE A 1 2  ? -3.621 5.529  10.693  1.00 0.00 ? 2  PHE A HZ   4  
ATOM   676  N N    . GLY A 1 3  ? 1.040  1.743  6.701   1.00 0.00 ? 3  GLY A N    4  
ATOM   677  C CA   . GLY A 1 3  ? 1.680  2.138  5.456   1.00 0.00 ? 3  GLY A CA   4  
ATOM   678  C C    . GLY A 1 3  ? 1.497  1.066  4.381   1.00 0.00 ? 3  GLY A C    4  
ATOM   679  O O    . GLY A 1 3  ? 1.647  1.344  3.192   1.00 0.00 ? 3  GLY A O    4  
ATOM   680  H H    . GLY A 1 3  ? 0.166  1.269  6.595   1.00 0.00 ? 3  GLY A H    4  
ATOM   681  H HA2  . GLY A 1 3  ? 1.258  3.082  5.111   1.00 0.00 ? 3  GLY A HA2  4  
ATOM   682  H HA3  . GLY A 1 3  ? 2.743  2.308  5.629   1.00 0.00 ? 3  GLY A HA3  4  
ATOM   683  N N    . ALA A 1 4  ? 1.174  -0.135 4.837   1.00 0.00 ? 4  ALA A N    4  
ATOM   684  C CA   . ALA A 1 4  ? 0.968  -1.250 3.927   1.00 0.00 ? 4  ALA A CA   4  
ATOM   685  C C    . ALA A 1 4  ? -0.243 -0.961 3.040   1.00 0.00 ? 4  ALA A C    4  
ATOM   686  O O    . ALA A 1 4  ? -0.466 -1.651 2.046   1.00 0.00 ? 4  ALA A O    4  
ATOM   687  C CB   . ALA A 1 4  ? 0.807  -2.541 4.733   1.00 0.00 ? 4  ALA A CB   4  
ATOM   688  H H    . ALA A 1 4  ? 1.053  -0.352 5.806   1.00 0.00 ? 4  ALA A H    4  
ATOM   689  H HA   . ALA A 1 4  ? 1.857  -1.335 3.301   1.00 0.00 ? 4  ALA A HA   4  
ATOM   690  H HB1  . ALA A 1 4  ? 1.350  -2.453 5.674   1.00 0.00 ? 4  ALA A HB1  4  
ATOM   691  H HB2  . ALA A 1 4  ? -0.249 -2.713 4.938   1.00 0.00 ? 4  ALA A HB2  4  
ATOM   692  H HB3  . ALA A 1 4  ? 1.208  -3.379 4.160   1.00 0.00 ? 4  ALA A HB3  4  
ATOM   693  N N    . ILE A 1 5  ? -0.994 0.058  3.430   1.00 0.00 ? 5  ILE A N    4  
ATOM   694  C CA   . ILE A 1 5  ? -2.176 0.447  2.681   1.00 0.00 ? 5  ILE A CA   4  
ATOM   695  C C    . ILE A 1 5  ? -1.750 1.163  1.398   1.00 0.00 ? 5  ILE A C    4  
ATOM   696  O O    . ILE A 1 5  ? -2.305 0.912  0.329   1.00 0.00 ? 5  ILE A O    4  
ATOM   697  C CB   . ILE A 1 5  ? -3.120 1.269  3.560   1.00 0.00 ? 5  ILE A CB   4  
ATOM   698  C CG1  . ILE A 1 5  ? -4.208 0.384  4.172   1.00 0.00 ? 5  ILE A CG1  4  
ATOM   699  C CG2  . ILE A 1 5  ? -3.711 2.444  2.779   1.00 0.00 ? 5  ILE A CG2  4  
ATOM   700  C CD1  . ILE A 1 5  ? -4.270 0.564  5.691   1.00 0.00 ? 5  ILE A CD1  4  
ATOM   701  H H    . ILE A 1 5  ? -0.804 0.614  4.238   1.00 0.00 ? 5  ILE A H    4  
ATOM   702  H HA   . ILE A 1 5  ? -2.704 -0.467 2.407   1.00 0.00 ? 5  ILE A HA   4  
ATOM   703  H HB   . ILE A 1 5  ? -2.543 1.688  4.383   1.00 0.00 ? 5  ILE A HB   4  
ATOM   704  H HG12 . ILE A 1 5  ? -5.175 0.633  3.734   1.00 0.00 ? 5  ILE A HG12 4  
ATOM   705  H HG13 . ILE A 1 5  ? -4.009 -0.660 3.934   1.00 0.00 ? 5  ILE A HG13 4  
ATOM   706  H HG21 . ILE A 1 5  ? -2.984 3.257  2.742   1.00 0.00 ? 5  ILE A HG21 4  
ATOM   707  H HG22 . ILE A 1 5  ? -3.952 2.124  1.765   1.00 0.00 ? 5  ILE A HG22 4  
ATOM   708  H HG23 . ILE A 1 5  ? -4.618 2.792  3.275   1.00 0.00 ? 5  ILE A HG23 4  
ATOM   709  H HD11 . ILE A 1 5  ? -5.009 1.328  5.937   1.00 0.00 ? 5  ILE A HD11 4  
ATOM   710  H HD12 . ILE A 1 5  ? -4.551 -0.380 6.158   1.00 0.00 ? 5  ILE A HD12 4  
ATOM   711  H HD13 . ILE A 1 5  ? -3.292 0.874  6.060   1.00 0.00 ? 5  ILE A HD13 4  
ATOM   712  N N    . ALA A 1 6  ? -0.770 2.041  1.545   1.00 0.00 ? 6  ALA A N    4  
ATOM   713  C CA   . ALA A 1 6  ? -0.263 2.795  0.413   1.00 0.00 ? 6  ALA A CA   4  
ATOM   714  C C    . ALA A 1 6  ? 0.693  1.915  -0.395  1.00 0.00 ? 6  ALA A C    4  
ATOM   715  O O    . ALA A 1 6  ? 0.911  2.154  -1.582  1.00 0.00 ? 6  ALA A O    4  
ATOM   716  C CB   . ALA A 1 6  ? 0.407  4.078  0.910   1.00 0.00 ? 6  ALA A CB   4  
ATOM   717  H H    . ALA A 1 6  ? -0.324 2.240  2.419   1.00 0.00 ? 6  ALA A H    4  
ATOM   718  H HA   . ALA A 1 6  ? -1.113 3.065  -0.214  1.00 0.00 ? 6  ALA A HA   4  
ATOM   719  H HB1  . ALA A 1 6  ? -0.353 4.836  1.095   1.00 0.00 ? 6  ALA A HB1  4  
ATOM   720  H HB2  . ALA A 1 6  ? 0.945  3.870  1.835   1.00 0.00 ? 6  ALA A HB2  4  
ATOM   721  H HB3  . ALA A 1 6  ? 1.106  4.439  0.156   1.00 0.00 ? 6  ALA A HB3  4  
ATOM   722  N N    . GLY A 1 7  ? 1.237  0.914  0.280   1.00 0.00 ? 7  GLY A N    4  
ATOM   723  C CA   . GLY A 1 7  ? 2.163  -0.005 -0.359  1.00 0.00 ? 7  GLY A CA   4  
ATOM   724  C C    . GLY A 1 7  ? 1.425  -0.972 -1.286  1.00 0.00 ? 7  GLY A C    4  
ATOM   725  O O    . GLY A 1 7  ? 1.926  -1.321 -2.354  1.00 0.00 ? 7  GLY A O    4  
ATOM   726  H H    . GLY A 1 7  ? 1.054  0.724  1.245   1.00 0.00 ? 7  GLY A H    4  
ATOM   727  H HA2  . GLY A 1 7  ? 2.902  0.558  -0.931  1.00 0.00 ? 7  GLY A HA2  4  
ATOM   728  H HA3  . GLY A 1 7  ? 2.708  -0.566 0.399   1.00 0.00 ? 7  GLY A HA3  4  
ATOM   729  N N    . PHE A 1 8  ? 0.245  -1.382 -0.842  1.00 0.00 ? 8  PHE A N    4  
ATOM   730  C CA   . PHE A 1 8  ? -0.568 -2.303 -1.619  1.00 0.00 ? 8  PHE A CA   4  
ATOM   731  C C    . PHE A 1 8  ? -1.462 -1.549 -2.605  1.00 0.00 ? 8  PHE A C    4  
ATOM   732  O O    . PHE A 1 8  ? -1.891 -2.109 -3.611  1.00 0.00 ? 8  PHE A O    4  
ATOM   733  C CB   . PHE A 1 8  ? -1.451 -3.064 -0.626  1.00 0.00 ? 8  PHE A CB   4  
ATOM   734  C CG   . PHE A 1 8  ? -2.695 -3.692 -1.258  1.00 0.00 ? 8  PHE A CG   4  
ATOM   735  C CD1  . PHE A 1 8  ? -2.624 -4.933 -1.812  1.00 0.00 ? 8  PHE A CD1  4  
ATOM   736  C CD2  . PHE A 1 8  ? -3.872 -3.012 -1.263  1.00 0.00 ? 8  PHE A CD2  4  
ATOM   737  C CE1  . PHE A 1 8  ? -3.779 -5.516 -2.397  1.00 0.00 ? 8  PHE A CE1  4  
ATOM   738  C CE2  . PHE A 1 8  ? -5.027 -3.595 -1.847  1.00 0.00 ? 8  PHE A CE2  4  
ATOM   739  C CZ   . PHE A 1 8  ? -4.957 -4.834 -2.403  1.00 0.00 ? 8  PHE A CZ   4  
ATOM   740  H H    . PHE A 1 8  ? -0.155 -1.095 0.027   1.00 0.00 ? 8  PHE A H    4  
ATOM   741  H HA   . PHE A 1 8  ? 0.115  -2.951 -2.170  1.00 0.00 ? 8  PHE A HA   4  
ATOM   742  H HB2  . PHE A 1 8  ? -0.859 -3.850 -0.155  1.00 0.00 ? 8  PHE A HB2  4  
ATOM   743  H HB3  . PHE A 1 8  ? -1.762 -2.381 0.165   1.00 0.00 ? 8  PHE A HB3  4  
ATOM   744  H HD1  . PHE A 1 8  ? -1.681 -5.478 -1.808  1.00 0.00 ? 8  PHE A HD1  4  
ATOM   745  H HD2  . PHE A 1 8  ? -3.929 -2.018 -0.817  1.00 0.00 ? 8  PHE A HD2  4  
ATOM   746  H HE1  . PHE A 1 8  ? -3.722 -6.508 -2.842  1.00 0.00 ? 8  PHE A HE1  4  
ATOM   747  H HE2  . PHE A 1 8  ? -5.970 -3.048 -1.851  1.00 0.00 ? 8  PHE A HE2  4  
ATOM   748  H HZ   . PHE A 1 8  ? -5.843 -5.281 -2.851  1.00 0.00 ? 8  PHE A HZ   4  
ATOM   749  N N    . ILE A 1 9  ? -1.714 -0.289 -2.281  1.00 0.00 ? 9  ILE A N    4  
ATOM   750  C CA   . ILE A 1 9  ? -2.550 0.547  -3.126  1.00 0.00 ? 9  ILE A CA   4  
ATOM   751  C C    . ILE A 1 9  ? -1.725 1.045  -4.315  1.00 0.00 ? 9  ILE A C    4  
ATOM   752  O O    . ILE A 1 9  ? -2.259 1.237  -5.408  1.00 0.00 ? 9  ILE A O    4  
ATOM   753  C CB   . ILE A 1 9  ? -3.187 1.670  -2.305  1.00 0.00 ? 9  ILE A CB   4  
ATOM   754  C CG1  . ILE A 1 9  ? -4.264 1.120  -1.369  1.00 0.00 ? 9  ILE A CG1  4  
ATOM   755  C CG2  . ILE A 1 9  ? -3.726 2.775  -3.216  1.00 0.00 ? 9  ILE A CG2  4  
ATOM   756  C CD1  . ILE A 1 9  ? -5.607 0.996  -2.091  1.00 0.00 ? 9  ILE A CD1  4  
ATOM   757  H H    . ILE A 1 9  ? -1.360 0.159  -1.460  1.00 0.00 ? 9  ILE A H    4  
ATOM   758  H HA   . ILE A 1 9  ? -3.360 -0.076 -3.504  1.00 0.00 ? 9  ILE A HA   4  
ATOM   759  H HB   . ILE A 1 9  ? -2.413 2.118  -1.680  1.00 0.00 ? 9  ILE A HB   4  
ATOM   760  H HG12 . ILE A 1 9  ? -3.959 0.146  -0.990  1.00 0.00 ? 9  ILE A HG12 4  
ATOM   761  H HG13 . ILE A 1 9  ? -4.371 1.778  -0.506  1.00 0.00 ? 9  ILE A HG13 4  
ATOM   762  H HG21 . ILE A 1 9  ? -4.094 3.601  -2.606  1.00 0.00 ? 9  ILE A HG21 4  
ATOM   763  H HG22 . ILE A 1 9  ? -2.929 3.132  -3.867  1.00 0.00 ? 9  ILE A HG22 4  
ATOM   764  H HG23 . ILE A 1 9  ? -4.542 2.380  -3.822  1.00 0.00 ? 9  ILE A HG23 4  
ATOM   765  H HD11 . ILE A 1 9  ? -6.321 0.485  -1.445  1.00 0.00 ? 9  ILE A HD11 4  
ATOM   766  H HD12 . ILE A 1 9  ? -5.984 1.990  -2.333  1.00 0.00 ? 9  ILE A HD12 4  
ATOM   767  H HD13 . ILE A 1 9  ? -5.475 0.425  -3.010  1.00 0.00 ? 9  ILE A HD13 4  
ATOM   768  N N    . LYS A 1 10 ? -0.439 1.242  -4.063  1.00 0.00 ? 10 LYS A N    4  
ATOM   769  C CA   . LYS A 1 10 ? 0.463  1.715  -5.099  1.00 0.00 ? 10 LYS A CA   4  
ATOM   770  C C    . LYS A 1 10 ? 1.027  0.515  -5.864  1.00 0.00 ? 10 LYS A C    4  
ATOM   771  O O    . LYS A 1 10 ? 1.267  0.600  -7.067  1.00 0.00 ? 10 LYS A O    4  
ATOM   772  C CB   . LYS A 1 10 ? 1.538  2.624  -4.500  1.00 0.00 ? 10 LYS A CB   4  
ATOM   773  C CG   . LYS A 1 10 ? 2.681  1.799  -3.904  1.00 0.00 ? 10 LYS A CG   4  
ATOM   774  C CD   . LYS A 1 10 ? 3.831  2.703  -3.453  1.00 0.00 ? 10 LYS A CD   4  
ATOM   775  C CE   . LYS A 1 10 ? 5.185  2.041  -3.717  1.00 0.00 ? 10 LYS A CE   4  
ATOM   776  N NZ   . LYS A 1 10 ? 5.260  0.727  -3.041  1.00 0.00 ? 10 LYS A NZ   4  
ATOM   777  H H    . LYS A 1 10 ? -0.014 1.084  -3.172  1.00 0.00 ? 10 LYS A H    4  
ATOM   778  H HA   . LYS A 1 10 ? -0.123 2.321  -5.790  1.00 0.00 ? 10 LYS A HA   4  
ATOM   779  H HB2  . LYS A 1 10 ? 1.928  3.289  -5.271  1.00 0.00 ? 10 LYS A HB2  4  
ATOM   780  H HB3  . LYS A 1 10 ? 1.098  3.253  -3.727  1.00 0.00 ? 10 LYS A HB3  4  
ATOM   781  H HG2  . LYS A 1 10 ? 2.314  1.221  -3.055  1.00 0.00 ? 10 LYS A HG2  4  
ATOM   782  H HG3  . LYS A 1 10 ? 3.044  1.085  -4.644  1.00 0.00 ? 10 LYS A HG3  4  
ATOM   783  H HD2  . LYS A 1 10 ? 3.778  3.655  -3.980  1.00 0.00 ? 10 LYS A HD2  4  
ATOM   784  H HD3  . LYS A 1 10 ? 3.731  2.922  -2.390  1.00 0.00 ? 10 LYS A HD3  4  
ATOM   785  H HE2  . LYS A 1 10 ? 5.331  1.915  -4.790  1.00 0.00 ? 10 LYS A HE2  4  
ATOM   786  H HE3  . LYS A 1 10 ? 5.987  2.686  -3.360  1.00 0.00 ? 10 LYS A HE3  4  
ATOM   787  H HZ1  . LYS A 1 10 ? 4.405  0.506  -2.543  1.00 0.00 ? 10 LYS A HZ1  4  
ATOM   788  H HZ3  . LYS A 1 10 ? 6.012  0.690  -2.364  1.00 0.00 ? 10 LYS A HZ3  4  
ATOM   789  N N    . ASN A 1 11 ? 1.222  -0.573 -5.133  1.00 0.00 ? 11 ASN A N    4  
ATOM   790  C CA   . ASN A 1 11 ? 1.753  -1.788 -5.728  1.00 0.00 ? 11 ASN A CA   4  
ATOM   791  C C    . ASN A 1 11 ? 0.685  -2.423 -6.621  1.00 0.00 ? 11 ASN A C    4  
ATOM   792  O O    . ASN A 1 11 ? 1.007  -3.064 -7.619  1.00 0.00 ? 11 ASN A O    4  
ATOM   793  C CB   . ASN A 1 11 ? 2.136  -2.805 -4.653  1.00 0.00 ? 11 ASN A CB   4  
ATOM   794  C CG   . ASN A 1 11 ? 2.634  -4.108 -5.282  1.00 0.00 ? 11 ASN A CG   4  
ATOM   795  O OD1  . ASN A 1 11 ? 3.821  -4.381 -5.353  1.00 0.00 ? 11 ASN A OD1  4  
ATOM   796  N ND2  . ASN A 1 11 ? 1.661  -4.895 -5.734  1.00 0.00 ? 11 ASN A ND2  4  
ATOM   797  H H    . ASN A 1 11 ? 1.024  -0.632 -4.155  1.00 0.00 ? 11 ASN A H    4  
ATOM   798  H HA   . ASN A 1 11 ? 2.632  -1.470 -6.290  1.00 0.00 ? 11 ASN A HA   4  
ATOM   799  H HB2  . ASN A 1 11 ? 2.914  -2.386 -4.012  1.00 0.00 ? 11 ASN A HB2  4  
ATOM   800  H HB3  . ASN A 1 11 ? 1.277  -3.009 -4.016  1.00 0.00 ? 11 ASN A HB3  4  
ATOM   801  H HD21 . ASN A 1 11 ? 0.707  -4.611 -5.645  1.00 0.00 ? 11 ASN A HD21 4  
ATOM   802  H HD22 . ASN A 1 11 ? 1.885  -5.769 -6.163  1.00 0.00 ? 11 ASN A HD22 4  
ATOM   803  N N    . ILE A 1 12 ? -0.565 -2.223 -6.227  1.00 0.00 ? 12 ILE A N    4  
ATOM   804  C CA   . ILE A 1 12 ? -1.682 -2.769 -6.979  1.00 0.00 ? 12 ILE A CA   4  
ATOM   805  C C    . ILE A 1 12 ? -2.062 -1.796 -8.096  1.00 0.00 ? 12 ILE A C    4  
ATOM   806  O O    . ILE A 1 12 ? -2.432 -2.218 -9.191  1.00 0.00 ? 12 ILE A O    4  
ATOM   807  C CB   . ILE A 1 12 ? -2.841 -3.113 -6.041  1.00 0.00 ? 12 ILE A CB   4  
ATOM   808  C CG1  . ILE A 1 12 ? -2.438 -4.205 -5.048  1.00 0.00 ? 12 ILE A CG1  4  
ATOM   809  C CG2  . ILE A 1 12 ? -4.094 -3.492 -6.833  1.00 0.00 ? 12 ILE A CG2  4  
ATOM   810  C CD1  . ILE A 1 12 ? -2.690 -5.597 -5.633  1.00 0.00 ? 12 ILE A CD1  4  
ATOM   811  H H    . ILE A 1 12 ? -0.817 -1.701 -5.413  1.00 0.00 ? 12 ILE A H    4  
ATOM   812  H HA   . ILE A 1 12 ? -1.346 -3.702 -7.431  1.00 0.00 ? 12 ILE A HA   4  
ATOM   813  H HB   . ILE A 1 12 ? -3.085 -2.224 -5.459  1.00 0.00 ? 12 ILE A HB   4  
ATOM   814  H HG12 . ILE A 1 12 ? -1.384 -4.099 -4.794  1.00 0.00 ? 12 ILE A HG12 4  
ATOM   815  H HG13 . ILE A 1 12 ? -3.003 -4.088 -4.122  1.00 0.00 ? 12 ILE A HG13 4  
ATOM   816  H HG21 . ILE A 1 12 ? -4.602 -2.587 -7.165  1.00 0.00 ? 12 ILE A HG21 4  
ATOM   817  H HG22 . ILE A 1 12 ? -3.808 -4.086 -7.701  1.00 0.00 ? 12 ILE A HG22 4  
ATOM   818  H HG23 . ILE A 1 12 ? -4.763 -4.073 -6.199  1.00 0.00 ? 12 ILE A HG23 4  
ATOM   819  H HD11 . ILE A 1 12 ? -3.641 -5.980 -5.260  1.00 0.00 ? 12 ILE A HD11 4  
ATOM   820  H HD12 . ILE A 1 12 ? -2.725 -5.532 -6.720  1.00 0.00 ? 12 ILE A HD12 4  
ATOM   821  H HD13 . ILE A 1 12 ? -1.886 -6.268 -5.333  1.00 0.00 ? 12 ILE A HD13 4  
ATOM   822  N N    . TRP A 1 13 ? -1.959 -0.514 -7.782  1.00 0.00 ? 13 TRP A N    4  
ATOM   823  C CA   . TRP A 1 13 ? -2.288 0.522  -8.746  1.00 0.00 ? 13 TRP A CA   4  
ATOM   824  C C    . TRP A 1 13 ? -1.605 1.816  -8.301  1.00 0.00 ? 13 TRP A C    4  
ATOM   825  O O    . TRP A 1 13 ? -2.115 2.525  -7.434  1.00 0.00 ? 13 TRP A O    4  
ATOM   826  C CB   . TRP A 1 13 ? -3.803 0.667  -8.899  1.00 0.00 ? 13 TRP A CB   4  
ATOM   827  C CG   . TRP A 1 13 ? -4.495 1.292  -7.684  1.00 0.00 ? 13 TRP A CG   4  
ATOM   828  C CD1  . TRP A 1 13 ? -5.015 0.666  -6.620  1.00 0.00 ? 13 TRP A CD1  4  
ATOM   829  C CD2  . TRP A 1 13 ? -4.720 2.698  -7.452  1.00 0.00 ? 13 TRP A CD2  4  
ATOM   830  N NE1  . TRP A 1 13 ? -5.557 1.564  -5.722  1.00 0.00 ? 13 TRP A NE1  4  
ATOM   831  C CE2  . TRP A 1 13 ? -5.372 2.838  -6.244  1.00 0.00 ? 13 TRP A CE2  4  
ATOM   832  C CE3  . TRP A 1 13 ? -4.384 3.815  -8.236  1.00 0.00 ? 13 TRP A CE3  4  
ATOM   833  C CZ2  . TRP A 1 13 ? -5.744 4.079  -5.714  1.00 0.00 ? 13 TRP A CZ2  4  
ATOM   834  C CZ3  . TRP A 1 13 ? -4.763 5.049  -7.692  1.00 0.00 ? 13 TRP A CZ3  4  
ATOM   835  C CH2  . TRP A 1 13 ? -5.420 5.206  -6.478  1.00 0.00 ? 13 TRP A CH2  4  
ATOM   836  H H    . TRP A 1 13 ? -1.658 -0.179 -6.889  1.00 0.00 ? 13 TRP A H    4  
ATOM   837  H HA   . TRP A 1 13 ? -1.900 0.210  -9.714  1.00 0.00 ? 13 TRP A HA   4  
ATOM   838  H HB2  . TRP A 1 13 ? -4.013 1.279  -9.776  1.00 0.00 ? 13 TRP A HB2  4  
ATOM   839  H HB3  . TRP A 1 13 ? -4.237 -0.316 -9.084  1.00 0.00 ? 13 TRP A HB3  4  
ATOM   840  H HD1  . TRP A 1 13 ? -5.010 -0.415 -6.481  1.00 0.00 ? 13 TRP A HD1  4  
ATOM   841  H HE1  . TRP A 1 13 ? -6.042 1.318  -4.777  1.00 0.00 ? 13 TRP A HE1  4  
ATOM   842  H HE3  . TRP A 1 13 ? -3.869 3.732  -9.195  1.00 0.00 ? 13 TRP A HE3  4  
ATOM   843  H HZ2  . TRP A 1 13 ? -6.260 4.164  -4.756  1.00 0.00 ? 13 TRP A HZ2  4  
ATOM   844  H HZ3  . TRP A 1 13 ? -4.526 5.947  -8.262  1.00 0.00 ? 13 TRP A HZ3  4  
ATOM   845  H HH2  . TRP A 1 13 ? -5.682 6.203  -6.123  1.00 0.00 ? 13 TRP A HH2  4  
HETATM 846  N N    . NH2 A 1 14 ? -0.461 2.086  -8.913  1.00 0.00 ? 14 NH2 A N    4  
HETATM 847  H HN1  . NH2 A 1 14 ? 0.047  2.914  -8.679  1.00 0.00 ? 14 NH2 A HN1  4  
HETATM 848  H HN2  . NH2 A 1 14 ? -0.109 1.461  -9.609  1.00 0.00 ? 14 NH2 A HN2  4  
ATOM   849  N N    . ILE A 1 1  ? 3.717  -0.601 10.970  1.00 0.00 ? 1  ILE A N    5  
ATOM   850  C CA   . ILE A 1 1  ? 2.869  -1.334 10.047  1.00 0.00 ? 1  ILE A CA   5  
ATOM   851  C C    . ILE A 1 1  ? 2.110  -0.343 9.161   1.00 0.00 ? 1  ILE A C    5  
ATOM   852  O O    . ILE A 1 1  ? 2.093  -0.484 7.939   1.00 0.00 ? 1  ILE A O    5  
ATOM   853  C CB   . ILE A 1 1  ? 1.957  -2.299 10.808  1.00 0.00 ? 1  ILE A CB   5  
ATOM   854  C CG1  . ILE A 1 1  ? 2.780  -3.292 11.633  1.00 0.00 ? 1  ILE A CG1  5  
ATOM   855  C CG2  . ILE A 1 1  ? 0.992  -3.008 9.855   1.00 0.00 ? 1  ILE A CG2  5  
ATOM   856  C CD1  . ILE A 1 1  ? 1.996  -3.765 12.859  1.00 0.00 ? 1  ILE A CD1  5  
ATOM   857  H H1   . ILE A 1 1  ? 4.382  0.010  10.539  1.00 0.00 ? 1  ILE A H1   5  
ATOM   858  H HA   . ILE A 1 1  ? 3.519  -1.936 9.412   1.00 0.00 ? 1  ILE A HA   5  
ATOM   859  H HB   . ILE A 1 1  ? 1.354  -1.721 11.506  1.00 0.00 ? 1  ILE A HB   5  
ATOM   860  H HG12 . ILE A 1 1  ? 3.048  -4.148 11.016  1.00 0.00 ? 1  ILE A HG12 5  
ATOM   861  H HG13 . ILE A 1 1  ? 3.710  -2.822 11.951  1.00 0.00 ? 1  ILE A HG13 5  
ATOM   862  H HG21 . ILE A 1 1  ? -0.034 -2.803 10.160  1.00 0.00 ? 1  ILE A HG21 5  
ATOM   863  H HG22 . ILE A 1 1  ? 1.150  -2.643 8.840   1.00 0.00 ? 1  ILE A HG22 5  
ATOM   864  H HG23 . ILE A 1 1  ? 1.173  -4.082 9.888   1.00 0.00 ? 1  ILE A HG23 5  
ATOM   865  H HD11 . ILE A 1 1  ? 2.693  -4.083 13.635  1.00 0.00 ? 1  ILE A HD11 5  
ATOM   866  H HD12 . ILE A 1 1  ? 1.381  -2.948 13.235  1.00 0.00 ? 1  ILE A HD12 5  
ATOM   867  H HD13 . ILE A 1 1  ? 1.357  -4.604 12.581  1.00 0.00 ? 1  ILE A HD13 5  
ATOM   868  N N    . PHE A 1 2  ? 1.503  0.637  9.812   1.00 0.00 ? 2  PHE A N    5  
ATOM   869  C CA   . PHE A 1 2  ? 0.745  1.653  9.100   1.00 0.00 ? 2  PHE A CA   5  
ATOM   870  C C    . PHE A 1 2  ? 1.516  2.154  7.877   1.00 0.00 ? 2  PHE A C    5  
ATOM   871  O O    . PHE A 1 2  ? 2.502  2.875  8.014   1.00 0.00 ? 2  PHE A O    5  
ATOM   872  C CB   . PHE A 1 2  ? 0.535  2.818  10.069  1.00 0.00 ? 2  PHE A CB   5  
ATOM   873  C CG   . PHE A 1 2  ? 1.832  3.494  10.519  1.00 0.00 ? 2  PHE A CG   5  
ATOM   874  C CD1  . PHE A 1 2  ? 2.537  2.983  11.564  1.00 0.00 ? 2  PHE A CD1  5  
ATOM   875  C CD2  . PHE A 1 2  ? 2.280  4.604  9.874   1.00 0.00 ? 2  PHE A CD2  5  
ATOM   876  C CE1  . PHE A 1 2  ? 3.741  3.610  11.982  1.00 0.00 ? 2  PHE A CE1  5  
ATOM   877  C CE2  . PHE A 1 2  ? 3.484  5.231  10.292  1.00 0.00 ? 2  PHE A CE2  5  
ATOM   878  C CZ   . PHE A 1 2  ? 4.189  4.722  11.337  1.00 0.00 ? 2  PHE A CZ   5  
ATOM   879  H H    . PHE A 1 2  ? 1.522  0.746  10.806  1.00 0.00 ? 2  PHE A H    5  
ATOM   880  H HA   . PHE A 1 2  ? -0.188 1.192  8.776   1.00 0.00 ? 2  PHE A HA   5  
ATOM   881  H HB2  . PHE A 1 2  ? -0.105 3.562  9.594   1.00 0.00 ? 2  PHE A HB2  5  
ATOM   882  H HB3  . PHE A 1 2  ? 0.003  2.455  10.948  1.00 0.00 ? 2  PHE A HB3  5  
ATOM   883  H HD1  . PHE A 1 2  ? 2.178  2.093  12.082  1.00 0.00 ? 2  PHE A HD1  5  
ATOM   884  H HD2  . PHE A 1 2  ? 1.714  5.013  9.036   1.00 0.00 ? 2  PHE A HD2  5  
ATOM   885  H HE1  . PHE A 1 2  ? 4.305  3.202  12.820  1.00 0.00 ? 2  PHE A HE1  5  
ATOM   886  H HE2  . PHE A 1 2  ? 3.843  6.121  9.776   1.00 0.00 ? 2  PHE A HE2  5  
ATOM   887  H HZ   . PHE A 1 2  ? 5.112  5.203  11.658  1.00 0.00 ? 2  PHE A HZ   5  
ATOM   888  N N    . GLY A 1 3  ? 1.035  1.753  6.709   1.00 0.00 ? 3  GLY A N    5  
ATOM   889  C CA   . GLY A 1 3  ? 1.665  2.152  5.463   1.00 0.00 ? 3  GLY A CA   5  
ATOM   890  C C    . GLY A 1 3  ? 1.488  1.077  4.389   1.00 0.00 ? 3  GLY A C    5  
ATOM   891  O O    . GLY A 1 3  ? 1.628  1.356  3.199   1.00 0.00 ? 3  GLY A O    5  
ATOM   892  H H    . GLY A 1 3  ? 0.232  1.166  6.607   1.00 0.00 ? 3  GLY A H    5  
ATOM   893  H HA2  . GLY A 1 3  ? 1.234  3.092  5.117   1.00 0.00 ? 3  GLY A HA2  5  
ATOM   894  H HA3  . GLY A 1 3  ? 2.727  2.333  5.630   1.00 0.00 ? 3  GLY A HA3  5  
ATOM   895  N N    . ALA A 1 4  ? 1.183  -0.127 4.847   1.00 0.00 ? 4  ALA A N    5  
ATOM   896  C CA   . ALA A 1 4  ? 0.985  -1.245 3.941   1.00 0.00 ? 4  ALA A CA   5  
ATOM   897  C C    . ALA A 1 4  ? -0.225 -0.965 3.049   1.00 0.00 ? 4  ALA A C    5  
ATOM   898  O O    . ALA A 1 4  ? -0.439 -1.651 2.051   1.00 0.00 ? 4  ALA A O    5  
ATOM   899  C CB   . ALA A 1 4  ? 0.828  -2.536 4.747   1.00 0.00 ? 4  ALA A CB   5  
ATOM   900  H H    . ALA A 1 4  ? 1.071  -0.344 5.818   1.00 0.00 ? 4  ALA A H    5  
ATOM   901  H HA   . ALA A 1 4  ? 1.875  -1.328 3.316   1.00 0.00 ? 4  ALA A HA   5  
ATOM   902  H HB1  . ALA A 1 4  ? 1.155  -2.366 5.774   1.00 0.00 ? 4  ALA A HB1  5  
ATOM   903  H HB2  . ALA A 1 4  ? -0.219 -2.841 4.746   1.00 0.00 ? 4  ALA A HB2  5  
ATOM   904  H HB3  . ALA A 1 4  ? 1.435  -3.321 4.299   1.00 0.00 ? 4  ALA A HB3  5  
ATOM   905  N N    . ILE A 1 5  ? -0.988 0.047  3.441   1.00 0.00 ? 5  ILE A N    5  
ATOM   906  C CA   . ILE A 1 5  ? -2.172 0.426  2.689   1.00 0.00 ? 5  ILE A CA   5  
ATOM   907  C C    . ILE A 1 5  ? -1.747 1.145  1.407   1.00 0.00 ? 5  ILE A C    5  
ATOM   908  O O    . ILE A 1 5  ? -2.296 0.888  0.337   1.00 0.00 ? 5  ILE A O    5  
ATOM   909  C CB   . ILE A 1 5  ? -3.124 1.242  3.566   1.00 0.00 ? 5  ILE A CB   5  
ATOM   910  C CG1  . ILE A 1 5  ? -4.208 0.349  4.175   1.00 0.00 ? 5  ILE A CG1  5  
ATOM   911  C CG2  . ILE A 1 5  ? -3.719 2.415  2.785   1.00 0.00 ? 5  ILE A CG2  5  
ATOM   912  C CD1  . ILE A 1 5  ? -5.094 -0.258 3.086   1.00 0.00 ? 5  ILE A CD1  5  
ATOM   913  H H    . ILE A 1 5  ? -0.808 0.600  4.254   1.00 0.00 ? 5  ILE A H    5  
ATOM   914  H HA   . ILE A 1 5  ? -2.693 -0.492 2.415   1.00 0.00 ? 5  ILE A HA   5  
ATOM   915  H HB   . ILE A 1 5  ? -2.552 1.663  4.392   1.00 0.00 ? 5  ILE A HB   5  
ATOM   916  H HG12 . ILE A 1 5  ? -3.745 -0.446 4.757   1.00 0.00 ? 5  ILE A HG12 5  
ATOM   917  H HG13 . ILE A 1 5  ? -4.821 0.934  4.863   1.00 0.00 ? 5  ILE A HG13 5  
ATOM   918  H HG21 . ILE A 1 5  ? -2.916 3.063  2.433   1.00 0.00 ? 5  ILE A HG21 5  
ATOM   919  H HG22 . ILE A 1 5  ? -4.280 2.036  1.930   1.00 0.00 ? 5  ILE A HG22 5  
ATOM   920  H HG23 . ILE A 1 5  ? -4.386 2.984  3.434   1.00 0.00 ? 5  ILE A HG23 5  
ATOM   921  H HD11 . ILE A 1 5  ? -6.130 0.035  3.255   1.00 0.00 ? 5  ILE A HD11 5  
ATOM   922  H HD12 . ILE A 1 5  ? -4.769 0.103  2.110   1.00 0.00 ? 5  ILE A HD12 5  
ATOM   923  H HD13 . ILE A 1 5  ? -5.014 -1.344 3.117   1.00 0.00 ? 5  ILE A HD13 5  
ATOM   924  N N    . ALA A 1 6  ? -0.775 2.032  1.559   1.00 0.00 ? 6  ALA A N    5  
ATOM   925  C CA   . ALA A 1 6  ? -0.271 2.791  0.426   1.00 0.00 ? 6  ALA A CA   5  
ATOM   926  C C    . ALA A 1 6  ? 0.683  1.913  -0.386  1.00 0.00 ? 6  ALA A C    5  
ATOM   927  O O    . ALA A 1 6  ? 0.895  2.153  -1.575  1.00 0.00 ? 6  ALA A O    5  
ATOM   928  C CB   . ALA A 1 6  ? 0.400  4.070  0.927   1.00 0.00 ? 6  ALA A CB   5  
ATOM   929  H H    . ALA A 1 6  ? -0.334 2.235  2.433   1.00 0.00 ? 6  ALA A H    5  
ATOM   930  H HA   . ALA A 1 6  ? -1.123 3.060  -0.197  1.00 0.00 ? 6  ALA A HA   5  
ATOM   931  H HB1  . ALA A 1 6  ? -0.364 4.768  1.275   1.00 0.00 ? 6  ALA A HB1  5  
ATOM   932  H HB2  . ALA A 1 6  ? 1.074  3.830  1.749   1.00 0.00 ? 6  ALA A HB2  5  
ATOM   933  H HB3  . ALA A 1 6  ? 0.966  4.527  0.114   1.00 0.00 ? 6  ALA A HB3  5  
ATOM   934  N N    . GLY A 1 7  ? 1.233  0.912  0.286   1.00 0.00 ? 7  GLY A N    5  
ATOM   935  C CA   . GLY A 1 7  ? 2.159  -0.003 -0.359  1.00 0.00 ? 7  GLY A CA   5  
ATOM   936  C C    . GLY A 1 7  ? 1.418  -0.969 -1.287  1.00 0.00 ? 7  GLY A C    5  
ATOM   937  O O    . GLY A 1 7  ? 1.919  -1.312 -2.357  1.00 0.00 ? 7  GLY A O    5  
ATOM   938  H H    . GLY A 1 7  ? 1.055  0.722  1.251   1.00 0.00 ? 7  GLY A H    5  
ATOM   939  H HA2  . GLY A 1 7  ? 2.896  0.561  -0.929  1.00 0.00 ? 7  GLY A HA2  5  
ATOM   940  H HA3  . GLY A 1 7  ? 2.704  -0.568 0.398   1.00 0.00 ? 7  GLY A HA3  5  
ATOM   941  N N    . PHE A 1 8  ? 0.238  -1.378 -0.845  1.00 0.00 ? 8  PHE A N    5  
ATOM   942  C CA   . PHE A 1 8  ? -0.575 -2.297 -1.623  1.00 0.00 ? 8  PHE A CA   5  
ATOM   943  C C    . PHE A 1 8  ? -1.464 -1.539 -2.611  1.00 0.00 ? 8  PHE A C    5  
ATOM   944  O O    . PHE A 1 8  ? -1.896 -2.098 -3.617  1.00 0.00 ? 8  PHE A O    5  
ATOM   945  C CB   . PHE A 1 8  ? -1.463 -3.054 -0.635  1.00 0.00 ? 8  PHE A CB   5  
ATOM   946  C CG   . PHE A 1 8  ? -2.709 -3.678 -1.268  1.00 0.00 ? 8  PHE A CG   5  
ATOM   947  C CD1  . PHE A 1 8  ? -3.847 -2.945 -1.393  1.00 0.00 ? 8  PHE A CD1  5  
ATOM   948  C CD2  . PHE A 1 8  ? -2.676 -4.965 -1.706  1.00 0.00 ? 8  PHE A CD2  5  
ATOM   949  C CE1  . PHE A 1 8  ? -5.004 -3.524 -1.982  1.00 0.00 ? 8  PHE A CE1  5  
ATOM   950  C CE2  . PHE A 1 8  ? -3.833 -5.543 -2.295  1.00 0.00 ? 8  PHE A CE2  5  
ATOM   951  C CZ   . PHE A 1 8  ? -4.971 -4.811 -2.419  1.00 0.00 ? 8  PHE A CZ   5  
ATOM   952  H H    . PHE A 1 8  ? -0.162 -1.093 0.027   1.00 0.00 ? 8  PHE A H    5  
ATOM   953  H HA   . PHE A 1 8  ? 0.106  -2.945 -2.173  1.00 0.00 ? 8  PHE A HA   5  
ATOM   954  H HB2  . PHE A 1 8  ? -0.875 -3.842 -0.163  1.00 0.00 ? 8  PHE A HB2  5  
ATOM   955  H HB3  . PHE A 1 8  ? -1.775 -2.371 0.157   1.00 0.00 ? 8  PHE A HB3  5  
ATOM   956  H HD1  . PHE A 1 8  ? -3.873 -1.913 -1.042  1.00 0.00 ? 8  PHE A HD1  5  
ATOM   957  H HD2  . PHE A 1 8  ? -1.764 -5.552 -1.606  1.00 0.00 ? 8  PHE A HD2  5  
ATOM   958  H HE1  . PHE A 1 8  ? -5.917 -2.937 -2.082  1.00 0.00 ? 8  PHE A HE1  5  
ATOM   959  H HE2  . PHE A 1 8  ? -3.807 -6.575 -2.646  1.00 0.00 ? 8  PHE A HE2  5  
ATOM   960  H HZ   . PHE A 1 8  ? -5.859 -5.255 -2.871  1.00 0.00 ? 8  PHE A HZ   5  
ATOM   961  N N    . ILE A 1 9  ? -1.710 -0.278 -2.289  1.00 0.00 ? 9  ILE A N    5  
ATOM   962  C CA   . ILE A 1 9  ? -2.539 0.563  -3.137  1.00 0.00 ? 9  ILE A CA   5  
ATOM   963  C C    . ILE A 1 9  ? -1.712 1.056  -4.325  1.00 0.00 ? 9  ILE A C    5  
ATOM   964  O O    . ILE A 1 9  ? -2.243 1.250  -5.419  1.00 0.00 ? 9  ILE A O    5  
ATOM   965  C CB   . ILE A 1 9  ? -3.172 1.690  -2.319  1.00 0.00 ? 9  ILE A CB   5  
ATOM   966  C CG1  . ILE A 1 9  ? -4.241 1.145  -1.369  1.00 0.00 ? 9  ILE A CG1  5  
ATOM   967  C CG2  . ILE A 1 9  ? -3.722 2.788  -3.231  1.00 0.00 ? 9  ILE A CG2  5  
ATOM   968  C CD1  . ILE A 1 9  ? -5.603 1.072  -2.061  1.00 0.00 ? 9  ILE A CD1  5  
ATOM   969  H H    . ILE A 1 9  ? -1.354 0.170  -1.469  1.00 0.00 ? 9  ILE A H    5  
ATOM   970  H HA   . ILE A 1 9  ? -3.353 -0.056 -3.515  1.00 0.00 ? 9  ILE A HA   5  
ATOM   971  H HB   . ILE A 1 9  ? -2.395 2.142  -1.703  1.00 0.00 ? 9  ILE A HB   5  
ATOM   972  H HG12 . ILE A 1 9  ? -3.952 0.154  -1.021  1.00 0.00 ? 9  ILE A HG12 5  
ATOM   973  H HG13 . ILE A 1 9  ? -4.311 1.784  -0.488  1.00 0.00 ? 9  ILE A HG13 5  
ATOM   974  H HG21 . ILE A 1 9  ? -2.895 3.304  -3.718  1.00 0.00 ? 9  ILE A HG21 5  
ATOM   975  H HG22 . ILE A 1 9  ? -4.369 2.342  -3.987  1.00 0.00 ? 9  ILE A HG22 5  
ATOM   976  H HG23 . ILE A 1 9  ? -4.295 3.501  -2.638  1.00 0.00 ? 9  ILE A HG23 5  
ATOM   977  H HD11 . ILE A 1 9  ? -6.334 0.634  -1.381  1.00 0.00 ? 9  ILE A HD11 5  
ATOM   978  H HD12 . ILE A 1 9  ? -5.924 2.075  -2.341  1.00 0.00 ? 9  ILE A HD12 5  
ATOM   979  H HD13 . ILE A 1 9  ? -5.523 0.454  -2.955  1.00 0.00 ? 9  ILE A HD13 5  
ATOM   980  N N    . LYS A 1 10 ? -0.425 1.243  -4.072  1.00 0.00 ? 10 LYS A N    5  
ATOM   981  C CA   . LYS A 1 10 ? 0.481  1.709  -5.109  1.00 0.00 ? 10 LYS A CA   5  
ATOM   982  C C    . LYS A 1 10 ? 1.035  0.507  -5.875  1.00 0.00 ? 10 LYS A C    5  
ATOM   983  O O    . LYS A 1 10 ? 1.276  0.590  -7.078  1.00 0.00 ? 10 LYS A O    5  
ATOM   984  C CB   . LYS A 1 10 ? 1.563  2.609  -4.508  1.00 0.00 ? 10 LYS A CB   5  
ATOM   985  C CG   . LYS A 1 10 ? 1.932  3.740  -5.471  1.00 0.00 ? 10 LYS A CG   5  
ATOM   986  C CD   . LYS A 1 10 ? 3.178  3.384  -6.284  1.00 0.00 ? 10 LYS A CD   5  
ATOM   987  C CE   . LYS A 1 10 ? 4.228  4.494  -6.193  1.00 0.00 ? 10 LYS A CE   5  
ATOM   988  N NZ   . LYS A 1 10 ? 5.362  4.067  -5.343  1.00 0.00 ? 10 LYS A NZ   5  
ATOM   989  H H    . LYS A 1 10 ? -0.001 1.083  -3.181  1.00 0.00 ? 10 LYS A H    5  
ATOM   990  H HA   . LYS A 1 10 ? -0.100 2.321  -5.799  1.00 0.00 ? 10 LYS A HA   5  
ATOM   991  H HB2  . LYS A 1 10 ? 1.212  3.029  -3.566  1.00 0.00 ? 10 LYS A HB2  5  
ATOM   992  H HB3  . LYS A 1 10 ? 2.449  2.016  -4.282  1.00 0.00 ? 10 LYS A HB3  5  
ATOM   993  H HG2  . LYS A 1 10 ? 1.098  3.936  -6.145  1.00 0.00 ? 10 LYS A HG2  5  
ATOM   994  H HG3  . LYS A 1 10 ? 2.109  4.657  -4.909  1.00 0.00 ? 10 LYS A HG3  5  
ATOM   995  H HD2  . LYS A 1 10 ? 3.601  2.448  -5.918  1.00 0.00 ? 10 LYS A HD2  5  
ATOM   996  H HD3  . LYS A 1 10 ? 2.903  3.223  -7.326  1.00 0.00 ? 10 LYS A HD3  5  
ATOM   997  H HE2  . LYS A 1 10 ? 4.588  4.745  -7.191  1.00 0.00 ? 10 LYS A HE2  5  
ATOM   998  H HE3  . LYS A 1 10 ? 3.776  5.397  -5.780  1.00 0.00 ? 10 LYS A HE3  5  
ATOM   999  H HZ1  . LYS A 1 10 ? 6.130  4.727  -5.376  1.00 0.00 ? 10 LYS A HZ1  5  
ATOM   1000 H HZ3  . LYS A 1 10 ? 5.734  3.168  -5.631  1.00 0.00 ? 10 LYS A HZ3  5  
ATOM   1001 N N    . ASN A 1 11 ? 1.221  -0.584 -5.145  1.00 0.00 ? 11 ASN A N    5  
ATOM   1002 C CA   . ASN A 1 11 ? 1.742  -1.802 -5.741  1.00 0.00 ? 11 ASN A CA   5  
ATOM   1003 C C    . ASN A 1 11 ? 0.669  -2.430 -6.633  1.00 0.00 ? 11 ASN A C    5  
ATOM   1004 O O    . ASN A 1 11 ? 0.985  -3.072 -7.632  1.00 0.00 ? 11 ASN A O    5  
ATOM   1005 C CB   . ASN A 1 11 ? 2.120  -2.822 -4.666  1.00 0.00 ? 11 ASN A CB   5  
ATOM   1006 C CG   . ASN A 1 11 ? 3.501  -2.518 -4.082  1.00 0.00 ? 11 ASN A CG   5  
ATOM   1007 O OD1  . ASN A 1 11 ? 4.339  -1.881 -4.699  1.00 0.00 ? 11 ASN A OD1  5  
ATOM   1008 N ND2  . ASN A 1 11 ? 3.691  -3.007 -2.859  1.00 0.00 ? 11 ASN A ND2  5  
ATOM   1009 H H    . ASN A 1 11 ? 1.022  -0.644 -4.167  1.00 0.00 ? 11 ASN A H    5  
ATOM   1010 H HA   . ASN A 1 11 ? 2.623  -1.492 -6.304  1.00 0.00 ? 11 ASN A HA   5  
ATOM   1011 H HB2  . ASN A 1 11 ? 1.375  -2.812 -3.871  1.00 0.00 ? 11 ASN A HB2  5  
ATOM   1012 H HB3  . ASN A 1 11 ? 2.116  -3.825 -5.093  1.00 0.00 ? 11 ASN A HB3  5  
ATOM   1013 H HD21 . ASN A 1 11 ? 2.963  -3.522 -2.408  1.00 0.00 ? 11 ASN A HD21 5  
ATOM   1014 H HD22 . ASN A 1 11 ? 4.563  -2.861 -2.391  1.00 0.00 ? 11 ASN A HD22 5  
ATOM   1015 N N    . ILE A 1 12 ? -0.579 -2.220 -6.237  1.00 0.00 ? 12 ILE A N    5  
ATOM   1016 C CA   . ILE A 1 12 ? -1.701 -2.757 -6.987  1.00 0.00 ? 12 ILE A CA   5  
ATOM   1017 C C    . ILE A 1 12 ? -2.073 -1.785 -8.109  1.00 0.00 ? 12 ILE A C    5  
ATOM   1018 O O    . ILE A 1 12 ? -2.440 -2.206 -9.204  1.00 0.00 ? 12 ILE A O    5  
ATOM   1019 C CB   . ILE A 1 12 ? -2.864 -3.087 -6.049  1.00 0.00 ? 12 ILE A CB   5  
ATOM   1020 C CG1  . ILE A 1 12 ? -2.474 -4.184 -5.057  1.00 0.00 ? 12 ILE A CG1  5  
ATOM   1021 C CG2  . ILE A 1 12 ? -4.121 -3.451 -6.842  1.00 0.00 ? 12 ILE A CG2  5  
ATOM   1022 C CD1  . ILE A 1 12 ? -2.741 -5.573 -5.641  1.00 0.00 ? 12 ILE A CD1  5  
ATOM   1023 H H    . ILE A 1 12 ? -0.827 -1.696 -5.422  1.00 0.00 ? 12 ILE A H    5  
ATOM   1024 H HA   . ILE A 1 12 ? -1.375 -3.694 -7.438  1.00 0.00 ? 12 ILE A HA   5  
ATOM   1025 H HB   . ILE A 1 12 ? -3.097 -2.195 -5.468  1.00 0.00 ? 12 ILE A HB   5  
ATOM   1026 H HG12 . ILE A 1 12 ? -1.418 -4.089 -4.801  1.00 0.00 ? 12 ILE A HG12 5  
ATOM   1027 H HG13 . ILE A 1 12 ? -3.038 -4.060 -4.133  1.00 0.00 ? 12 ILE A HG13 5  
ATOM   1028 H HG21 . ILE A 1 12 ? -4.634 -4.277 -6.350  1.00 0.00 ? 12 ILE A HG21 5  
ATOM   1029 H HG22 . ILE A 1 12 ? -4.785 -2.587 -6.889  1.00 0.00 ? 12 ILE A HG22 5  
ATOM   1030 H HG23 . ILE A 1 12 ? -3.840 -3.749 -7.852  1.00 0.00 ? 12 ILE A HG23 5  
ATOM   1031 H HD11 . ILE A 1 12 ? -2.835 -5.498 -6.725  1.00 0.00 ? 12 ILE A HD11 5  
ATOM   1032 H HD12 . ILE A 1 12 ? -1.911 -6.236 -5.394  1.00 0.00 ? 12 ILE A HD12 5  
ATOM   1033 H HD13 . ILE A 1 12 ? -3.664 -5.972 -5.222  1.00 0.00 ? 12 ILE A HD13 5  
ATOM   1034 N N    . TRP A 1 13 ? -1.962 -0.502 -7.795  1.00 0.00 ? 13 TRP A N    5  
ATOM   1035 C CA   . TRP A 1 13 ? -2.281 0.533  -8.763  1.00 0.00 ? 13 TRP A CA   5  
ATOM   1036 C C    . TRP A 1 13 ? -1.618 1.833  -8.300  1.00 0.00 ? 13 TRP A C    5  
ATOM   1037 O O    . TRP A 1 13 ? -2.170 2.555  -7.472  1.00 0.00 ? 13 TRP A O    5  
ATOM   1038 C CB   . TRP A 1 13 ? -3.794 0.668  -8.945  1.00 0.00 ? 13 TRP A CB   5  
ATOM   1039 C CG   . TRP A 1 13 ? -4.509 1.319  -7.760  1.00 0.00 ? 13 TRP A CG   5  
ATOM   1040 C CD1  . TRP A 1 13 ? -5.007 0.724  -6.667  1.00 0.00 ? 13 TRP A CD1  5  
ATOM   1041 C CD2  . TRP A 1 13 ? -4.785 2.727  -7.590  1.00 0.00 ? 13 TRP A CD2  5  
ATOM   1042 N NE1  . TRP A 1 13 ? -5.583 1.640  -5.810  1.00 0.00 ? 13 TRP A NE1  5  
ATOM   1043 C CE2  . TRP A 1 13 ? -5.443 2.896  -6.389  1.00 0.00 ? 13 TRP A CE2  5  
ATOM   1044 C CE3  . TRP A 1 13 ? -4.490 3.818  -8.425  1.00 0.00 ? 13 TRP A CE3  5  
ATOM   1045 C CZ2  . TRP A 1 13 ? -5.861 4.144  -5.914  1.00 0.00 ? 13 TRP A CZ2  5  
ATOM   1046 C CZ3  . TRP A 1 13 ? -4.913 5.060  -7.935  1.00 0.00 ? 13 TRP A CZ3  5  
ATOM   1047 C CH2  . TRP A 1 13 ? -5.578 5.247  -6.729  1.00 0.00 ? 13 TRP A CH2  5  
ATOM   1048 H H    . TRP A 1 13 ? -1.662 -0.167 -6.902  1.00 0.00 ? 13 TRP A H    5  
ATOM   1049 H HA   . TRP A 1 13 ? -1.871 0.230  -9.726  1.00 0.00 ? 13 TRP A HA   5  
ATOM   1050 H HB2  . TRP A 1 13 ? -3.993 1.253  -9.842  1.00 0.00 ? 13 TRP A HB2  5  
ATOM   1051 H HB3  . TRP A 1 13 ? -4.218 -0.322 -9.112  1.00 0.00 ? 13 TRP A HB3  5  
ATOM   1052 H HD1  . TRP A 1 13 ? -4.962 -0.349 -6.479  1.00 0.00 ? 13 TRP A HD1  5  
ATOM   1053 H HE1  . TRP A 1 13 ? -6.059 1.418  -4.854  1.00 0.00 ? 13 TRP A HE1  5  
ATOM   1054 H HE3  . TRP A 1 13 ? -3.971 3.710  -9.377  1.00 0.00 ? 13 TRP A HE3  5  
ATOM   1055 H HZ2  . TRP A 1 13 ? -6.379 4.253  -4.961  1.00 0.00 ? 13 TRP A HZ2  5  
ATOM   1056 H HZ3  . TRP A 1 13 ? -4.709 5.940  -8.544  1.00 0.00 ? 13 TRP A HZ3  5  
ATOM   1057 H HH2  . TRP A 1 13 ? -5.875 6.249  -6.417  1.00 0.00 ? 13 TRP A HH2  5  
HETATM 1058 N N    . NH2 A 1 14 ? -0.443 2.091  -8.857  1.00 0.00 ? 14 NH2 A N    5  
HETATM 1059 H HN1  . NH2 A 1 14 ? 0.056  2.921  -8.608  1.00 0.00 ? 14 NH2 A HN1  5  
HETATM 1060 H HN2  . NH2 A 1 14 ? -0.056 1.456  -9.525  1.00 0.00 ? 14 NH2 A HN2  5  
ATOM   1061 N N    . ILE A 1 1  ? 2.968  -2.298 8.706   1.00 0.00 ? 1  ILE A N    6  
ATOM   1062 C CA   . ILE A 1 1  ? 2.520  -1.593 9.895   1.00 0.00 ? 1  ILE A CA   6  
ATOM   1063 C C    . ILE A 1 1  ? 2.325  -0.112 9.562   1.00 0.00 ? 1  ILE A C    6  
ATOM   1064 O O    . ILE A 1 1  ? 3.295  0.637  9.452   1.00 0.00 ? 1  ILE A O    6  
ATOM   1065 C CB   . ILE A 1 1  ? 3.483  -1.840 11.059  1.00 0.00 ? 1  ILE A CB   6  
ATOM   1066 C CG1  . ILE A 1 1  ? 4.873  -1.282 10.748  1.00 0.00 ? 1  ILE A CG1  6  
ATOM   1067 C CG2  . ILE A 1 1  ? 3.529  -3.323 11.428  1.00 0.00 ? 1  ILE A CG2  6  
ATOM   1068 C CD1  . ILE A 1 1  ? 5.261  -0.187 11.741  1.00 0.00 ? 1  ILE A CD1  6  
ATOM   1069 H H1   . ILE A 1 1  ? 3.387  -1.721 8.005   1.00 0.00 ? 1  ILE A H1   6  
ATOM   1070 H HA   . ILE A 1 1  ? 1.556  -2.013 10.180  1.00 0.00 ? 1  ILE A HA   6  
ATOM   1071 H HB   . ILE A 1 1  ? 3.109  -1.302 11.930  1.00 0.00 ? 1  ILE A HB   6  
ATOM   1072 H HG12 . ILE A 1 1  ? 5.607  -2.088 10.783  1.00 0.00 ? 1  ILE A HG12 6  
ATOM   1073 H HG13 . ILE A 1 1  ? 4.891  -0.882 9.734   1.00 0.00 ? 1  ILE A HG13 6  
ATOM   1074 H HG21 . ILE A 1 1  ? 3.679  -3.426 12.501  1.00 0.00 ? 1  ILE A HG21 6  
ATOM   1075 H HG22 . ILE A 1 1  ? 2.588  -3.797 11.147  1.00 0.00 ? 1  ILE A HG22 6  
ATOM   1076 H HG23 . ILE A 1 1  ? 4.350  -3.804 10.898  1.00 0.00 ? 1  ILE A HG23 6  
ATOM   1077 H HD11 . ILE A 1 1  ? 4.972  0.785  11.342  1.00 0.00 ? 1  ILE A HD11 6  
ATOM   1078 H HD12 . ILE A 1 1  ? 4.747  -0.357 12.688  1.00 0.00 ? 1  ILE A HD12 6  
ATOM   1079 H HD13 . ILE A 1 1  ? 6.338  -0.207 11.905  1.00 0.00 ? 1  ILE A HD13 6  
ATOM   1080 N N    . PHE A 1 2  ? 1.064  0.266  9.410   1.00 0.00 ? 2  PHE A N    6  
ATOM   1081 C CA   . PHE A 1 2  ? 0.729  1.643  9.092   1.00 0.00 ? 2  PHE A CA   6  
ATOM   1082 C C    . PHE A 1 2  ? 1.518  2.132  7.874   1.00 0.00 ? 2  PHE A C    6  
ATOM   1083 O O    . PHE A 1 2  ? 2.528  2.816  8.017   1.00 0.00 ? 2  PHE A O    6  
ATOM   1084 C CB   . PHE A 1 2  ? 1.115  2.490  10.305  1.00 0.00 ? 2  PHE A CB   6  
ATOM   1085 C CG   . PHE A 1 2  ? 0.291  3.769  10.461  1.00 0.00 ? 2  PHE A CG   6  
ATOM   1086 C CD1  . PHE A 1 2  ? -1.025 3.693  10.802  1.00 0.00 ? 2  PHE A CD1  6  
ATOM   1087 C CD2  . PHE A 1 2  ? 0.871  4.982  10.259  1.00 0.00 ? 2  PHE A CD2  6  
ATOM   1088 C CE1  . PHE A 1 2  ? -1.790 4.881  10.945  1.00 0.00 ? 2  PHE A CE1  6  
ATOM   1089 C CE2  . PHE A 1 2  ? 0.105  6.170  10.402  1.00 0.00 ? 2  PHE A CE2  6  
ATOM   1090 C CZ   . PHE A 1 2  ? -1.209 6.093  10.742  1.00 0.00 ? 2  PHE A CZ   6  
ATOM   1091 H H    . PHE A 1 2  ? 0.282  -0.349 9.501   1.00 0.00 ? 2  PHE A H    6  
ATOM   1092 H HA   . PHE A 1 2  ? -0.336 1.674  8.869   1.00 0.00 ? 2  PHE A HA   6  
ATOM   1093 H HB2  . PHE A 1 2  ? 1.004  1.887  11.207  1.00 0.00 ? 2  PHE A HB2  6  
ATOM   1094 H HB3  . PHE A 1 2  ? 2.170  2.757  10.230  1.00 0.00 ? 2  PHE A HB3  6  
ATOM   1095 H HD1  . PHE A 1 2  ? -1.490 2.721  10.963  1.00 0.00 ? 2  PHE A HD1  6  
ATOM   1096 H HD2  . PHE A 1 2  ? 1.925  5.043  9.986   1.00 0.00 ? 2  PHE A HD2  6  
ATOM   1097 H HE1  . PHE A 1 2  ? -2.843 4.819  11.217  1.00 0.00 ? 2  PHE A HE1  6  
ATOM   1098 H HE2  . PHE A 1 2  ? 0.571  7.141  10.239  1.00 0.00 ? 2  PHE A HE2  6  
ATOM   1099 H HZ   . PHE A 1 2  ? -1.797 7.004  10.852  1.00 0.00 ? 2  PHE A HZ   6  
ATOM   1100 N N    . GLY A 1 3  ? 1.023  1.759  6.701   1.00 0.00 ? 3  GLY A N    6  
ATOM   1101 C CA   . GLY A 1 3  ? 1.667  2.151  5.460   1.00 0.00 ? 3  GLY A CA   6  
ATOM   1102 C C    . GLY A 1 3  ? 1.490  1.074  4.388   1.00 0.00 ? 3  GLY A C    6  
ATOM   1103 O O    . GLY A 1 3  ? 1.637  1.349  3.198   1.00 0.00 ? 3  GLY A O    6  
ATOM   1104 H H    . GLY A 1 3  ? 0.200  1.202  6.594   1.00 0.00 ? 3  GLY A H    6  
ATOM   1105 H HA2  . GLY A 1 3  ? 1.245  3.092  5.108   1.00 0.00 ? 3  GLY A HA2  6  
ATOM   1106 H HA3  . GLY A 1 3  ? 2.730  2.323  5.636   1.00 0.00 ? 3  GLY A HA3  6  
ATOM   1107 N N    . ALA A 1 4  ? 1.176  -0.129 4.847   1.00 0.00 ? 4  ALA A N    6  
ATOM   1108 C CA   . ALA A 1 4  ? 0.978  -1.248 3.942   1.00 0.00 ? 4  ALA A CA   6  
ATOM   1109 C C    . ALA A 1 4  ? -0.233 -0.968 3.050   1.00 0.00 ? 4  ALA A C    6  
ATOM   1110 O O    . ALA A 1 4  ? -0.450 -1.660 2.057   1.00 0.00 ? 4  ALA A O    6  
ATOM   1111 C CB   . ALA A 1 4  ? 0.820  -2.537 4.751   1.00 0.00 ? 4  ALA A CB   6  
ATOM   1112 H H    . ALA A 1 4  ? 1.058  -0.343 5.817   1.00 0.00 ? 4  ALA A H    6  
ATOM   1113 H HA   . ALA A 1 4  ? 1.867  -1.332 3.318   1.00 0.00 ? 4  ALA A HA   6  
ATOM   1114 H HB1  . ALA A 1 4  ? 1.752  -2.755 5.272   1.00 0.00 ? 4  ALA A HB1  6  
ATOM   1115 H HB2  . ALA A 1 4  ? 0.017  -2.412 5.479   1.00 0.00 ? 4  ALA A HB2  6  
ATOM   1116 H HB3  . ALA A 1 4  ? 0.577  -3.360 4.080   1.00 0.00 ? 4  ALA A HB3  6  
ATOM   1117 N N    . ILE A 1 5  ? -0.990 0.050  3.436   1.00 0.00 ? 5  ILE A N    6  
ATOM   1118 C CA   . ILE A 1 5  ? -2.173 0.429  2.683   1.00 0.00 ? 5  ILE A CA   6  
ATOM   1119 C C    . ILE A 1 5  ? -1.747 1.150  1.403   1.00 0.00 ? 5  ILE A C    6  
ATOM   1120 O O    . ILE A 1 5  ? -2.293 0.894  0.331   1.00 0.00 ? 5  ILE A O    6  
ATOM   1121 C CB   . ILE A 1 5  ? -3.126 1.244  3.560   1.00 0.00 ? 5  ILE A CB   6  
ATOM   1122 C CG1  . ILE A 1 5  ? -4.213 0.351  4.164   1.00 0.00 ? 5  ILE A CG1  6  
ATOM   1123 C CG2  . ILE A 1 5  ? -3.720 2.418  2.779   1.00 0.00 ? 5  ILE A CG2  6  
ATOM   1124 C CD1  . ILE A 1 5  ? -4.510 0.754  5.610   1.00 0.00 ? 5  ILE A CD1  6  
ATOM   1125 H H    . ILE A 1 5  ? -0.807 0.606  4.246   1.00 0.00 ? 5  ILE A H    6  
ATOM   1126 H HA   . ILE A 1 5  ? -2.693 -0.488 2.407   1.00 0.00 ? 5  ILE A HA   6  
ATOM   1127 H HB   . ILE A 1 5  ? -2.557 1.663  4.387   1.00 0.00 ? 5  ILE A HB   6  
ATOM   1128 H HG12 . ILE A 1 5  ? -5.122 0.424  3.568   1.00 0.00 ? 5  ILE A HG12 6  
ATOM   1129 H HG13 . ILE A 1 5  ? -3.892 -0.690 4.131   1.00 0.00 ? 5  ILE A HG13 6  
ATOM   1130 H HG21 . ILE A 1 5  ? -4.646 2.741  3.255   1.00 0.00 ? 5  ILE A HG21 6  
ATOM   1131 H HG22 . ILE A 1 5  ? -3.009 3.246  2.770   1.00 0.00 ? 5  ILE A HG22 6  
ATOM   1132 H HG23 . ILE A 1 5  ? -3.926 2.108  1.755   1.00 0.00 ? 5  ILE A HG23 6  
ATOM   1133 H HD11 . ILE A 1 5  ? -4.680 -0.141 6.209   1.00 0.00 ? 5  ILE A HD11 6  
ATOM   1134 H HD12 . ILE A 1 5  ? -3.663 1.307  6.016   1.00 0.00 ? 5  ILE A HD12 6  
ATOM   1135 H HD13 . ILE A 1 5  ? -5.400 1.383  5.636   1.00 0.00 ? 5  ILE A HD13 6  
ATOM   1136 N N    . ALA A 1 6  ? -0.777 2.039  1.556   1.00 0.00 ? 6  ALA A N    6  
ATOM   1137 C CA   . ALA A 1 6  ? -0.271 2.798  0.426   1.00 0.00 ? 6  ALA A CA   6  
ATOM   1138 C C    . ALA A 1 6  ? 0.684  1.922  -0.387  1.00 0.00 ? 6  ALA A C    6  
ATOM   1139 O O    . ALA A 1 6  ? 0.900  2.165  -1.574  1.00 0.00 ? 6  ALA A O    6  
ATOM   1140 C CB   . ALA A 1 6  ? 0.399  4.079  0.928   1.00 0.00 ? 6  ALA A CB   6  
ATOM   1141 H H    . ALA A 1 6  ? -0.337 2.241  2.432   1.00 0.00 ? 6  ALA A H    6  
ATOM   1142 H HA   . ALA A 1 6  ? -1.122 3.069  -0.198  1.00 0.00 ? 6  ALA A HA   6  
ATOM   1143 H HB1  . ALA A 1 6  ? 0.247  4.878  0.203   1.00 0.00 ? 6  ALA A HB1  6  
ATOM   1144 H HB2  . ALA A 1 6  ? -0.040 4.367  1.884   1.00 0.00 ? 6  ALA A HB2  6  
ATOM   1145 H HB3  . ALA A 1 6  ? 1.467  3.904  1.059   1.00 0.00 ? 6  ALA A HB3  6  
ATOM   1146 N N    . GLY A 1 7  ? 1.231  0.919  0.284   1.00 0.00 ? 7  GLY A N    6  
ATOM   1147 C CA   . GLY A 1 7  ? 2.158  0.004  -0.360  1.00 0.00 ? 7  GLY A CA   6  
ATOM   1148 C C    . GLY A 1 7  ? 1.419  -0.963 -1.287  1.00 0.00 ? 7  GLY A C    6  
ATOM   1149 O O    . GLY A 1 7  ? 1.915  -1.301 -2.361  1.00 0.00 ? 7  GLY A O    6  
ATOM   1150 H H    . GLY A 1 7  ? 1.050  0.727  1.249   1.00 0.00 ? 7  GLY A H    6  
ATOM   1151 H HA2  . GLY A 1 7  ? 2.895  0.569  -0.932  1.00 0.00 ? 7  GLY A HA2  6  
ATOM   1152 H HA3  . GLY A 1 7  ? 2.706  -0.559 0.397   1.00 0.00 ? 7  GLY A HA3  6  
ATOM   1153 N N    . PHE A 1 8  ? 0.245  -1.382 -0.838  1.00 0.00 ? 8  PHE A N    6  
ATOM   1154 C CA   . PHE A 1 8  ? -0.567 -2.304 -1.612  1.00 0.00 ? 8  PHE A CA   6  
ATOM   1155 C C    . PHE A 1 8  ? -1.457 -1.551 -2.603  1.00 0.00 ? 8  PHE A C    6  
ATOM   1156 O O    . PHE A 1 8  ? -1.890 -2.115 -3.607  1.00 0.00 ? 8  PHE A O    6  
ATOM   1157 C CB   . PHE A 1 8  ? -1.454 -3.061 -0.621  1.00 0.00 ? 8  PHE A CB   6  
ATOM   1158 C CG   . PHE A 1 8  ? -2.707 -3.673 -1.251  1.00 0.00 ? 8  PHE A CG   6  
ATOM   1159 C CD1  . PHE A 1 8  ? -2.656 -4.917 -1.798  1.00 0.00 ? 8  PHE A CD1  6  
ATOM   1160 C CD2  . PHE A 1 8  ? -3.875 -2.974 -1.263  1.00 0.00 ? 8  PHE A CD2  6  
ATOM   1161 C CE1  . PHE A 1 8  ? -3.819 -5.485 -2.381  1.00 0.00 ? 8  PHE A CE1  6  
ATOM   1162 C CE2  . PHE A 1 8  ? -5.037 -3.541 -1.846  1.00 0.00 ? 8  PHE A CE2  6  
ATOM   1163 C CZ   . PHE A 1 8  ? -4.985 -4.786 -2.393  1.00 0.00 ? 8  PHE A CZ   6  
ATOM   1164 H H    . PHE A 1 8  ? -0.150 -1.103 0.037   1.00 0.00 ? 8  PHE A H    6  
ATOM   1165 H HA   . PHE A 1 8  ? 0.114  -2.954 -2.161  1.00 0.00 ? 8  PHE A HA   6  
ATOM   1166 H HB2  . PHE A 1 8  ? -0.869 -3.854 -0.158  1.00 0.00 ? 8  PHE A HB2  6  
ATOM   1167 H HB3  . PHE A 1 8  ? -1.756 -2.379 0.174   1.00 0.00 ? 8  PHE A HB3  6  
ATOM   1168 H HD1  . PHE A 1 8  ? -1.721 -5.477 -1.788  1.00 0.00 ? 8  PHE A HD1  6  
ATOM   1169 H HD2  . PHE A 1 8  ? -3.915 -1.976 -0.824  1.00 0.00 ? 8  PHE A HD2  6  
ATOM   1170 H HE1  . PHE A 1 8  ? -3.777 -6.482 -2.820  1.00 0.00 ? 8  PHE A HE1  6  
ATOM   1171 H HE2  . PHE A 1 8  ? -5.971 -2.980 -1.856  1.00 0.00 ? 8  PHE A HE2  6  
ATOM   1172 H HZ   . PHE A 1 8  ? -5.878 -5.222 -2.842  1.00 0.00 ? 8  PHE A HZ   6  
ATOM   1173 N N    . ILE A 1 9  ? -1.704 -0.289 -2.286  1.00 0.00 ? 9  ILE A N    6  
ATOM   1174 C CA   . ILE A 1 9  ? -2.534 0.548  -3.137  1.00 0.00 ? 9  ILE A CA   6  
ATOM   1175 C C    . ILE A 1 9  ? -1.704 1.046  -4.321  1.00 0.00 ? 9  ILE A C    6  
ATOM   1176 O O    . ILE A 1 9  ? -2.233 1.239  -5.415  1.00 0.00 ? 9  ILE A O    6  
ATOM   1177 C CB   . ILE A 1 9  ? -3.176 1.671  -2.320  1.00 0.00 ? 9  ILE A CB   6  
ATOM   1178 C CG1  . ILE A 1 9  ? -4.244 1.120  -1.373  1.00 0.00 ? 9  ILE A CG1  6  
ATOM   1179 C CG2  . ILE A 1 9  ? -3.731 2.765  -3.235  1.00 0.00 ? 9  ILE A CG2  6  
ATOM   1180 C CD1  . ILE A 1 9  ? -5.603 1.034  -2.069  1.00 0.00 ? 9  ILE A CD1  6  
ATOM   1181 H H    . ILE A 1 9  ? -1.348 0.163  -1.468  1.00 0.00 ? 9  ILE A H    6  
ATOM   1182 H HA   . ILE A 1 9  ? -3.343 -0.076 -3.518  1.00 0.00 ? 9  ILE A HA   6  
ATOM   1183 H HB   . ILE A 1 9  ? -2.403 2.130  -1.702  1.00 0.00 ? 9  ILE A HB   6  
ATOM   1184 H HG12 . ILE A 1 9  ? -3.948 0.131  -1.022  1.00 0.00 ? 9  ILE A HG12 6  
ATOM   1185 H HG13 . ILE A 1 9  ? -4.321 1.761  -0.494  1.00 0.00 ? 9  ILE A HG13 6  
ATOM   1186 H HG21 . ILE A 1 9  ? -2.999 3.568  -3.325  1.00 0.00 ? 9  ILE A HG21 6  
ATOM   1187 H HG22 . ILE A 1 9  ? -3.936 2.347  -4.219  1.00 0.00 ? 9  ILE A HG22 6  
ATOM   1188 H HG23 . ILE A 1 9  ? -4.653 3.160  -2.809  1.00 0.00 ? 9  ILE A HG23 6  
ATOM   1189 H HD11 . ILE A 1 9  ? -6.089 0.096  -1.802  1.00 0.00 ? 9  ILE A HD11 6  
ATOM   1190 H HD12 . ILE A 1 9  ? -6.228 1.870  -1.752  1.00 0.00 ? 9  ILE A HD12 6  
ATOM   1191 H HD13 . ILE A 1 9  ? -5.461 1.075  -3.149  1.00 0.00 ? 9  ILE A HD13 6  
ATOM   1192 N N    . LYS A 1 10 ? -0.419 1.239  -4.064  1.00 0.00 ? 10 LYS A N    6  
ATOM   1193 C CA   . LYS A 1 10 ? 0.489  1.711  -5.096  1.00 0.00 ? 10 LYS A CA   6  
ATOM   1194 C C    . LYS A 1 10 ? 1.039  0.513  -5.870  1.00 0.00 ? 10 LYS A C    6  
ATOM   1195 O O    . LYS A 1 10 ? 1.289  0.608  -7.071  1.00 0.00 ? 10 LYS A O    6  
ATOM   1196 C CB   . LYS A 1 10 ? 1.573  2.603  -4.488  1.00 0.00 ? 10 LYS A CB   6  
ATOM   1197 C CG   . LYS A 1 10 ? 2.135  3.571  -5.531  1.00 0.00 ? 10 LYS A CG   6  
ATOM   1198 C CD   . LYS A 1 10 ? 3.642  3.759  -5.348  1.00 0.00 ? 10 LYS A CD   6  
ATOM   1199 C CE   . LYS A 1 10 ? 4.396  3.432  -6.638  1.00 0.00 ? 10 LYS A CE   6  
ATOM   1200 N NZ   . LYS A 1 10 ? 5.854  3.606  -6.447  1.00 0.00 ? 10 LYS A NZ   6  
ATOM   1201 H H    . LYS A 1 10 ? 0.003  1.080  -3.171  1.00 0.00 ? 10 LYS A H    6  
ATOM   1202 H HA   . LYS A 1 10 ? -0.091 2.329  -5.781  1.00 0.00 ? 10 LYS A HA   6  
ATOM   1203 H HB2  . LYS A 1 10 ? 1.161  3.165  -3.650  1.00 0.00 ? 10 LYS A HB2  6  
ATOM   1204 H HB3  . LYS A 1 10 ? 2.378  1.984  -4.090  1.00 0.00 ? 10 LYS A HB3  6  
ATOM   1205 H HG2  . LYS A 1 10 ? 1.932  3.190  -6.532  1.00 0.00 ? 10 LYS A HG2  6  
ATOM   1206 H HG3  . LYS A 1 10 ? 1.631  4.534  -5.447  1.00 0.00 ? 10 LYS A HG3  6  
ATOM   1207 H HD2  . LYS A 1 10 ? 3.850  4.788  -5.053  1.00 0.00 ? 10 LYS A HD2  6  
ATOM   1208 H HD3  . LYS A 1 10 ? 3.997  3.118  -4.542  1.00 0.00 ? 10 LYS A HD3  6  
ATOM   1209 H HE2  . LYS A 1 10 ? 4.184  2.406  -6.940  1.00 0.00 ? 10 LYS A HE2  6  
ATOM   1210 H HE3  . LYS A 1 10 ? 4.050  4.079  -7.445  1.00 0.00 ? 10 LYS A HE3  6  
ATOM   1211 H HZ1  . LYS A 1 10 ? 6.375  3.406  -7.292  1.00 0.00 ? 10 LYS A HZ1  6  
ATOM   1212 H HZ3  . LYS A 1 10 ? 6.218  2.994  -5.724  1.00 0.00 ? 10 LYS A HZ3  6  
ATOM   1213 N N    . ASN A 1 11 ? 1.214  -0.586 -5.152  1.00 0.00 ? 11 ASN A N    6  
ATOM   1214 C CA   . ASN A 1 11 ? 1.732  -1.802 -5.757  1.00 0.00 ? 11 ASN A CA   6  
ATOM   1215 C C    . ASN A 1 11 ? 0.650  -2.426 -6.641  1.00 0.00 ? 11 ASN A C    6  
ATOM   1216 O O    . ASN A 1 11 ? 0.957  -3.067 -7.645  1.00 0.00 ? 11 ASN A O    6  
ATOM   1217 C CB   . ASN A 1 11 ? 2.119  -2.827 -4.689  1.00 0.00 ? 11 ASN A CB   6  
ATOM   1218 C CG   . ASN A 1 11 ? 3.514  -2.536 -4.131  1.00 0.00 ? 11 ASN A CG   6  
ATOM   1219 O OD1  . ASN A 1 11 ? 4.296  -1.792 -4.700  1.00 0.00 ? 11 ASN A OD1  6  
ATOM   1220 N ND2  . ASN A 1 11 ? 3.781  -3.162 -2.989  1.00 0.00 ? 11 ASN A ND2  6  
ATOM   1221 H H    . ASN A 1 11 ? 1.009  -0.655 -4.175  1.00 0.00 ? 11 ASN A H    6  
ATOM   1222 H HA   . ASN A 1 11 ? 2.606  -1.488 -6.327  1.00 0.00 ? 11 ASN A HA   6  
ATOM   1223 H HB2  . ASN A 1 11 ? 1.389  -2.809 -3.879  1.00 0.00 ? 11 ASN A HB2  6  
ATOM   1224 H HB3  . ASN A 1 11 ? 2.096  -3.830 -5.117  1.00 0.00 ? 11 ASN A HB3  6  
ATOM   1225 H HD21 . ASN A 1 11 ? 3.094  -3.761 -2.574  1.00 0.00 ? 11 ASN A HD21 6  
ATOM   1226 H HD22 . ASN A 1 11 ? 4.667  -3.037 -2.545  1.00 0.00 ? 11 ASN A HD22 6  
ATOM   1227 N N    . ILE A 1 12 ? -0.594 -2.218 -6.236  1.00 0.00 ? 12 ILE A N    6  
ATOM   1228 C CA   . ILE A 1 12 ? -1.722 -2.752 -6.979  1.00 0.00 ? 12 ILE A CA   6  
ATOM   1229 C C    . ILE A 1 12 ? -2.095 -1.781 -8.101  1.00 0.00 ? 12 ILE A C    6  
ATOM   1230 O O    . ILE A 1 12 ? -2.486 -2.204 -9.188  1.00 0.00 ? 12 ILE A O    6  
ATOM   1231 C CB   . ILE A 1 12 ? -2.882 -3.073 -6.035  1.00 0.00 ? 12 ILE A CB   6  
ATOM   1232 C CG1  . ILE A 1 12 ? -2.499 -4.184 -5.055  1.00 0.00 ? 12 ILE A CG1  6  
ATOM   1233 C CG2  . ILE A 1 12 ? -4.151 -3.413 -6.819  1.00 0.00 ? 12 ILE A CG2  6  
ATOM   1234 C CD1  . ILE A 1 12 ? -2.711 -5.565 -5.680  1.00 0.00 ? 12 ILE A CD1  6  
ATOM   1235 H H    . ILE A 1 12 ? -0.836 -1.695 -5.418  1.00 0.00 ? 12 ILE A H    6  
ATOM   1236 H HA   . ILE A 1 12 ? -1.403 -3.692 -7.427  1.00 0.00 ? 12 ILE A HA   6  
ATOM   1237 H HB   . ILE A 1 12 ? -3.099 -2.182 -5.443  1.00 0.00 ? 12 ILE A HB   6  
ATOM   1238 H HG12 . ILE A 1 12 ? -1.456 -4.070 -4.760  1.00 0.00 ? 12 ILE A HG12 6  
ATOM   1239 H HG13 . ILE A 1 12 ? -3.098 -4.096 -4.148  1.00 0.00 ? 12 ILE A HG13 6  
ATOM   1240 H HG21 . ILE A 1 12 ? -4.766 -2.519 -6.920  1.00 0.00 ? 12 ILE A HG21 6  
ATOM   1241 H HG22 . ILE A 1 12 ? -3.879 -3.780 -7.808  1.00 0.00 ? 12 ILE A HG22 6  
ATOM   1242 H HG23 . ILE A 1 12 ? -4.711 -4.183 -6.288  1.00 0.00 ? 12 ILE A HG23 6  
ATOM   1243 H HD11 . ILE A 1 12 ? -1.832 -6.182 -5.501  1.00 0.00 ? 12 ILE A HD11 6  
ATOM   1244 H HD12 . ILE A 1 12 ? -3.585 -6.037 -5.229  1.00 0.00 ? 12 ILE A HD12 6  
ATOM   1245 H HD13 . ILE A 1 12 ? -2.870 -5.456 -6.752  1.00 0.00 ? 12 ILE A HD13 6  
ATOM   1246 N N    . TRP A 1 13 ? -1.959 -0.498 -7.801  1.00 0.00 ? 13 TRP A N    6  
ATOM   1247 C CA   . TRP A 1 13 ? -2.276 0.535  -8.770  1.00 0.00 ? 13 TRP A CA   6  
ATOM   1248 C C    . TRP A 1 13 ? -1.119 0.619  -9.767  1.00 0.00 ? 13 TRP A C    6  
ATOM   1249 O O    . TRP A 1 13 ? -0.277 1.513  -9.676  1.00 0.00 ? 13 TRP A O    6  
ATOM   1250 C CB   . TRP A 1 13 ? -2.564 1.869  -8.077  1.00 0.00 ? 13 TRP A CB   6  
ATOM   1251 C CG   . TRP A 1 13 ? -3.888 1.898  -7.309  1.00 0.00 ? 13 TRP A CG   6  
ATOM   1252 C CD1  . TRP A 1 13 ? -4.547 0.868  -6.762  1.00 0.00 ? 13 TRP A CD1  6  
ATOM   1253 C CD2  . TRP A 1 13 ? -4.691 3.064  -7.024  1.00 0.00 ? 13 TRP A CD2  6  
ATOM   1254 N NE1  . TRP A 1 13 ? -5.712 1.282  -6.150  1.00 0.00 ? 13 TRP A NE1  6  
ATOM   1255 C CE2  . TRP A 1 13 ? -5.802 2.659  -6.313  1.00 0.00 ? 13 TRP A CE2  6  
ATOM   1256 C CE3  . TRP A 1 13 ? -4.485 4.413  -7.357  1.00 0.00 ? 13 TRP A CE3  6  
ATOM   1257 C CZ2  . TRP A 1 13 ? -6.794 3.544  -5.873  1.00 0.00 ? 13 TRP A CZ2  6  
ATOM   1258 C CZ3  . TRP A 1 13 ? -5.486 5.285  -6.911  1.00 0.00 ? 13 TRP A CZ3  6  
ATOM   1259 C CH2  . TRP A 1 13 ? -6.610 4.894  -6.194  1.00 0.00 ? 13 TRP A CH2  6  
ATOM   1260 H H    . TRP A 1 13 ? -1.641 -0.162 -6.913  1.00 0.00 ? 13 TRP A H    6  
ATOM   1261 H HA   . TRP A 1 13 ? -3.191 0.242  -9.284  1.00 0.00 ? 13 TRP A HA   6  
ATOM   1262 H HB2  . TRP A 1 13 ? -1.750 2.091  -7.386  1.00 0.00 ? 13 TRP A HB2  6  
ATOM   1263 H HB3  . TRP A 1 13 ? -2.572 2.662  -8.824  1.00 0.00 ? 13 TRP A HB3  6  
ATOM   1264 H HD1  . TRP A 1 13 ? -4.207 -0.166 -6.799  1.00 0.00 ? 13 TRP A HD1  6  
ATOM   1265 H HE1  . TRP A 1 13 ? -6.430 0.646  -5.631  1.00 0.00 ? 13 TRP A HE1  6  
ATOM   1266 H HE3  . TRP A 1 13 ? -3.616 4.757  -7.918  1.00 0.00 ? 13 TRP A HE3  6  
ATOM   1267 H HZ2  . TRP A 1 13 ? -7.664 3.199  -5.313  1.00 0.00 ? 13 TRP A HZ2  6  
ATOM   1268 H HZ3  . TRP A 1 13 ? -5.375 6.345  -7.142  1.00 0.00 ? 13 TRP A HZ3  6  
ATOM   1269 H HH2  . TRP A 1 13 ? -7.345 5.635  -5.881  1.00 0.00 ? 13 TRP A HH2  6  
HETATM 1270 N N    . NH2 A 1 14 ? -1.113 -0.323 -10.698 1.00 0.00 ? 14 NH2 A N    6  
HETATM 1271 H HN1  . NH2 A 1 14 ? -0.392 -0.340 -11.389 1.00 0.00 ? 14 NH2 A HN1  6  
HETATM 1272 H HN2  . NH2 A 1 14 ? -1.832 -1.019 -10.711 1.00 0.00 ? 14 NH2 A HN2  6  
ATOM   1273 N N    . ILE A 1 1  ? 2.221  -2.331 9.163   1.00 0.00 ? 1  ILE A N    7  
ATOM   1274 C CA   . ILE A 1 1  ? 1.119  -1.996 10.049  1.00 0.00 ? 1  ILE A CA   7  
ATOM   1275 C C    . ILE A 1 1  ? 0.459  -0.702 9.568   1.00 0.00 ? 1  ILE A C    7  
ATOM   1276 O O    . ILE A 1 1  ? -0.726 -0.690 9.238   1.00 0.00 ? 1  ILE A O    7  
ATOM   1277 C CB   . ILE A 1 1  ? 1.598  -1.938 11.502  1.00 0.00 ? 1  ILE A CB   7  
ATOM   1278 C CG1  . ILE A 1 1  ? 2.152  -3.292 11.950  1.00 0.00 ? 1  ILE A CG1  7  
ATOM   1279 C CG2  . ILE A 1 1  ? 0.485  -1.439 12.426  1.00 0.00 ? 1  ILE A CG2  7  
ATOM   1280 C CD1  . ILE A 1 1  ? 3.568  -3.147 12.510  1.00 0.00 ? 1  ILE A CD1  7  
ATOM   1281 H H1   . ILE A 1 1  ? 2.918  -2.926 9.561   1.00 0.00 ? 1  ILE A H1   7  
ATOM   1282 H HA   . ILE A 1 1  ? 0.389  -2.801 9.982   1.00 0.00 ? 1  ILE A HA   7  
ATOM   1283 H HB   . ILE A 1 1  ? 2.416  -1.220 11.563  1.00 0.00 ? 1  ILE A HB   7  
ATOM   1284 H HG12 . ILE A 1 1  ? 1.499  -3.723 12.708  1.00 0.00 ? 1  ILE A HG12 7  
ATOM   1285 H HG13 . ILE A 1 1  ? 2.160  -3.983 11.107  1.00 0.00 ? 1  ILE A HG13 7  
ATOM   1286 H HG21 . ILE A 1 1  ? 0.544  -1.963 13.379  1.00 0.00 ? 1  ILE A HG21 7  
ATOM   1287 H HG22 . ILE A 1 1  ? 0.605  -0.368 12.592  1.00 0.00 ? 1  ILE A HG22 7  
ATOM   1288 H HG23 . ILE A 1 1  ? -0.483 -1.629 11.964  1.00 0.00 ? 1  ILE A HG23 7  
ATOM   1289 H HD11 . ILE A 1 1  ? 4.264  -2.959 11.693  1.00 0.00 ? 1  ILE A HD11 7  
ATOM   1290 H HD12 . ILE A 1 1  ? 3.597  -2.314 13.211  1.00 0.00 ? 1  ILE A HD12 7  
ATOM   1291 H HD13 . ILE A 1 1  ? 3.851  -4.065 13.025  1.00 0.00 ? 1  ILE A HD13 7  
ATOM   1292 N N    . PHE A 1 2  ? 1.255  0.358  9.543   1.00 0.00 ? 2  PHE A N    7  
ATOM   1293 C CA   . PHE A 1 2  ? 0.763  1.654  9.108   1.00 0.00 ? 2  PHE A CA   7  
ATOM   1294 C C    . PHE A 1 2  ? 1.531  2.147  7.880   1.00 0.00 ? 2  PHE A C    7  
ATOM   1295 O O    . PHE A 1 2  ? 2.548  2.826  8.013   1.00 0.00 ? 2  PHE A O    7  
ATOM   1296 C CB   . PHE A 1 2  ? 0.990  2.630  10.264  1.00 0.00 ? 2  PHE A CB   7  
ATOM   1297 C CG   . PHE A 1 2  ? -0.237 2.838  11.154  1.00 0.00 ? 2  PHE A CG   7  
ATOM   1298 C CD1  . PHE A 1 2  ? -0.921 1.763  11.631  1.00 0.00 ? 2  PHE A CD1  7  
ATOM   1299 C CD2  . PHE A 1 2  ? -0.644 4.097  11.467  1.00 0.00 ? 2  PHE A CD2  7  
ATOM   1300 C CE1  . PHE A 1 2  ? -2.058 1.955  12.458  1.00 0.00 ? 2  PHE A CE1  7  
ATOM   1301 C CE2  . PHE A 1 2  ? -1.784 4.289  12.293  1.00 0.00 ? 2  PHE A CE2  7  
ATOM   1302 C CZ   . PHE A 1 2  ? -2.467 3.215  12.771  1.00 0.00 ? 2  PHE A CZ   7  
ATOM   1303 H H    . PHE A 1 2  ? 2.218  0.340  9.813   1.00 0.00 ? 2  PHE A H    7  
ATOM   1304 H HA   . PHE A 1 2  ? -0.290 1.531  8.851   1.00 0.00 ? 2  PHE A HA   7  
ATOM   1305 H HB2  . PHE A 1 2  ? 1.814  2.266  10.878  1.00 0.00 ? 2  PHE A HB2  7  
ATOM   1306 H HB3  . PHE A 1 2  ? 1.299  3.593  9.858   1.00 0.00 ? 2  PHE A HB3  7  
ATOM   1307 H HD1  . PHE A 1 2  ? -0.593 0.754  11.381  1.00 0.00 ? 2  PHE A HD1  7  
ATOM   1308 H HD2  . PHE A 1 2  ? -0.096 4.958  11.085  1.00 0.00 ? 2  PHE A HD2  7  
ATOM   1309 H HE1  . PHE A 1 2  ? -2.607 1.094  12.841  1.00 0.00 ? 2  PHE A HE1  7  
ATOM   1310 H HE2  . PHE A 1 2  ? -2.110 5.298  12.545  1.00 0.00 ? 2  PHE A HE2  7  
ATOM   1311 H HZ   . PHE A 1 2  ? -3.341 3.362  13.405  1.00 0.00 ? 2  PHE A HZ   7  
ATOM   1312 N N    . GLY A 1 3  ? 1.014  1.787  6.715   1.00 0.00 ? 3  GLY A N    7  
ATOM   1313 C CA   . GLY A 1 3  ? 1.639  2.186  5.465   1.00 0.00 ? 3  GLY A CA   7  
ATOM   1314 C C    . GLY A 1 3  ? 1.471  1.102  4.398   1.00 0.00 ? 3  GLY A C    7  
ATOM   1315 O O    . GLY A 1 3  ? 1.589  1.376  3.204   1.00 0.00 ? 3  GLY A O    7  
ATOM   1316 H H    . GLY A 1 3  ? 0.187  1.235  6.617   1.00 0.00 ? 3  GLY A H    7  
ATOM   1317 H HA2  . GLY A 1 3  ? 1.195  3.118  5.114   1.00 0.00 ? 3  GLY A HA2  7  
ATOM   1318 H HA3  . GLY A 1 3  ? 2.698  2.378  5.629   1.00 0.00 ? 3  GLY A HA3  7  
ATOM   1319 N N    . ALA A 1 4  ? 1.199  -0.108 4.867   1.00 0.00 ? 4  ALA A N    7  
ATOM   1320 C CA   . ALA A 1 4  ? 1.013  -1.235 3.969   1.00 0.00 ? 4  ALA A CA   7  
ATOM   1321 C C    . ALA A 1 4  ? -0.195 -0.969 3.067   1.00 0.00 ? 4  ALA A C    7  
ATOM   1322 O O    . ALA A 1 4  ? -0.385 -1.654 2.063   1.00 0.00 ? 4  ALA A O    7  
ATOM   1323 C CB   . ALA A 1 4  ? 0.861  -2.519 4.786   1.00 0.00 ? 4  ALA A CB   7  
ATOM   1324 H H    . ALA A 1 4  ? 1.104  -0.322 5.839   1.00 0.00 ? 4  ALA A H    7  
ATOM   1325 H HA   . ALA A 1 4  ? 1.907  -1.316 3.350   1.00 0.00 ? 4  ALA A HA   7  
ATOM   1326 H HB1  . ALA A 1 4  ? -0.161 -2.889 4.694   1.00 0.00 ? 4  ALA A HB1  7  
ATOM   1327 H HB2  . ALA A 1 4  ? 1.555  -3.272 4.412   1.00 0.00 ? 4  ALA A HB2  7  
ATOM   1328 H HB3  . ALA A 1 4  ? 1.080  -2.312 5.833   1.00 0.00 ? 4  ALA A HB3  7  
ATOM   1329 N N    . ILE A 1 5  ? -0.979 0.024  3.459   1.00 0.00 ? 5  ILE A N    7  
ATOM   1330 C CA   . ILE A 1 5  ? -2.162 0.387  2.699   1.00 0.00 ? 5  ILE A CA   7  
ATOM   1331 C C    . ILE A 1 5  ? -1.739 1.113  1.420   1.00 0.00 ? 5  ILE A C    7  
ATOM   1332 O O    . ILE A 1 5  ? -2.276 0.849  0.346   1.00 0.00 ? 5  ILE A O    7  
ATOM   1333 C CB   . ILE A 1 5  ? -3.133 1.189  3.570   1.00 0.00 ? 5  ILE A CB   7  
ATOM   1334 C CG1  . ILE A 1 5  ? -4.209 0.281  4.169   1.00 0.00 ? 5  ILE A CG1  7  
ATOM   1335 C CG2  . ILE A 1 5  ? -3.736 2.355  2.786   1.00 0.00 ? 5  ILE A CG2  7  
ATOM   1336 C CD1  . ILE A 1 5  ? -4.682 0.813  5.524   1.00 0.00 ? 5  ILE A CD1  7  
ATOM   1337 H H    . ILE A 1 5  ? -0.816 0.575  4.277   1.00 0.00 ? 5  ILE A H    7  
ATOM   1338 H HA   . ILE A 1 5  ? -2.667 -0.537 2.420   1.00 0.00 ? 5  ILE A HA   7  
ATOM   1339 H HB   . ILE A 1 5  ? -2.572 1.615  4.402   1.00 0.00 ? 5  ILE A HB   7  
ATOM   1340 H HG12 . ILE A 1 5  ? -5.055 0.216  3.485   1.00 0.00 ? 5  ILE A HG12 7  
ATOM   1341 H HG13 . ILE A 1 5  ? -3.815 -0.727 4.287   1.00 0.00 ? 5  ILE A HG13 7  
ATOM   1342 H HG21 . ILE A 1 5  ? -4.455 2.882  3.414   1.00 0.00 ? 5  ILE A HG21 7  
ATOM   1343 H HG22 . ILE A 1 5  ? -2.944 3.041  2.487   1.00 0.00 ? 5  ILE A HG22 7  
ATOM   1344 H HG23 . ILE A 1 5  ? -4.240 1.974  1.898   1.00 0.00 ? 5  ILE A HG23 7  
ATOM   1345 H HD11 . ILE A 1 5  ? -4.206 1.774  5.723   1.00 0.00 ? 5  ILE A HD11 7  
ATOM   1346 H HD12 . ILE A 1 5  ? -5.765 0.940  5.506   1.00 0.00 ? 5  ILE A HD12 7  
ATOM   1347 H HD13 . ILE A 1 5  ? -4.411 0.105  6.306   1.00 0.00 ? 5  ILE A HD13 7  
ATOM   1348 N N    . ALA A 1 6  ? -0.782 2.016  1.579   1.00 0.00 ? 6  ALA A N    7  
ATOM   1349 C CA   . ALA A 1 6  ? -0.280 2.782  0.452   1.00 0.00 ? 6  ALA A CA   7  
ATOM   1350 C C    . ALA A 1 6  ? 0.670  1.909  -0.371  1.00 0.00 ? 6  ALA A C    7  
ATOM   1351 O O    . ALA A 1 6  ? 0.874  2.156  -1.559  1.00 0.00 ? 6  ALA A O    7  
ATOM   1352 C CB   . ALA A 1 6  ? 0.394  4.058  0.960   1.00 0.00 ? 6  ALA A CB   7  
ATOM   1353 H H    . ALA A 1 6  ? -0.350 2.224  2.458   1.00 0.00 ? 6  ALA A H    7  
ATOM   1354 H HA   . ALA A 1 6  ? -1.134 3.058  -0.168  1.00 0.00 ? 6  ALA A HA   7  
ATOM   1355 H HB1  . ALA A 1 6  ? 1.006  3.823  1.829   1.00 0.00 ? 6  ALA A HB1  7  
ATOM   1356 H HB2  . ALA A 1 6  ? 1.023  4.474  0.173   1.00 0.00 ? 6  ALA A HB2  7  
ATOM   1357 H HB3  . ALA A 1 6  ? -0.370 4.786  1.238   1.00 0.00 ? 6  ALA A HB3  7  
ATOM   1358 N N    . GLY A 1 7  ? 1.223  0.904  0.293   1.00 0.00 ? 7  GLY A N    7  
ATOM   1359 C CA   . GLY A 1 7  ? 2.147  -0.006 -0.361  1.00 0.00 ? 7  GLY A CA   7  
ATOM   1360 C C    . GLY A 1 7  ? 1.402  -0.967 -1.292  1.00 0.00 ? 7  GLY A C    7  
ATOM   1361 O O    . GLY A 1 7  ? 1.897  -1.304 -2.367  1.00 0.00 ? 7  GLY A O    7  
ATOM   1362 H H    . GLY A 1 7  ? 1.051  0.710  1.258   1.00 0.00 ? 7  GLY A H    7  
ATOM   1363 H HA2  . GLY A 1 7  ? 2.881  0.562  -0.932  1.00 0.00 ? 7  GLY A HA2  7  
ATOM   1364 H HA3  . GLY A 1 7  ? 2.696  -0.575 0.389   1.00 0.00 ? 7  GLY A HA3  7  
ATOM   1365 N N    . PHE A 1 8  ? 0.225  -1.380 -0.846  1.00 0.00 ? 8  PHE A N    7  
ATOM   1366 C CA   . PHE A 1 8  ? -0.592 -2.294 -1.625  1.00 0.00 ? 8  PHE A CA   7  
ATOM   1367 C C    . PHE A 1 8  ? -1.472 -1.532 -2.619  1.00 0.00 ? 8  PHE A C    7  
ATOM   1368 O O    . PHE A 1 8  ? -1.908 -2.093 -3.622  1.00 0.00 ? 8  PHE A O    7  
ATOM   1369 C CB   . PHE A 1 8  ? -1.489 -3.043 -0.638  1.00 0.00 ? 8  PHE A CB   7  
ATOM   1370 C CG   . PHE A 1 8  ? -2.746 -3.642 -1.272  1.00 0.00 ? 8  PHE A CG   7  
ATOM   1371 C CD1  . PHE A 1 8  ? -3.865 -2.883 -1.416  1.00 0.00 ? 8  PHE A CD1  7  
ATOM   1372 C CD2  . PHE A 1 8  ? -2.744 -4.936 -1.691  1.00 0.00 ? 8  PHE A CD2  7  
ATOM   1373 C CE1  . PHE A 1 8  ? -5.031 -3.439 -2.003  1.00 0.00 ? 8  PHE A CE1  7  
ATOM   1374 C CE2  . PHE A 1 8  ? -3.911 -5.493 -2.281  1.00 0.00 ? 8  PHE A CE2  7  
ATOM   1375 C CZ   . PHE A 1 8  ? -5.029 -4.733 -2.424  1.00 0.00 ? 8  PHE A CZ   7  
ATOM   1376 H H    . PHE A 1 8  ? -0.170 -1.101 0.030   1.00 0.00 ? 8  PHE A H    7  
ATOM   1377 H HA   . PHE A 1 8  ? 0.087  -2.950 -2.171  1.00 0.00 ? 8  PHE A HA   7  
ATOM   1378 H HB2  . PHE A 1 8  ? -0.913 -3.842 -0.172  1.00 0.00 ? 8  PHE A HB2  7  
ATOM   1379 H HB3  . PHE A 1 8  ? -1.787 -2.360 0.158   1.00 0.00 ? 8  PHE A HB3  7  
ATOM   1380 H HD1  . PHE A 1 8  ? -3.867 -1.846 -1.079  1.00 0.00 ? 8  PHE A HD1  7  
ATOM   1381 H HD2  . PHE A 1 8  ? -1.848 -5.546 -1.577  1.00 0.00 ? 8  PHE A HD2  7  
ATOM   1382 H HE1  . PHE A 1 8  ? -5.927 -2.831 -2.119  1.00 0.00 ? 8  PHE A HE1  7  
ATOM   1383 H HE2  . PHE A 1 8  ? -3.909 -6.531 -2.616  1.00 0.00 ? 8  PHE A HE2  7  
ATOM   1384 H HZ   . PHE A 1 8  ? -5.925 -5.161 -2.875  1.00 0.00 ? 8  PHE A HZ   7  
ATOM   1385 N N    . ILE A 1 9  ? -1.704 -0.267 -2.305  1.00 0.00 ? 9  ILE A N    7  
ATOM   1386 C CA   . ILE A 1 9  ? -2.523 0.579  -3.158  1.00 0.00 ? 9  ILE A CA   7  
ATOM   1387 C C    . ILE A 1 9  ? -1.685 1.069  -4.340  1.00 0.00 ? 9  ILE A C    7  
ATOM   1388 O O    . ILE A 1 9  ? -2.207 1.272  -5.435  1.00 0.00 ? 9  ILE A O    7  
ATOM   1389 C CB   . ILE A 1 9  ? -3.158 1.708  -2.344  1.00 0.00 ? 9  ILE A CB   7  
ATOM   1390 C CG1  . ILE A 1 9  ? -4.203 1.160  -1.369  1.00 0.00 ? 9  ILE A CG1  7  
ATOM   1391 C CG2  . ILE A 1 9  ? -3.737 2.786  -3.261  1.00 0.00 ? 9  ILE A CG2  7  
ATOM   1392 C CD1  . ILE A 1 9  ? -5.574 1.055  -2.040  1.00 0.00 ? 9  ILE A CD1  7  
ATOM   1393 H H    . ILE A 1 9  ? -1.345 0.182  -1.487  1.00 0.00 ? 9  ILE A H    7  
ATOM   1394 H HA   . ILE A 1 9  ? -3.337 -0.037 -3.542  1.00 0.00 ? 9  ILE A HA   7  
ATOM   1395 H HB   . ILE A 1 9  ? -2.377 2.178  -1.747  1.00 0.00 ? 9  ILE A HB   7  
ATOM   1396 H HG12 . ILE A 1 9  ? -3.893 0.180  -1.010  1.00 0.00 ? 9  ILE A HG12 7  
ATOM   1397 H HG13 . ILE A 1 9  ? -4.270 1.813  -0.498  1.00 0.00 ? 9  ILE A HG13 7  
ATOM   1398 H HG21 . ILE A 1 9  ? -4.608 3.239  -2.786  1.00 0.00 ? 9  ILE A HG21 7  
ATOM   1399 H HG22 . ILE A 1 9  ? -2.984 3.552  -3.443  1.00 0.00 ? 9  ILE A HG22 7  
ATOM   1400 H HG23 . ILE A 1 9  ? -4.034 2.336  -4.208  1.00 0.00 ? 9  ILE A HG23 7  
ATOM   1401 H HD11 . ILE A 1 9  ? -6.092 0.171  -1.667  1.00 0.00 ? 9  ILE A HD11 7  
ATOM   1402 H HD12 . ILE A 1 9  ? -6.161 1.944  -1.809  1.00 0.00 ? 9  ILE A HD12 7  
ATOM   1403 H HD13 . ILE A 1 9  ? -5.446 0.972  -3.119  1.00 0.00 ? 9  ILE A HD13 7  
ATOM   1404 N N    . LYS A 1 10 ? -0.397 1.242  -4.079  1.00 0.00 ? 10 LYS A N    7  
ATOM   1405 C CA   . LYS A 1 10 ? 0.519  1.705  -5.107  1.00 0.00 ? 10 LYS A CA   7  
ATOM   1406 C C    . LYS A 1 10 ? 1.056  0.501  -5.884  1.00 0.00 ? 10 LYS A C    7  
ATOM   1407 O O    . LYS A 1 10 ? 1.309  0.595  -7.084  1.00 0.00 ? 10 LYS A O    7  
ATOM   1408 C CB   . LYS A 1 10 ? 1.615  2.581  -4.495  1.00 0.00 ? 10 LYS A CB   7  
ATOM   1409 C CG   . LYS A 1 10 ? 1.150  4.033  -4.372  1.00 0.00 ? 10 LYS A CG   7  
ATOM   1410 C CD   . LYS A 1 10 ? 2.065  4.823  -3.434  1.00 0.00 ? 10 LYS A CD   7  
ATOM   1411 C CE   . LYS A 1 10 ? 1.268  5.440  -2.283  1.00 0.00 ? 10 LYS A CE   7  
ATOM   1412 N NZ   . LYS A 1 10 ? 0.419  6.547  -2.776  1.00 0.00 ? 10 LYS A NZ   7  
ATOM   1413 H H    . LYS A 1 10 ? 0.021  1.074  -3.185  1.00 0.00 ? 10 LYS A H    7  
ATOM   1414 H HA   . LYS A 1 10 ? -0.050 2.333  -5.793  1.00 0.00 ? 10 LYS A HA   7  
ATOM   1415 H HB2  . LYS A 1 10 ? 1.885  2.197  -3.512  1.00 0.00 ? 10 LYS A HB2  7  
ATOM   1416 H HB3  . LYS A 1 10 ? 2.512  2.533  -5.113  1.00 0.00 ? 10 LYS A HB3  7  
ATOM   1417 H HG2  . LYS A 1 10 ? 1.142  4.501  -5.356  1.00 0.00 ? 10 LYS A HG2  7  
ATOM   1418 H HG3  . LYS A 1 10 ? 0.127  4.061  -3.997  1.00 0.00 ? 10 LYS A HG3  7  
ATOM   1419 H HD2  . LYS A 1 10 ? 2.837  4.166  -3.035  1.00 0.00 ? 10 LYS A HD2  7  
ATOM   1420 H HD3  . LYS A 1 10 ? 2.572  5.610  -3.992  1.00 0.00 ? 10 LYS A HD3  7  
ATOM   1421 H HE2  . LYS A 1 10 ? 0.646  4.678  -1.812  1.00 0.00 ? 10 LYS A HE2  7  
ATOM   1422 H HE3  . LYS A 1 10 ? 1.950  5.811  -1.518  1.00 0.00 ? 10 LYS A HE3  7  
ATOM   1423 H HZ1  . LYS A 1 10 ? -0.334 6.214  -3.368  1.00 0.00 ? 10 LYS A HZ1  7  
ATOM   1424 H HZ3  . LYS A 1 10 ? 0.947  7.217  -3.322  1.00 0.00 ? 10 LYS A HZ3  7  
ATOM   1425 N N    . ASN A 1 11 ? 1.216  -0.603 -5.167  1.00 0.00 ? 11 ASN A N    7  
ATOM   1426 C CA   . ASN A 1 11 ? 1.718  -1.822 -5.774  1.00 0.00 ? 11 ASN A CA   7  
ATOM   1427 C C    . ASN A 1 11 ? 0.630  -2.433 -6.659  1.00 0.00 ? 11 ASN A C    7  
ATOM   1428 O O    . ASN A 1 11 ? 0.930  -3.073 -7.666  1.00 0.00 ? 11 ASN A O    7  
ATOM   1429 C CB   . ASN A 1 11 ? 2.094  -2.854 -4.707  1.00 0.00 ? 11 ASN A CB   7  
ATOM   1430 C CG   . ASN A 1 11 ? 3.506  -2.604 -4.177  1.00 0.00 ? 11 ASN A CG   7  
ATOM   1431 O OD1  . ASN A 1 11 ? 4.256  -1.790 -4.691  1.00 0.00 ? 11 ASN A OD1  7  
ATOM   1432 N ND2  . ASN A 1 11 ? 3.828  -3.348 -3.122  1.00 0.00 ? 11 ASN A ND2  7  
ATOM   1433 H H    . ASN A 1 11 ? 1.009  -0.670 -4.192  1.00 0.00 ? 11 ASN A H    7  
ATOM   1434 H HA   . ASN A 1 11 ? 2.597  -1.518 -6.343  1.00 0.00 ? 11 ASN A HA   7  
ATOM   1435 H HB2  . ASN A 1 11 ? 1.379  -2.809 -3.886  1.00 0.00 ? 11 ASN A HB2  7  
ATOM   1436 H HB3  . ASN A 1 11 ? 2.032  -3.857 -5.129  1.00 0.00 ? 11 ASN A HB3  7  
ATOM   1437 H HD21 . ASN A 1 11 ? 3.166  -3.999 -2.749  1.00 0.00 ? 11 ASN A HD21 7  
ATOM   1438 H HD22 . ASN A 1 11 ? 4.731  -3.256 -2.703  1.00 0.00 ? 11 ASN A HD22 7  
ATOM   1439 N N    . ILE A 1 12 ? -0.612 -2.213 -6.251  1.00 0.00 ? 12 ILE A N    7  
ATOM   1440 C CA   . ILE A 1 12 ? -1.746 -2.733 -6.995  1.00 0.00 ? 12 ILE A CA   7  
ATOM   1441 C C    . ILE A 1 12 ? -2.103 -1.760 -8.120  1.00 0.00 ? 12 ILE A C    7  
ATOM   1442 O O    . ILE A 1 12 ? -2.489 -2.178 -9.209  1.00 0.00 ? 12 ILE A O    7  
ATOM   1443 C CB   . ILE A 1 12 ? -2.912 -3.038 -6.051  1.00 0.00 ? 12 ILE A CB   7  
ATOM   1444 C CG1  . ILE A 1 12 ? -2.546 -4.154 -5.071  1.00 0.00 ? 12 ILE A CG1  7  
ATOM   1445 C CG2  . ILE A 1 12 ? -4.184 -3.360 -6.837  1.00 0.00 ? 12 ILE A CG2  7  
ATOM   1446 C CD1  . ILE A 1 12 ? -2.858 -5.530 -5.664  1.00 0.00 ? 12 ILE A CD1  7  
ATOM   1447 H H    . ILE A 1 12 ? -0.847 -1.691 -5.432  1.00 0.00 ? 12 ILE A H    7  
ATOM   1448 H HA   . ILE A 1 12 ? -1.438 -3.679 -7.442  1.00 0.00 ? 12 ILE A HA   7  
ATOM   1449 H HB   . ILE A 1 12 ? -3.114 -2.144 -5.461  1.00 0.00 ? 12 ILE A HB   7  
ATOM   1450 H HG12 . ILE A 1 12 ? -1.485 -4.093 -4.823  1.00 0.00 ? 12 ILE A HG12 7  
ATOM   1451 H HG13 . ILE A 1 12 ? -3.098 -4.021 -4.141  1.00 0.00 ? 12 ILE A HG13 7  
ATOM   1452 H HG21 . ILE A 1 12 ? -4.622 -2.435 -7.213  1.00 0.00 ? 12 ILE A HG21 7  
ATOM   1453 H HG22 . ILE A 1 12 ? -3.939 -4.011 -7.676  1.00 0.00 ? 12 ILE A HG22 7  
ATOM   1454 H HG23 . ILE A 1 12 ? -4.898 -3.860 -6.183  1.00 0.00 ? 12 ILE A HG23 7  
ATOM   1455 H HD11 . ILE A 1 12 ? -2.290 -5.665 -6.584  1.00 0.00 ? 12 ILE A HD11 7  
ATOM   1456 H HD12 . ILE A 1 12 ? -2.583 -6.304 -4.948  1.00 0.00 ? 12 ILE A HD12 7  
ATOM   1457 H HD13 . ILE A 1 12 ? -3.923 -5.597 -5.882  1.00 0.00 ? 12 ILE A HD13 7  
ATOM   1458 N N    . TRP A 1 13 ? -1.963 -0.478 -7.815  1.00 0.00 ? 13 TRP A N    7  
ATOM   1459 C CA   . TRP A 1 13 ? -2.267 0.560  -8.787  1.00 0.00 ? 13 TRP A CA   7  
ATOM   1460 C C    . TRP A 1 13 ? -1.591 1.853  -8.324  1.00 0.00 ? 13 TRP A C    7  
ATOM   1461 O O    . TRP A 1 13 ? -2.147 2.590  -7.512  1.00 0.00 ? 13 TRP A O    7  
ATOM   1462 C CB   . TRP A 1 13 ? -3.777 0.709  -8.977  1.00 0.00 ? 13 TRP A CB   7  
ATOM   1463 C CG   . TRP A 1 13 ? -4.486 1.398  -7.810  1.00 0.00 ? 13 TRP A CG   7  
ATOM   1464 C CD1  . TRP A 1 13 ? -4.957 0.841  -6.685  1.00 0.00 ? 13 TRP A CD1  7  
ATOM   1465 C CD2  . TRP A 1 13 ? -4.787 2.805  -7.697  1.00 0.00 ? 13 TRP A CD2  7  
ATOM   1466 N NE1  . TRP A 1 13 ? -5.538 1.783  -5.860  1.00 0.00 ? 13 TRP A NE1  7  
ATOM   1467 C CE2  . TRP A 1 13 ? -5.430 3.015  -6.494  1.00 0.00 ? 13 TRP A CE2  7  
ATOM   1468 C CE3  . TRP A 1 13 ? -4.523 3.866  -8.581  1.00 0.00 ? 13 TRP A CE3  7  
ATOM   1469 C CZ2  . TRP A 1 13 ? -5.864 4.276  -6.066  1.00 0.00 ? 13 TRP A CZ2  7  
ATOM   1470 C CZ3  . TRP A 1 13 ? -4.964 5.119  -8.139  1.00 0.00 ? 13 TRP A CZ3  7  
ATOM   1471 C CH2  . TRP A 1 13 ? -5.612 5.347  -6.932  1.00 0.00 ? 13 TRP A CH2  7  
ATOM   1472 H H    . TRP A 1 13 ? -1.649 -0.145 -6.926  1.00 0.00 ? 13 TRP A H    7  
ATOM   1473 H HA   . TRP A 1 13 ? -1.855 0.247  -9.747  1.00 0.00 ? 13 TRP A HA   7  
ATOM   1474 H HB2  . TRP A 1 13 ? -3.964 1.276  -9.889  1.00 0.00 ? 13 TRP A HB2  7  
ATOM   1475 H HB3  . TRP A 1 13 ? -4.214 -0.280 -9.121  1.00 0.00 ? 13 TRP A HB3  7  
ATOM   1476 H HD1  . TRP A 1 13 ? -4.890 -0.221 -6.452  1.00 0.00 ? 13 TRP A HD1  7  
ATOM   1477 H HE1  . TRP A 1 13 ? -5.995 1.594  -4.889  1.00 0.00 ? 13 TRP A HE1  7  
ATOM   1478 H HE3  . TRP A 1 13 ? -4.017 3.726  -9.536  1.00 0.00 ? 13 TRP A HE3  7  
ATOM   1479 H HZ2  . TRP A 1 13 ? -6.370 4.415  -5.111  1.00 0.00 ? 13 TRP A HZ2  7  
ATOM   1480 H HZ3  . TRP A 1 13 ? -4.784 5.977  -8.788  1.00 0.00 ? 13 TRP A HZ3  7  
ATOM   1481 H HH2  . TRP A 1 13 ? -5.924 6.355  -6.660  1.00 0.00 ? 13 TRP A HH2  7  
HETATM 1482 N N    . NH2 A 1 14 ? -0.403 2.088  -8.862  1.00 0.00 ? 14 NH2 A N    7  
HETATM 1483 H HN1  . NH2 A 1 14 ? 0.105  2.912  -8.613  1.00 0.00 ? 14 NH2 A HN1  7  
HETATM 1484 H HN2  . NH2 A 1 14 ? -0.014 1.440  -9.517  1.00 0.00 ? 14 NH2 A HN2  7  
ATOM   1485 N N    . ILE A 1 1  ? 4.286  -1.558 9.602   1.00 0.00 ? 1  ILE A N    8  
ATOM   1486 C CA   . ILE A 1 1  ? 3.018  -1.192 10.207  1.00 0.00 ? 1  ILE A CA   8  
ATOM   1487 C C    . ILE A 1 1  ? 2.612  0.203  9.726   1.00 0.00 ? 1  ILE A C    8  
ATOM   1488 O O    . ILE A 1 1  ? 3.463  1.068  9.528   1.00 0.00 ? 1  ILE A O    8  
ATOM   1489 C CB   . ILE A 1 1  ? 3.093  -1.319 11.730  1.00 0.00 ? 1  ILE A CB   8  
ATOM   1490 C CG1  . ILE A 1 1  ? 1.695  -1.305 12.351  1.00 0.00 ? 1  ILE A CG1  8  
ATOM   1491 C CG2  . ILE A 1 1  ? 3.998  -0.239 12.327  1.00 0.00 ? 1  ILE A CG2  8  
ATOM   1492 C CD1  . ILE A 1 1  ? 0.995  -2.651 12.159  1.00 0.00 ? 1  ILE A CD1  8  
ATOM   1493 H H1   . ILE A 1 1  ? 4.243  -1.775 8.626   1.00 0.00 ? 1  ILE A H1   8  
ATOM   1494 H HA   . ILE A 1 1  ? 2.270  -1.907 9.861   1.00 0.00 ? 1  ILE A HA   8  
ATOM   1495 H HB   . ILE A 1 1  ? 3.542  -2.284 11.969  1.00 0.00 ? 1  ILE A HB   8  
ATOM   1496 H HG12 . ILE A 1 1  ? 1.769  -1.078 13.416  1.00 0.00 ? 1  ILE A HG12 8  
ATOM   1497 H HG13 . ILE A 1 1  ? 1.101  -0.513 11.897  1.00 0.00 ? 1  ILE A HG13 8  
ATOM   1498 H HG21 . ILE A 1 1  ? 4.135  0.562  11.600  1.00 0.00 ? 1  ILE A HG21 8  
ATOM   1499 H HG22 . ILE A 1 1  ? 3.536  0.163  13.228  1.00 0.00 ? 1  ILE A HG22 8  
ATOM   1500 H HG23 . ILE A 1 1  ? 4.966  -0.674 12.577  1.00 0.00 ? 1  ILE A HG23 8  
ATOM   1501 H HD11 . ILE A 1 1  ? 0.047  -2.498 11.646  1.00 0.00 ? 1  ILE A HD11 8  
ATOM   1502 H HD12 . ILE A 1 1  ? 1.629  -3.309 11.564  1.00 0.00 ? 1  ILE A HD12 8  
ATOM   1503 H HD13 . ILE A 1 1  ? 0.810  -3.107 13.132  1.00 0.00 ? 1  ILE A HD13 8  
ATOM   1504 N N    . PHE A 1 2  ? 1.310  0.380  9.553   1.00 0.00 ? 2  PHE A N    8  
ATOM   1505 C CA   . PHE A 1 2  ? 0.781  1.655  9.101   1.00 0.00 ? 2  PHE A CA   8  
ATOM   1506 C C    . PHE A 1 2  ? 1.540  2.158  7.871   1.00 0.00 ? 2  PHE A C    8  
ATOM   1507 O O    . PHE A 1 2  ? 2.528  2.878  7.999   1.00 0.00 ? 2  PHE A O    8  
ATOM   1508 C CB   . PHE A 1 2  ? 0.972  2.652  10.246  1.00 0.00 ? 2  PHE A CB   8  
ATOM   1509 C CG   . PHE A 1 2  ? -0.016 3.818  10.227  1.00 0.00 ? 2  PHE A CG   8  
ATOM   1510 C CD1  . PHE A 1 2  ? -1.349 3.583  10.360  1.00 0.00 ? 2  PHE A CD1  8  
ATOM   1511 C CD2  . PHE A 1 2  ? 0.438  5.092  10.077  1.00 0.00 ? 2  PHE A CD2  8  
ATOM   1512 C CE1  . PHE A 1 2  ? -2.266 4.667  10.343  1.00 0.00 ? 2  PHE A CE1  8  
ATOM   1513 C CE2  . PHE A 1 2  ? -0.480 6.175  10.059  1.00 0.00 ? 2  PHE A CE2  8  
ATOM   1514 C CZ   . PHE A 1 2  ? -1.812 5.940  10.192  1.00 0.00 ? 2  PHE A CZ   8  
ATOM   1515 H H    . PHE A 1 2  ? 0.623  -0.329 9.717   1.00 0.00 ? 2  PHE A H    8  
ATOM   1516 H HA   . PHE A 1 2  ? -0.265 1.497  8.840   1.00 0.00 ? 2  PHE A HA   8  
ATOM   1517 H HB2  . PHE A 1 2  ? 0.877  2.122  11.194  1.00 0.00 ? 2  PHE A HB2  8  
ATOM   1518 H HB3  . PHE A 1 2  ? 1.987  3.047  10.203  1.00 0.00 ? 2  PHE A HB3  8  
ATOM   1519 H HD1  . PHE A 1 2  ? -1.712 2.563  10.481  1.00 0.00 ? 2  PHE A HD1  8  
ATOM   1520 H HD2  . PHE A 1 2  ? 1.506  5.280  9.970   1.00 0.00 ? 2  PHE A HD2  8  
ATOM   1521 H HE1  . PHE A 1 2  ? -3.335 4.478  10.450  1.00 0.00 ? 2  PHE A HE1  8  
ATOM   1522 H HE2  . PHE A 1 2  ? -0.117 7.196  9.938   1.00 0.00 ? 2  PHE A HE2  8  
ATOM   1523 H HZ   . PHE A 1 2  ? -2.516 6.772  10.179  1.00 0.00 ? 2  PHE A HZ   8  
ATOM   1524 N N    . GLY A 1 3  ? 1.050  1.757  6.707   1.00 0.00 ? 3  GLY A N    8  
ATOM   1525 C CA   . GLY A 1 3  ? 1.669  2.158  5.456   1.00 0.00 ? 3  GLY A CA   8  
ATOM   1526 C C    . GLY A 1 3  ? 1.488  1.082  4.385   1.00 0.00 ? 3  GLY A C    8  
ATOM   1527 O O    . GLY A 1 3  ? 1.623  1.357  3.193   1.00 0.00 ? 3  GLY A O    8  
ATOM   1528 H H    . GLY A 1 3  ? 0.244  1.171  6.611   1.00 0.00 ? 3  GLY A H    8  
ATOM   1529 H HA2  . GLY A 1 3  ? 1.231  3.095  5.112   1.00 0.00 ? 3  GLY A HA2  8  
ATOM   1530 H HA3  . GLY A 1 3  ? 2.732  2.344  5.615   1.00 0.00 ? 3  GLY A HA3  8  
ATOM   1531 N N    . ALA A 1 4  ? 1.186  -0.124 4.848   1.00 0.00 ? 4  ALA A N    8  
ATOM   1532 C CA   . ALA A 1 4  ? 0.986  -1.243 3.943   1.00 0.00 ? 4  ALA A CA   8  
ATOM   1533 C C    . ALA A 1 4  ? -0.225 -0.962 3.051   1.00 0.00 ? 4  ALA A C    8  
ATOM   1534 O O    . ALA A 1 4  ? -0.438 -1.649 2.053   1.00 0.00 ? 4  ALA A O    8  
ATOM   1535 C CB   . ALA A 1 4  ? 0.826  -2.531 4.754   1.00 0.00 ? 4  ALA A CB   8  
ATOM   1536 H H    . ALA A 1 4  ? 1.079  -0.339 5.817   1.00 0.00 ? 4  ALA A H    8  
ATOM   1537 H HA   . ALA A 1 4  ? 1.875  -1.330 3.319   1.00 0.00 ? 4  ALA A HA   8  
ATOM   1538 H HB1  . ALA A 1 4  ? 1.786  -2.807 5.191   1.00 0.00 ? 4  ALA A HB1  8  
ATOM   1539 H HB2  . ALA A 1 4  ? 0.097  -2.372 5.548   1.00 0.00 ? 4  ALA A HB2  8  
ATOM   1540 H HB3  . ALA A 1 4  ? 0.482  -3.332 4.099   1.00 0.00 ? 4  ALA A HB3  8  
ATOM   1541 N N    . ILE A 1 5  ? -0.987 0.048  3.442   1.00 0.00 ? 5  ILE A N    8  
ATOM   1542 C CA   . ILE A 1 5  ? -2.171 0.428  2.691   1.00 0.00 ? 5  ILE A CA   8  
ATOM   1543 C C    . ILE A 1 5  ? -1.746 1.145  1.407   1.00 0.00 ? 5  ILE A C    8  
ATOM   1544 O O    . ILE A 1 5  ? -2.292 0.884  0.337   1.00 0.00 ? 5  ILE A O    8  
ATOM   1545 C CB   . ILE A 1 5  ? -3.122 1.248  3.566   1.00 0.00 ? 5  ILE A CB   8  
ATOM   1546 C CG1  . ILE A 1 5  ? -4.209 0.359  4.174   1.00 0.00 ? 5  ILE A CG1  8  
ATOM   1547 C CG2  . ILE A 1 5  ? -3.711 2.422  2.784   1.00 0.00 ? 5  ILE A CG2  8  
ATOM   1548 C CD1  . ILE A 1 5  ? -4.552 0.809  5.596   1.00 0.00 ? 5  ILE A CD1  8  
ATOM   1549 H H    . ILE A 1 5  ? -0.807 0.603  4.256   1.00 0.00 ? 5  ILE A H    8  
ATOM   1550 H HA   . ILE A 1 5  ? -2.693 -0.488 2.418   1.00 0.00 ? 5  ILE A HA   8  
ATOM   1551 H HB   . ILE A 1 5  ? -2.548 1.667  4.393   1.00 0.00 ? 5  ILE A HB   8  
ATOM   1552 H HG12 . ILE A 1 5  ? -5.103 0.397  3.552   1.00 0.00 ? 5  ILE A HG12 8  
ATOM   1553 H HG13 . ILE A 1 5  ? -3.873 -0.676 4.187   1.00 0.00 ? 5  ILE A HG13 8  
ATOM   1554 H HG21 . ILE A 1 5  ? -2.903 3.021  2.361   1.00 0.00 ? 5  ILE A HG21 8  
ATOM   1555 H HG22 . ILE A 1 5  ? -4.341 2.045  1.980   1.00 0.00 ? 5  ILE A HG22 8  
ATOM   1556 H HG23 . ILE A 1 5  ? -4.308 3.041  3.454   1.00 0.00 ? 5  ILE A HG23 8  
ATOM   1557 H HD11 . ILE A 1 5  ? -4.059 1.757  5.807   1.00 0.00 ? 5  ILE A HD11 8  
ATOM   1558 H HD12 . ILE A 1 5  ? -5.631 0.930  5.688   1.00 0.00 ? 5  ILE A HD12 8  
ATOM   1559 H HD13 . ILE A 1 5  ? -4.208 0.056  6.308   1.00 0.00 ? 5  ILE A HD13 8  
ATOM   1560 N N    . ALA A 1 6  ? -0.774 2.034  1.557   1.00 0.00 ? 6  ALA A N    8  
ATOM   1561 C CA   . ALA A 1 6  ? -0.270 2.789  0.422   1.00 0.00 ? 6  ALA A CA   8  
ATOM   1562 C C    . ALA A 1 6  ? 0.684  1.909  -0.387  1.00 0.00 ? 6  ALA A C    8  
ATOM   1563 O O    . ALA A 1 6  ? 0.904  2.154  -1.572  1.00 0.00 ? 6  ALA A O    8  
ATOM   1564 C CB   . ALA A 1 6  ? 0.399  4.072  0.921   1.00 0.00 ? 6  ALA A CB   8  
ATOM   1565 H H    . ALA A 1 6  ? -0.335 2.241  2.432   1.00 0.00 ? 6  ALA A H    8  
ATOM   1566 H HA   . ALA A 1 6  ? -1.122 3.059  -0.202  1.00 0.00 ? 6  ALA A HA   8  
ATOM   1567 H HB1  . ALA A 1 6  ? 0.294  4.140  2.004   1.00 0.00 ? 6  ALA A HB1  8  
ATOM   1568 H HB2  . ALA A 1 6  ? 1.458  4.053  0.660   1.00 0.00 ? 6  ALA A HB2  8  
ATOM   1569 H HB3  . ALA A 1 6  ? -0.075 4.935  0.454   1.00 0.00 ? 6  ALA A HB3  8  
ATOM   1570 N N    . GLY A 1 7  ? 1.226  0.904  0.286   1.00 0.00 ? 7  GLY A N    8  
ATOM   1571 C CA   . GLY A 1 7  ? 2.151  -0.014 -0.357  1.00 0.00 ? 7  GLY A CA   8  
ATOM   1572 C C    . GLY A 1 7  ? 1.410  -0.978 -1.287  1.00 0.00 ? 7  GLY A C    8  
ATOM   1573 O O    . GLY A 1 7  ? 1.912  -1.320 -2.357  1.00 0.00 ? 7  GLY A O    8  
ATOM   1574 H H    . GLY A 1 7  ? 1.041  0.712  1.250   1.00 0.00 ? 7  GLY A H    8  
ATOM   1575 H HA2  . GLY A 1 7  ? 2.891  0.550  -0.925  1.00 0.00 ? 7  GLY A HA2  8  
ATOM   1576 H HA3  . GLY A 1 7  ? 2.693  -0.579 0.401   1.00 0.00 ? 7  GLY A HA3  8  
ATOM   1577 N N    . PHE A 1 8  ? 0.230  -1.385 -0.846  1.00 0.00 ? 8  PHE A N    8  
ATOM   1578 C CA   . PHE A 1 8  ? -0.583 -2.304 -1.624  1.00 0.00 ? 8  PHE A CA   8  
ATOM   1579 C C    . PHE A 1 8  ? -1.470 -1.545 -2.615  1.00 0.00 ? 8  PHE A C    8  
ATOM   1580 O O    . PHE A 1 8  ? -1.903 -2.104 -3.621  1.00 0.00 ? 8  PHE A O    8  
ATOM   1581 C CB   . PHE A 1 8  ? -1.474 -3.061 -0.638  1.00 0.00 ? 8  PHE A CB   8  
ATOM   1582 C CG   . PHE A 1 8  ? -2.708 -3.700 -1.276  1.00 0.00 ? 8  PHE A CG   8  
ATOM   1583 C CD1  . PHE A 1 8  ? -3.822 -2.953 -1.501  1.00 0.00 ? 8  PHE A CD1  8  
ATOM   1584 C CD2  . PHE A 1 8  ? -2.691 -5.016 -1.620  1.00 0.00 ? 8  PHE A CD2  8  
ATOM   1585 C CE1  . PHE A 1 8  ? -4.967 -3.547 -2.094  1.00 0.00 ? 8  PHE A CE1  8  
ATOM   1586 C CE2  . PHE A 1 8  ? -3.836 -5.610 -2.214  1.00 0.00 ? 8  PHE A CE2  8  
ATOM   1587 C CZ   . PHE A 1 8  ? -4.950 -4.862 -2.438  1.00 0.00 ? 8  PHE A CZ   8  
ATOM   1588 H H    . PHE A 1 8  ? -0.170 -1.101 0.026   1.00 0.00 ? 8  PHE A H    8  
ATOM   1589 H HA   . PHE A 1 8  ? 0.097  -2.953 -2.174  1.00 0.00 ? 8  PHE A HA   8  
ATOM   1590 H HB2  . PHE A 1 8  ? -0.884 -3.838 -0.154  1.00 0.00 ? 8  PHE A HB2  8  
ATOM   1591 H HB3  . PHE A 1 8  ? -1.799 -2.373 0.145   1.00 0.00 ? 8  PHE A HB3  8  
ATOM   1592 H HD1  . PHE A 1 8  ? -3.836 -1.899 -1.226  1.00 0.00 ? 8  PHE A HD1  8  
ATOM   1593 H HD2  . PHE A 1 8  ? -1.798 -5.614 -1.441  1.00 0.00 ? 8  PHE A HD2  8  
ATOM   1594 H HE1  . PHE A 1 8  ? -5.860 -2.948 -2.275  1.00 0.00 ? 8  PHE A HE1  8  
ATOM   1595 H HE2  . PHE A 1 8  ? -3.822 -6.664 -2.489  1.00 0.00 ? 8  PHE A HE2  8  
ATOM   1596 H HZ   . PHE A 1 8  ? -5.829 -5.319 -2.894  1.00 0.00 ? 8  PHE A HZ   8  
ATOM   1597 N N    . ILE A 1 9  ? -1.714 -0.282 -2.294  1.00 0.00 ? 9  ILE A N    8  
ATOM   1598 C CA   . ILE A 1 9  ? -2.542 0.558  -3.142  1.00 0.00 ? 9  ILE A CA   8  
ATOM   1599 C C    . ILE A 1 9  ? -1.711 1.052  -4.329  1.00 0.00 ? 9  ILE A C    8  
ATOM   1600 O O    . ILE A 1 9  ? -2.238 1.235  -5.424  1.00 0.00 ? 9  ILE A O    8  
ATOM   1601 C CB   . ILE A 1 9  ? -3.174 1.687  -2.325  1.00 0.00 ? 9  ILE A CB   8  
ATOM   1602 C CG1  . ILE A 1 9  ? -4.304 1.155  -1.439  1.00 0.00 ? 9  ILE A CG1  8  
ATOM   1603 C CG2  . ILE A 1 9  ? -3.645 2.824  -3.232  1.00 0.00 ? 9  ILE A CG2  8  
ATOM   1604 C CD1  . ILE A 1 9  ? -4.730 2.201  -0.407  1.00 0.00 ? 9  ILE A CD1  8  
ATOM   1605 H H    . ILE A 1 9  ? -1.359 0.164  -1.474  1.00 0.00 ? 9  ILE A H    8  
ATOM   1606 H HA   . ILE A 1 9  ? -3.355 -0.059 -3.522  1.00 0.00 ? 9  ILE A HA   8  
ATOM   1607 H HB   . ILE A 1 9  ? -2.413 2.097  -1.661  1.00 0.00 ? 9  ILE A HB   8  
ATOM   1608 H HG12 . ILE A 1 9  ? -5.157 0.879  -2.059  1.00 0.00 ? 9  ILE A HG12 8  
ATOM   1609 H HG13 . ILE A 1 9  ? -3.975 0.249  -0.929  1.00 0.00 ? 9  ILE A HG13 8  
ATOM   1610 H HG21 . ILE A 1 9  ? -2.870 3.589  -3.287  1.00 0.00 ? 9  ILE A HG21 8  
ATOM   1611 H HG22 . ILE A 1 9  ? -3.843 2.435  -4.230  1.00 0.00 ? 9  ILE A HG22 8  
ATOM   1612 H HG23 . ILE A 1 9  ? -4.558 3.261  -2.825  1.00 0.00 ? 9  ILE A HG23 8  
ATOM   1613 H HD11 . ILE A 1 9  ? -5.408 1.744  0.314   1.00 0.00 ? 9  ILE A HD11 8  
ATOM   1614 H HD12 . ILE A 1 9  ? -3.851 2.582  0.110   1.00 0.00 ? 9  ILE A HD12 8  
ATOM   1615 H HD13 . ILE A 1 9  ? -5.239 3.023  -0.912  1.00 0.00 ? 9  ILE A HD13 8  
ATOM   1616 N N    . LYS A 1 10 ? -0.427 1.250  -4.070  1.00 0.00 ? 10 LYS A N    8  
ATOM   1617 C CA   . LYS A 1 10 ? 0.480  1.718  -5.103  1.00 0.00 ? 10 LYS A CA   8  
ATOM   1618 C C    . LYS A 1 10 ? 1.038  0.515  -5.869  1.00 0.00 ? 10 LYS A C    8  
ATOM   1619 O O    . LYS A 1 10 ? 1.286  0.600  -7.070  1.00 0.00 ? 10 LYS A O    8  
ATOM   1620 C CB   . LYS A 1 10 ? 1.561  2.618  -4.501  1.00 0.00 ? 10 LYS A CB   8  
ATOM   1621 C CG   . LYS A 1 10 ? 2.042  3.654  -5.519  1.00 0.00 ? 10 LYS A CG   8  
ATOM   1622 C CD   . LYS A 1 10 ? 2.135  5.043  -4.885  1.00 0.00 ? 10 LYS A CD   8  
ATOM   1623 C CE   . LYS A 1 10 ? 2.062  6.138  -5.951  1.00 0.00 ? 10 LYS A CE   8  
ATOM   1624 N NZ   . LYS A 1 10 ? 1.024  7.134  -5.602  1.00 0.00 ? 10 LYS A NZ   8  
ATOM   1625 H H    . LYS A 1 10 ? -0.007 1.098  -3.175  1.00 0.00 ? 10 LYS A H    8  
ATOM   1626 H HA   . LYS A 1 10 ? -0.099 2.328  -5.795  1.00 0.00 ? 10 LYS A HA   8  
ATOM   1627 H HB2  . LYS A 1 10 ? 1.167  3.125  -3.619  1.00 0.00 ? 10 LYS A HB2  8  
ATOM   1628 H HB3  . LYS A 1 10 ? 2.403  2.010  -4.169  1.00 0.00 ? 10 LYS A HB3  8  
ATOM   1629 H HG2  . LYS A 1 10 ? 3.018  3.361  -5.907  1.00 0.00 ? 10 LYS A HG2  8  
ATOM   1630 H HG3  . LYS A 1 10 ? 1.358  3.682  -6.366  1.00 0.00 ? 10 LYS A HG3  8  
ATOM   1631 H HD2  . LYS A 1 10 ? 1.325  5.174  -4.167  1.00 0.00 ? 10 LYS A HD2  8  
ATOM   1632 H HD3  . LYS A 1 10 ? 3.069  5.132  -4.331  1.00 0.00 ? 10 LYS A HD3  8  
ATOM   1633 H HE2  . LYS A 1 10 ? 3.031  6.630  -6.043  1.00 0.00 ? 10 LYS A HE2  8  
ATOM   1634 H HE3  . LYS A 1 10 ? 1.836  5.695  -6.921  1.00 0.00 ? 10 LYS A HE3  8  
ATOM   1635 H HZ1  . LYS A 1 10 ? 0.155  6.695  -5.322  1.00 0.00 ? 10 LYS A HZ1  8  
ATOM   1636 H HZ3  . LYS A 1 10 ? 0.807  7.746  -6.379  1.00 0.00 ? 10 LYS A HZ3  8  
ATOM   1637 N N    . ASN A 1 11 ? 1.219  -0.577 -5.139  1.00 0.00 ? 11 ASN A N    8  
ATOM   1638 C CA   . ASN A 1 11 ? 1.743  -1.794 -5.735  1.00 0.00 ? 11 ASN A CA   8  
ATOM   1639 C C    . ASN A 1 11 ? 0.672  -2.422 -6.629  1.00 0.00 ? 11 ASN A C    8  
ATOM   1640 O O    . ASN A 1 11 ? 0.990  -3.063 -7.629  1.00 0.00 ? 11 ASN A O    8  
ATOM   1641 C CB   . ASN A 1 11 ? 2.120  -2.815 -4.659  1.00 0.00 ? 11 ASN A CB   8  
ATOM   1642 C CG   . ASN A 1 11 ? 3.488  -2.498 -4.056  1.00 0.00 ? 11 ASN A CG   8  
ATOM   1643 O OD1  . ASN A 1 11 ? 3.878  -1.350 -3.904  1.00 0.00 ? 11 ASN A OD1  8  
ATOM   1644 N ND2  . ASN A 1 11 ? 4.196  -3.573 -3.723  1.00 0.00 ? 11 ASN A ND2  8  
ATOM   1645 H H    . ASN A 1 11 ? 1.015  -0.637 -4.164  1.00 0.00 ? 11 ASN A H    8  
ATOM   1646 H HA   . ASN A 1 11 ? 2.624  -1.482 -6.296  1.00 0.00 ? 11 ASN A HA   8  
ATOM   1647 H HB2  . ASN A 1 11 ? 1.362  -2.816 -3.874  1.00 0.00 ? 11 ASN A HB2  8  
ATOM   1648 H HB3  . ASN A 1 11 ? 2.132  -3.816 -5.091  1.00 0.00 ? 11 ASN A HB3  8  
ATOM   1649 H HD21 . ASN A 1 11 ? 3.818  -4.486 -3.874  1.00 0.00 ? 11 ASN A HD21 8  
ATOM   1650 H HD22 . ASN A 1 11 ? 5.104  -3.468 -3.320  1.00 0.00 ? 11 ASN A HD22 8  
ATOM   1651 N N    . ILE A 1 12 ? -0.577 -2.215 -6.236  1.00 0.00 ? 12 ILE A N    8  
ATOM   1652 C CA   . ILE A 1 12 ? -1.697 -2.753 -6.989  1.00 0.00 ? 12 ILE A CA   8  
ATOM   1653 C C    . ILE A 1 12 ? -2.065 -1.781 -8.112  1.00 0.00 ? 12 ILE A C    8  
ATOM   1654 O O    . ILE A 1 12 ? -2.446 -2.204 -9.203  1.00 0.00 ? 12 ILE A O    8  
ATOM   1655 C CB   . ILE A 1 12 ? -2.864 -3.081 -6.054  1.00 0.00 ? 12 ILE A CB   8  
ATOM   1656 C CG1  . ILE A 1 12 ? -2.480 -4.184 -5.067  1.00 0.00 ? 12 ILE A CG1  8  
ATOM   1657 C CG2  . ILE A 1 12 ? -4.121 -3.435 -6.849  1.00 0.00 ? 12 ILE A CG2  8  
ATOM   1658 C CD1  . ILE A 1 12 ? -2.531 -5.560 -5.733  1.00 0.00 ? 12 ILE A CD1  8  
ATOM   1659 H H    . ILE A 1 12 ? -0.827 -1.693 -5.420  1.00 0.00 ? 12 ILE A H    8  
ATOM   1660 H HA   . ILE A 1 12 ? -1.369 -3.691 -7.437  1.00 0.00 ? 12 ILE A HA   8  
ATOM   1661 H HB   . ILE A 1 12 ? -3.093 -2.190 -5.468  1.00 0.00 ? 12 ILE A HB   8  
ATOM   1662 H HG12 . ILE A 1 12 ? -1.476 -4.001 -4.680  1.00 0.00 ? 12 ILE A HG12 8  
ATOM   1663 H HG13 . ILE A 1 12 ? -3.157 -4.165 -4.212  1.00 0.00 ? 12 ILE A HG13 8  
ATOM   1664 H HG21 . ILE A 1 12 ? -3.848 -3.654 -7.882  1.00 0.00 ? 12 ILE A HG21 8  
ATOM   1665 H HG22 . ILE A 1 12 ? -4.597 -4.311 -6.406  1.00 0.00 ? 12 ILE A HG22 8  
ATOM   1666 H HG23 . ILE A 1 12 ? -4.814 -2.594 -6.827  1.00 0.00 ? 12 ILE A HG23 8  
ATOM   1667 H HD11 . ILE A 1 12 ? -2.337 -5.454 -6.800  1.00 0.00 ? 12 ILE A HD11 8  
ATOM   1668 H HD12 . ILE A 1 12 ? -1.775 -6.207 -5.290  1.00 0.00 ? 12 ILE A HD12 8  
ATOM   1669 H HD13 . ILE A 1 12 ? -3.518 -6.000 -5.584  1.00 0.00 ? 12 ILE A HD13 8  
ATOM   1670 N N    . TRP A 1 13 ? -1.937 -0.499 -7.807  1.00 0.00 ? 13 TRP A N    8  
ATOM   1671 C CA   . TRP A 1 13 ? -2.250 0.538  -8.776  1.00 0.00 ? 13 TRP A CA   8  
ATOM   1672 C C    . TRP A 1 13 ? -3.571 0.165  -9.455  1.00 0.00 ? 13 TRP A C    8  
ATOM   1673 O O    . TRP A 1 13 ? -4.301 -0.697 -8.969  1.00 0.00 ? 13 TRP A O    8  
ATOM   1674 C CB   . TRP A 1 13 ? -1.101 0.725  -9.769  1.00 0.00 ? 13 TRP A CB   8  
ATOM   1675 C CG   . TRP A 1 13 ? -0.852 -0.486 -10.669 1.00 0.00 ? 13 TRP A CG   8  
ATOM   1676 C CD1  . TRP A 1 13 ? -0.242 -1.637 -10.354 1.00 0.00 ? 13 TRP A CD1  8  
ATOM   1677 C CD2  . TRP A 1 13 ? -1.234 -0.621 -12.055 1.00 0.00 ? 13 TRP A CD2  8  
ATOM   1678 N NE1  . TRP A 1 13 ? -0.203 -2.500 -11.431 1.00 0.00 ? 13 TRP A NE1  8  
ATOM   1679 C CE2  . TRP A 1 13 ? -0.825 -1.862 -12.498 1.00 0.00 ? 13 TRP A CE2  8  
ATOM   1680 C CE3  . TRP A 1 13 ? -1.902 0.277  -12.905 1.00 0.00 ? 13 TRP A CE3  8  
ATOM   1681 C CZ2  . TRP A 1 13 ? -1.039 -2.319 -13.804 1.00 0.00 ? 13 TRP A CZ2  8  
ATOM   1682 C CZ3  . TRP A 1 13 ? -2.108 -0.194 -14.207 1.00 0.00 ? 13 TRP A CZ3  8  
ATOM   1683 C CH2  . TRP A 1 13 ? -1.703 -1.442 -14.669 1.00 0.00 ? 13 TRP A CH2  8  
ATOM   1684 H H    . TRP A 1 13 ? -1.626 -0.164 -6.917  1.00 0.00 ? 13 TRP A H    8  
ATOM   1685 H HA   . TRP A 1 13 ? -2.361 1.477  -8.237  1.00 0.00 ? 13 TRP A HA   8  
ATOM   1686 H HB2  . TRP A 1 13 ? -1.312 1.592  -10.395 1.00 0.00 ? 13 TRP A HB2  8  
ATOM   1687 H HB3  . TRP A 1 13 ? -0.189 0.947  -9.215  1.00 0.00 ? 13 TRP A HB3  8  
ATOM   1688 H HD1  . TRP A 1 13 ? 0.172  -1.863 -9.371  1.00 0.00 ? 13 TRP A HD1  8  
ATOM   1689 H HE1  . TRP A 1 13 ? 0.236  -3.499 -11.442 1.00 0.00 ? 13 TRP A HE1  8  
ATOM   1690 H HE3  . TRP A 1 13 ? -2.234 1.263  -12.580 1.00 0.00 ? 13 TRP A HE3  8  
ATOM   1691 H HZ2  . TRP A 1 13 ? -0.707 -3.304 -14.129 1.00 0.00 ? 13 TRP A HZ2  8  
ATOM   1692 H HZ3  . TRP A 1 13 ? -2.622 0.463  -14.908 1.00 0.00 ? 13 TRP A HZ3  8  
ATOM   1693 H HH2  . TRP A 1 13 ? -1.901 -1.735 -15.700 1.00 0.00 ? 13 TRP A HH2  8  
HETATM 1694 N N    . NH2 A 1 14 ? -3.837 0.833  -10.567 1.00 0.00 ? 14 NH2 A N    8  
HETATM 1695 H HN1  . NH2 A 1 14 ? -4.681 0.650  -11.071 1.00 0.00 ? 14 NH2 A HN1  8  
HETATM 1696 H HN2  . NH2 A 1 14 ? -3.194 1.522  -10.903 1.00 0.00 ? 14 NH2 A HN2  8  
ATOM   1697 N N    . ILE A 1 1  ? 1.776  -1.474 12.147  1.00 0.00 ? 1  ILE A N    9  
ATOM   1698 C CA   . ILE A 1 1  ? 1.494  -1.675 10.736  1.00 0.00 ? 1  ILE A CA   9  
ATOM   1699 C C    . ILE A 1 1  ? 0.688  -0.486 10.207  1.00 0.00 ? 1  ILE A C    9  
ATOM   1700 O O    . ILE A 1 1  ? -0.536 -0.468 10.311  1.00 0.00 ? 1  ILE A O    9  
ATOM   1701 C CB   . ILE A 1 1  ? 0.813  -3.028 10.513  1.00 0.00 ? 1  ILE A CB   9  
ATOM   1702 C CG1  . ILE A 1 1  ? 1.622  -4.160 11.150  1.00 0.00 ? 1  ILE A CG1  9  
ATOM   1703 C CG2  . ILE A 1 1  ? 0.556  -3.273 9.026   1.00 0.00 ? 1  ILE A CG2  9  
ATOM   1704 C CD1  . ILE A 1 1  ? 2.923  -4.401 10.384  1.00 0.00 ? 1  ILE A CD1  9  
ATOM   1705 H H1   . ILE A 1 1  ? 1.342  -0.671 12.555  1.00 0.00 ? 1  ILE A H1   9  
ATOM   1706 H HA   . ILE A 1 1  ? 2.449  -1.705 10.212  1.00 0.00 ? 1  ILE A HA   9  
ATOM   1707 H HB   . ILE A 1 1  ? -0.157 -3.008 11.008  1.00 0.00 ? 1  ILE A HB   9  
ATOM   1708 H HG12 . ILE A 1 1  ? 1.846  -3.911 12.187  1.00 0.00 ? 1  ILE A HG12 9  
ATOM   1709 H HG13 . ILE A 1 1  ? 1.029  -5.073 11.162  1.00 0.00 ? 1  ILE A HG13 9  
ATOM   1710 H HG21 . ILE A 1 1  ? 0.358  -2.323 8.529   1.00 0.00 ? 1  ILE A HG21 9  
ATOM   1711 H HG22 . ILE A 1 1  ? 1.433  -3.741 8.577   1.00 0.00 ? 1  ILE A HG22 9  
ATOM   1712 H HG23 . ILE A 1 1  ? -0.306 -3.931 8.910   1.00 0.00 ? 1  ILE A HG23 9  
ATOM   1713 H HD11 . ILE A 1 1  ? 2.848  -5.331 9.822   1.00 0.00 ? 1  ILE A HD11 9  
ATOM   1714 H HD12 . ILE A 1 1  ? 3.101  -3.574 9.697   1.00 0.00 ? 1  ILE A HD12 9  
ATOM   1715 H HD13 . ILE A 1 1  ? 3.753  -4.470 11.089  1.00 0.00 ? 1  ILE A HD13 9  
ATOM   1716 N N    . PHE A 1 2  ? 1.410  0.476  9.652   1.00 0.00 ? 2  PHE A N    9  
ATOM   1717 C CA   . PHE A 1 2  ? 0.778  1.665  9.106   1.00 0.00 ? 2  PHE A CA   9  
ATOM   1718 C C    . PHE A 1 2  ? 1.532  2.171  7.875   1.00 0.00 ? 2  PHE A C    9  
ATOM   1719 O O    . PHE A 1 2  ? 2.514  2.900  8.001   1.00 0.00 ? 2  PHE A O    9  
ATOM   1720 C CB   . PHE A 1 2  ? 0.827  2.738  10.197  1.00 0.00 ? 2  PHE A CB   9  
ATOM   1721 C CG   . PHE A 1 2  ? 2.196  2.885  10.862  1.00 0.00 ? 2  PHE A CG   9  
ATOM   1722 C CD1  . PHE A 1 2  ? 2.655  1.915  11.697  1.00 0.00 ? 2  PHE A CD1  9  
ATOM   1723 C CD2  . PHE A 1 2  ? 2.955  3.988  10.619  1.00 0.00 ? 2  PHE A CD2  9  
ATOM   1724 C CE1  . PHE A 1 2  ? 3.926  2.052  12.314  1.00 0.00 ? 2  PHE A CE1  9  
ATOM   1725 C CE2  . PHE A 1 2  ? 4.226  4.125  11.238  1.00 0.00 ? 2  PHE A CE2  9  
ATOM   1726 C CZ   . PHE A 1 2  ? 4.685  3.155  12.072  1.00 0.00 ? 2  PHE A CZ   9  
ATOM   1727 H H    . PHE A 1 2  ? 2.406  0.453  9.572   1.00 0.00 ? 2  PHE A H    9  
ATOM   1728 H HA   . PHE A 1 2  ? -0.238 1.389  8.821   1.00 0.00 ? 2  PHE A HA   9  
ATOM   1729 H HB2  . PHE A 1 2  ? 0.540  3.696  9.763   1.00 0.00 ? 2  PHE A HB2  9  
ATOM   1730 H HB3  . PHE A 1 2  ? 0.086  2.499  10.960  1.00 0.00 ? 2  PHE A HB3  9  
ATOM   1731 H HD1  . PHE A 1 2  ? 2.047  1.031  11.892  1.00 0.00 ? 2  PHE A HD1  9  
ATOM   1732 H HD2  . PHE A 1 2  ? 2.587  4.766  9.951   1.00 0.00 ? 2  PHE A HD2  9  
ATOM   1733 H HE1  . PHE A 1 2  ? 4.294  1.274  12.983  1.00 0.00 ? 2  PHE A HE1  9  
ATOM   1734 H HE2  . PHE A 1 2  ? 4.833  5.010  11.043  1.00 0.00 ? 2  PHE A HE2  9  
ATOM   1735 H HZ   . PHE A 1 2  ? 5.660  3.259  12.547  1.00 0.00 ? 2  PHE A HZ   9  
ATOM   1736 N N    . GLY A 1 3  ? 1.043  1.764  6.712   1.00 0.00 ? 3  GLY A N    9  
ATOM   1737 C CA   . GLY A 1 3  ? 1.657  2.167  5.459   1.00 0.00 ? 3  GLY A CA   9  
ATOM   1738 C C    . GLY A 1 3  ? 1.483  1.087  4.390   1.00 0.00 ? 3  GLY A C    9  
ATOM   1739 O O    . GLY A 1 3  ? 1.613  1.361  3.199   1.00 0.00 ? 3  GLY A O    9  
ATOM   1740 H H    . GLY A 1 3  ? 0.242  1.171  6.619   1.00 0.00 ? 3  GLY A H    9  
ATOM   1741 H HA2  . GLY A 1 3  ? 1.212  3.100  5.115   1.00 0.00 ? 3  GLY A HA2  9  
ATOM   1742 H HA3  . GLY A 1 3  ? 2.718  2.361  5.617   1.00 0.00 ? 3  GLY A HA3  9  
ATOM   1743 N N    . ALA A 1 4  ? 1.191  -0.120 4.855   1.00 0.00 ? 4  ALA A N    9  
ATOM   1744 C CA   . ALA A 1 4  ? 0.998  -1.242 3.954   1.00 0.00 ? 4  ALA A CA   9  
ATOM   1745 C C    . ALA A 1 4  ? -0.212 -0.970 3.059   1.00 0.00 ? 4  ALA A C    9  
ATOM   1746 O O    . ALA A 1 4  ? -0.416 -1.658 2.060   1.00 0.00 ? 4  ALA A O    9  
ATOM   1747 C CB   . ALA A 1 4  ? 0.843  -2.529 4.768   1.00 0.00 ? 4  ALA A CB   9  
ATOM   1748 H H    . ALA A 1 4  ? 1.088  -0.333 5.827   1.00 0.00 ? 4  ALA A H    9  
ATOM   1749 H HA   . ALA A 1 4  ? 1.890  -1.325 3.333   1.00 0.00 ? 4  ALA A HA   9  
ATOM   1750 H HB1  . ALA A 1 4  ? 1.151  -3.381 4.162   1.00 0.00 ? 4  ALA A HB1  9  
ATOM   1751 H HB2  . ALA A 1 4  ? 1.467  -2.473 5.660   1.00 0.00 ? 4  ALA A HB2  9  
ATOM   1752 H HB3  . ALA A 1 4  ? -0.199 -2.650 5.062   1.00 0.00 ? 4  ALA A HB3  9  
ATOM   1753 N N    . ILE A 1 5  ? -0.983 0.035  3.449   1.00 0.00 ? 5  ILE A N    9  
ATOM   1754 C CA   . ILE A 1 5  ? -2.166 0.407  2.695   1.00 0.00 ? 5  ILE A CA   9  
ATOM   1755 C C    . ILE A 1 5  ? -1.744 1.130  1.414   1.00 0.00 ? 5  ILE A C    9  
ATOM   1756 O O    . ILE A 1 5  ? -2.283 0.866  0.340   1.00 0.00 ? 5  ILE A O    9  
ATOM   1757 C CB   . ILE A 1 5  ? -3.127 1.216  3.568   1.00 0.00 ? 5  ILE A CB   9  
ATOM   1758 C CG1  . ILE A 1 5  ? -4.210 0.318  4.169   1.00 0.00 ? 5  ILE A CG1  9  
ATOM   1759 C CG2  . ILE A 1 5  ? -3.723 2.389  2.787   1.00 0.00 ? 5  ILE A CG2  9  
ATOM   1760 C CD1  . ILE A 1 5  ? -4.574 0.772  5.585   1.00 0.00 ? 5  ILE A CD1  9  
ATOM   1761 H H    . ILE A 1 5  ? -0.809 0.589  4.263   1.00 0.00 ? 5  ILE A H    9  
ATOM   1762 H HA   . ILE A 1 5  ? -2.680 -0.513 2.418   1.00 0.00 ? 5  ILE A HA   9  
ATOM   1763 H HB   . ILE A 1 5  ? -2.560 1.638  4.398   1.00 0.00 ? 5  ILE A HB   9  
ATOM   1764 H HG12 . ILE A 1 5  ? -5.097 0.339  3.537   1.00 0.00 ? 5  ILE A HG12 9  
ATOM   1765 H HG13 . ILE A 1 5  ? -3.860 -0.714 4.192   1.00 0.00 ? 5  ILE A HG13 9  
ATOM   1766 H HG21 . ILE A 1 5  ? -2.919 2.992  2.367   1.00 0.00 ? 5  ILE A HG21 9  
ATOM   1767 H HG22 . ILE A 1 5  ? -4.351 2.008  1.982   1.00 0.00 ? 5  ILE A HG22 9  
ATOM   1768 H HG23 . ILE A 1 5  ? -4.326 3.003  3.458   1.00 0.00 ? 5  ILE A HG23 9  
ATOM   1769 H HD11 . ILE A 1 5  ? -5.575 1.202  5.581   1.00 0.00 ? 5  ILE A HD11 9  
ATOM   1770 H HD12 . ILE A 1 5  ? -4.551 -0.086 6.259   1.00 0.00 ? 5  ILE A HD12 9  
ATOM   1771 H HD13 . ILE A 1 5  ? -3.857 1.519  5.923   1.00 0.00 ? 5  ILE A HD13 9  
ATOM   1772 N N    . ALA A 1 6  ? -0.782 2.029  1.569   1.00 0.00 ? 6  ALA A N    9  
ATOM   1773 C CA   . ALA A 1 6  ? -0.280 2.792  0.438   1.00 0.00 ? 6  ALA A CA   9  
ATOM   1774 C C    . ALA A 1 6  ? 0.672  1.916  -0.379  1.00 0.00 ? 6  ALA A C    9  
ATOM   1775 O O    . ALA A 1 6  ? 0.884  2.164  -1.566  1.00 0.00 ? 6  ALA A O    9  
ATOM   1776 C CB   . ALA A 1 6  ? 0.391  4.070  0.944   1.00 0.00 ? 6  ALA A CB   9  
ATOM   1777 H H    . ALA A 1 6  ? -0.349 2.238  2.445   1.00 0.00 ? 6  ALA A H    9  
ATOM   1778 H HA   . ALA A 1 6  ? -1.134 3.064  -0.183  1.00 0.00 ? 6  ALA A HA   9  
ATOM   1779 H HB1  . ALA A 1 6  ? -0.303 4.905  0.849   1.00 0.00 ? 6  ALA A HB1  9  
ATOM   1780 H HB2  . ALA A 1 6  ? 0.670  3.946  1.989   1.00 0.00 ? 6  ALA A HB2  9  
ATOM   1781 H HB3  . ALA A 1 6  ? 1.284  4.270  0.350   1.00 0.00 ? 6  ALA A HB3  9  
ATOM   1782 N N    . GLY A 1 7  ? 1.220  0.912  0.289   1.00 0.00 ? 7  GLY A N    9  
ATOM   1783 C CA   . GLY A 1 7  ? 2.146  -0.001 -0.361  1.00 0.00 ? 7  GLY A CA   9  
ATOM   1784 C C    . GLY A 1 7  ? 1.405  -0.965 -1.289  1.00 0.00 ? 7  GLY A C    9  
ATOM   1785 O O    . GLY A 1 7  ? 1.900  -1.305 -2.362  1.00 0.00 ? 7  GLY A O    9  
ATOM   1786 H H    . GLY A 1 7  ? 1.044  0.718  1.253   1.00 0.00 ? 7  GLY A H    9  
ATOM   1787 H HA2  . GLY A 1 7  ? 2.881  0.566  -0.933  1.00 0.00 ? 7  GLY A HA2  9  
ATOM   1788 H HA3  . GLY A 1 7  ? 2.696  -0.565 0.391   1.00 0.00 ? 7  GLY A HA3  9  
ATOM   1789 N N    . PHE A 1 8  ? 0.227  -1.378 -0.843  1.00 0.00 ? 8  PHE A N    9  
ATOM   1790 C CA   . PHE A 1 8  ? -0.588 -2.296 -1.619  1.00 0.00 ? 8  PHE A CA   9  
ATOM   1791 C C    . PHE A 1 8  ? -1.470 -1.539 -2.614  1.00 0.00 ? 8  PHE A C    9  
ATOM   1792 O O    . PHE A 1 8  ? -1.906 -2.103 -3.617  1.00 0.00 ? 8  PHE A O    9  
ATOM   1793 C CB   . PHE A 1 8  ? -1.482 -3.046 -0.630  1.00 0.00 ? 8  PHE A CB   9  
ATOM   1794 C CG   . PHE A 1 8  ? -2.734 -3.657 -1.263  1.00 0.00 ? 8  PHE A CG   9  
ATOM   1795 C CD1  . PHE A 1 8  ? -3.822 -2.878 -1.508  1.00 0.00 ? 8  PHE A CD1  9  
ATOM   1796 C CD2  . PHE A 1 8  ? -2.759 -4.979 -1.582  1.00 0.00 ? 8  PHE A CD2  9  
ATOM   1797 C CE1  . PHE A 1 8  ? -4.984 -3.445 -2.095  1.00 0.00 ? 8  PHE A CE1  9  
ATOM   1798 C CE2  . PHE A 1 8  ? -3.921 -5.546 -2.169  1.00 0.00 ? 8  PHE A CE2  9  
ATOM   1799 C CZ   . PHE A 1 8  ? -5.010 -4.767 -2.414  1.00 0.00 ? 8  PHE A CZ   9  
ATOM   1800 H H    . PHE A 1 8  ? -0.169 -1.096 0.031   1.00 0.00 ? 8  PHE A H    9  
ATOM   1801 H HA   . PHE A 1 8  ? 0.093  -2.950 -2.165  1.00 0.00 ? 8  PHE A HA   9  
ATOM   1802 H HB2  . PHE A 1 8  ? -0.902 -3.839 -0.160  1.00 0.00 ? 8  PHE A HB2  9  
ATOM   1803 H HB3  . PHE A 1 8  ? -1.786 -2.361 0.162   1.00 0.00 ? 8  PHE A HB3  9  
ATOM   1804 H HD1  . PHE A 1 8  ? -3.802 -1.819 -1.252  1.00 0.00 ? 8  PHE A HD1  9  
ATOM   1805 H HD2  . PHE A 1 8  ? -1.887 -5.603 -1.386  1.00 0.00 ? 8  PHE A HD2  9  
ATOM   1806 H HE1  . PHE A 1 8  ? -5.856 -2.821 -2.291  1.00 0.00 ? 8  PHE A HE1  9  
ATOM   1807 H HE2  . PHE A 1 8  ? -3.941 -6.606 -2.425  1.00 0.00 ? 8  PHE A HE2  9  
ATOM   1808 H HZ   . PHE A 1 8  ? -5.901 -5.203 -2.864  1.00 0.00 ? 8  PHE A HZ   9  
ATOM   1809 N N    . ILE A 1 9  ? -1.708 -0.274 -2.302  1.00 0.00 ? 9  ILE A N    9  
ATOM   1810 C CA   . ILE A 1 9  ? -2.531 0.567  -3.155  1.00 0.00 ? 9  ILE A CA   9  
ATOM   1811 C C    . ILE A 1 9  ? -1.694 1.055  -4.340  1.00 0.00 ? 9  ILE A C    9  
ATOM   1812 O O    . ILE A 1 9  ? -2.218 1.242  -5.437  1.00 0.00 ? 9  ILE A O    9  
ATOM   1813 C CB   . ILE A 1 9  ? -3.166 1.697  -2.342  1.00 0.00 ? 9  ILE A CB   9  
ATOM   1814 C CG1  . ILE A 1 9  ? -4.288 1.165  -1.448  1.00 0.00 ? 9  ILE A CG1  9  
ATOM   1815 C CG2  . ILE A 1 9  ? -3.649 2.825  -3.256  1.00 0.00 ? 9  ILE A CG2  9  
ATOM   1816 C CD1  . ILE A 1 9  ? -4.697 2.208  -0.405  1.00 0.00 ? 9  ILE A CD1  9  
ATOM   1817 H H    . ILE A 1 9  ? -1.350 0.178  -1.483  1.00 0.00 ? 9  ILE A H    9  
ATOM   1818 H HA   . ILE A 1 9  ? -3.343 -0.052 -3.537  1.00 0.00 ? 9  ILE A HA   9  
ATOM   1819 H HB   . ILE A 1 9  ? -2.403 2.117  -1.687  1.00 0.00 ? 9  ILE A HB   9  
ATOM   1820 H HG12 . ILE A 1 9  ? -5.150 0.897  -2.058  1.00 0.00 ? 9  ILE A HG12 9  
ATOM   1821 H HG13 . ILE A 1 9  ? -3.958 0.255  -0.947  1.00 0.00 ? 9  ILE A HG13 9  
ATOM   1822 H HG21 . ILE A 1 9  ? -2.886 3.603  -3.307  1.00 0.00 ? 9  ILE A HG21 9  
ATOM   1823 H HG22 . ILE A 1 9  ? -3.830 2.431  -4.255  1.00 0.00 ? 9  ILE A HG22 9  
ATOM   1824 H HG23 . ILE A 1 9  ? -4.572 3.246  -2.858  1.00 0.00 ? 9  ILE A HG23 9  
ATOM   1825 H HD11 . ILE A 1 9  ? -5.169 3.053  -0.904  1.00 0.00 ? 9  ILE A HD11 9  
ATOM   1826 H HD12 . ILE A 1 9  ? -5.402 1.760  0.298   1.00 0.00 ? 9  ILE A HD12 9  
ATOM   1827 H HD13 . ILE A 1 9  ? -3.814 2.549  0.133   1.00 0.00 ? 9  ILE A HD13 9  
ATOM   1828 N N    . LYS A 1 10 ? -0.412 1.250  -4.076  1.00 0.00 ? 10 LYS A N    9  
ATOM   1829 C CA   . LYS A 1 10 ? 0.502  1.713  -5.108  1.00 0.00 ? 10 LYS A CA   9  
ATOM   1830 C C    . LYS A 1 10 ? 1.051  0.509  -5.876  1.00 0.00 ? 10 LYS A C    9  
ATOM   1831 O O    . LYS A 1 10 ? 1.310  0.598  -7.075  1.00 0.00 ? 10 LYS A O    9  
ATOM   1832 C CB   . LYS A 1 10 ? 1.589  2.603  -4.500  1.00 0.00 ? 10 LYS A CB   9  
ATOM   1833 C CG   . LYS A 1 10 ? 1.986  3.720  -5.467  1.00 0.00 ? 10 LYS A CG   9  
ATOM   1834 C CD   . LYS A 1 10 ? 2.440  4.968  -4.707  1.00 0.00 ? 10 LYS A CD   9  
ATOM   1835 C CE   . LYS A 1 10 ? 3.945  4.933  -4.443  1.00 0.00 ? 10 LYS A CE   9  
ATOM   1836 N NZ   . LYS A 1 10 ? 4.697  5.250  -5.679  1.00 0.00 ? 10 LYS A NZ   9  
ATOM   1837 H H    . LYS A 1 10 ? 0.006  1.097  -3.180  1.00 0.00 ? 10 LYS A H    9  
ATOM   1838 H HA   . LYS A 1 10 ? -0.072 2.331  -5.798  1.00 0.00 ? 10 LYS A HA   9  
ATOM   1839 H HB2  . LYS A 1 10 ? 1.229  3.036  -3.566  1.00 0.00 ? 10 LYS A HB2  9  
ATOM   1840 H HB3  . LYS A 1 10 ? 2.463  2.000  -4.256  1.00 0.00 ? 10 LYS A HB3  9  
ATOM   1841 H HG2  . LYS A 1 10 ? 2.791  3.374  -6.117  1.00 0.00 ? 10 LYS A HG2  9  
ATOM   1842 H HG3  . LYS A 1 10 ? 1.142  3.968  -6.110  1.00 0.00 ? 10 LYS A HG3  9  
ATOM   1843 H HD2  . LYS A 1 10 ? 2.188  5.860  -5.283  1.00 0.00 ? 10 LYS A HD2  9  
ATOM   1844 H HD3  . LYS A 1 10 ? 1.901  5.037  -3.761  1.00 0.00 ? 10 LYS A HD3  9  
ATOM   1845 H HE2  . LYS A 1 10 ? 4.200  5.648  -3.661  1.00 0.00 ? 10 LYS A HE2  9  
ATOM   1846 H HE3  . LYS A 1 10 ? 4.233  3.947  -4.078  1.00 0.00 ? 10 LYS A HE3  9  
ATOM   1847 H HZ1  . LYS A 1 10 ? 5.623  4.839  -5.677  1.00 0.00 ? 10 LYS A HZ1  9  
ATOM   1848 H HZ3  . LYS A 1 10 ? 4.820  6.250  -5.802  1.00 0.00 ? 10 LYS A HZ3  9  
ATOM   1849 N N    . ASN A 1 11 ? 1.213  -0.589 -5.153  1.00 0.00 ? 11 ASN A N    9  
ATOM   1850 C CA   . ASN A 1 11 ? 1.727  -1.810 -5.752  1.00 0.00 ? 11 ASN A CA   9  
ATOM   1851 C C    . ASN A 1 11 ? 0.647  -2.431 -6.639  1.00 0.00 ? 11 ASN A C    9  
ATOM   1852 O O    . ASN A 1 11 ? 0.957  -3.073 -7.641  1.00 0.00 ? 11 ASN A O    9  
ATOM   1853 C CB   . ASN A 1 11 ? 2.103  -2.833 -4.678  1.00 0.00 ? 11 ASN A CB   9  
ATOM   1854 C CG   . ASN A 1 11 ? 2.644  -4.117 -5.310  1.00 0.00 ? 11 ASN A CG   9  
ATOM   1855 O OD1  . ASN A 1 11 ? 3.125  -4.133 -6.432  1.00 0.00 ? 11 ASN A OD1  9  
ATOM   1856 N ND2  . ASN A 1 11 ? 2.538  -5.190 -4.532  1.00 0.00 ? 11 ASN A ND2  9  
ATOM   1857 H H    . ASN A 1 11 ? 1.000  -0.654 -4.178  1.00 0.00 ? 11 ASN A H    9  
ATOM   1858 H HA   . ASN A 1 11 ? 2.606  -1.502 -6.317  1.00 0.00 ? 11 ASN A HA   9  
ATOM   1859 H HB2  . ASN A 1 11 ? 2.855  -2.407 -4.012  1.00 0.00 ? 11 ASN A HB2  9  
ATOM   1860 H HB3  . ASN A 1 11 ? 1.230  -3.063 -4.068  1.00 0.00 ? 11 ASN A HB3  9  
ATOM   1861 H HD21 . ASN A 1 11 ? 2.133  -5.109 -3.621  1.00 0.00 ? 11 ASN A HD21 9  
ATOM   1862 H HD22 . ASN A 1 11 ? 2.864  -6.078 -4.856  1.00 0.00 ? 11 ASN A HD22 9  
ATOM   1863 N N    . ILE A 1 12 ? -0.598 -2.218 -6.239  1.00 0.00 ? 12 ILE A N    9  
ATOM   1864 C CA   . ILE A 1 12 ? -1.725 -2.749 -6.986  1.00 0.00 ? 12 ILE A CA   9  
ATOM   1865 C C    . ILE A 1 12 ? -2.086 -1.779 -8.113  1.00 0.00 ? 12 ILE A C    9  
ATOM   1866 O O    . ILE A 1 12 ? -2.482 -2.203 -9.198  1.00 0.00 ? 12 ILE A O    9  
ATOM   1867 C CB   . ILE A 1 12 ? -2.891 -3.062 -6.045  1.00 0.00 ? 12 ILE A CB   9  
ATOM   1868 C CG1  . ILE A 1 12 ? -2.518 -4.172 -5.063  1.00 0.00 ? 12 ILE A CG1  9  
ATOM   1869 C CG2  . ILE A 1 12 ? -4.157 -3.397 -6.837  1.00 0.00 ? 12 ILE A CG2  9  
ATOM   1870 C CD1  . ILE A 1 12 ? -2.700 -5.553 -5.698  1.00 0.00 ? 12 ILE A CD1  9  
ATOM   1871 H H    . ILE A 1 12 ? -0.841 -1.694 -5.423  1.00 0.00 ? 12 ILE A H    9  
ATOM   1872 H HA   . ILE A 1 12 ? -1.407 -3.691 -7.431  1.00 0.00 ? 12 ILE A HA   9  
ATOM   1873 H HB   . ILE A 1 12 ? -3.105 -2.168 -5.459  1.00 0.00 ? 12 ILE A HB   9  
ATOM   1874 H HG12 . ILE A 1 12 ? -1.484 -4.049 -4.743  1.00 0.00 ? 12 ILE A HG12 9  
ATOM   1875 H HG13 . ILE A 1 12 ? -3.140 -4.095 -4.169  1.00 0.00 ? 12 ILE A HG13 9  
ATOM   1876 H HG21 . ILE A 1 12 ? -3.903 -4.049 -7.671  1.00 0.00 ? 12 ILE A HG21 9  
ATOM   1877 H HG22 . ILE A 1 12 ? -4.870 -3.902 -6.184  1.00 0.00 ? 12 ILE A HG22 9  
ATOM   1878 H HG23 . ILE A 1 12 ? -4.602 -2.477 -7.216  1.00 0.00 ? 12 ILE A HG23 9  
ATOM   1879 H HD11 . ILE A 1 12 ? -3.722 -5.651 -6.066  1.00 0.00 ? 12 ILE A HD11 9  
ATOM   1880 H HD12 . ILE A 1 12 ? -2.003 -5.664 -6.529  1.00 0.00 ? 12 ILE A HD12 9  
ATOM   1881 H HD13 . ILE A 1 12 ? -2.506 -6.324 -4.954  1.00 0.00 ? 12 ILE A HD13 9  
ATOM   1882 N N    . TRP A 1 13 ? -1.939 -0.497 -7.817  1.00 0.00 ? 13 TRP A N    9  
ATOM   1883 C CA   . TRP A 1 13 ? -2.244 0.537  -8.791  1.00 0.00 ? 13 TRP A CA   9  
ATOM   1884 C C    . TRP A 1 13 ? -0.980 1.369  -9.012  1.00 0.00 ? 13 TRP A C    9  
ATOM   1885 O O    . TRP A 1 13 ? -0.280 1.189  -10.006 1.00 0.00 ? 13 TRP A O    9  
ATOM   1886 C CB   . TRP A 1 13 ? -3.443 1.376  -8.344  1.00 0.00 ? 13 TRP A CB   9  
ATOM   1887 C CG   . TRP A 1 13 ? -4.783 0.641  -8.424  1.00 0.00 ? 13 TRP A CG   9  
ATOM   1888 C CD1  . TRP A 1 13 ? -5.301 -0.228 -7.546  1.00 0.00 ? 13 TRP A CD1  9  
ATOM   1889 C CD2  . TRP A 1 13 ? -5.760 0.749  -9.482  1.00 0.00 ? 13 TRP A CD2  9  
ATOM   1890 N NE1  . TRP A 1 13 ? -6.536 -0.687 -7.959  1.00 0.00 ? 13 TRP A NE1  9  
ATOM   1891 C CE2  . TRP A 1 13 ? -6.824 -0.074 -9.172  1.00 0.00 ? 13 TRP A CE2  9  
ATOM   1892 C CE3  . TRP A 1 13 ? -5.745 1.517  -10.659 1.00 0.00 ? 13 TRP A CE3  9  
ATOM   1893 C CZ2  . TRP A 1 13 ? -7.952 -0.209 -9.991  1.00 0.00 ? 13 TRP A CZ2  9  
ATOM   1894 C CZ3  . TRP A 1 13 ? -6.879 1.371  -11.467 1.00 0.00 ? 13 TRP A CZ3  9  
ATOM   1895 C CH2  . TRP A 1 13 ? -7.959 0.547  -11.170 1.00 0.00 ? 13 TRP A CH2  9  
ATOM   1896 H H    . TRP A 1 13 ? -1.618 -0.160 -6.933  1.00 0.00 ? 13 TRP A H    9  
ATOM   1897 H HA   . TRP A 1 13 ? -2.533 0.044  -9.721  1.00 0.00 ? 13 TRP A HA   9  
ATOM   1898 H HB2  . TRP A 1 13 ? -3.282 1.702  -7.316  1.00 0.00 ? 13 TRP A HB2  9  
ATOM   1899 H HB3  . TRP A 1 13 ? -3.495 2.274  -8.959  1.00 0.00 ? 13 TRP A HB3  9  
ATOM   1900 H HD1  . TRP A 1 13 ? -4.810 -0.535 -6.623  1.00 0.00 ? 13 TRP A HD1  9  
ATOM   1901 H HE1  . TRP A 1 13 ? -7.168 -1.400 -7.430  1.00 0.00 ? 13 TRP A HE1  9  
ATOM   1902 H HE3  . TRP A 1 13 ? -4.918 2.175  -10.925 1.00 0.00 ? 13 TRP A HE3  9  
ATOM   1903 H HZ2  . TRP A 1 13 ? -8.778 -0.866 -9.726  1.00 0.00 ? 13 TRP A HZ2  9  
ATOM   1904 H HZ3  . TRP A 1 13 ? -6.919 1.944  -12.393 1.00 0.00 ? 13 TRP A HZ3  9  
ATOM   1905 H HH2  . TRP A 1 13 ? -8.806 0.487  -11.852 1.00 0.00 ? 13 TRP A HH2  9  
HETATM 1906 N N    . NH2 A 1 14 ? -0.727 2.264  -8.067  1.00 0.00 ? 14 NH2 A N    9  
HETATM 1907 H HN1  . NH2 A 1 14 ? 0.080  2.848  -8.135  1.00 0.00 ? 14 NH2 A HN1  9  
HETATM 1908 H HN2  . NH2 A 1 14 ? -1.344 2.352  -7.284  1.00 0.00 ? 14 NH2 A HN2  9  
ATOM   1909 N N    . ILE A 1 1  ? 1.394  -2.241 9.151   1.00 0.00 ? 1  ILE A N    10 
ATOM   1910 C CA   . ILE A 1 1  ? -0.026 -1.995 8.969   1.00 0.00 ? 1  ILE A CA   10 
ATOM   1911 C C    . ILE A 1 1  ? -0.256 -0.498 8.743   1.00 0.00 ? 1  ILE A C    10 
ATOM   1912 O O    . ILE A 1 1  ? -1.267 -0.102 8.164   1.00 0.00 ? 1  ILE A O    10 
ATOM   1913 C CB   . ILE A 1 1  ? -0.826 -2.569 10.139  1.00 0.00 ? 1  ILE A CB   10 
ATOM   1914 C CG1  . ILE A 1 1  ? -0.260 -2.089 11.477  1.00 0.00 ? 1  ILE A CG1  10 
ATOM   1915 C CG2  . ILE A 1 1  ? -0.893 -4.096 10.060  1.00 0.00 ? 1  ILE A CG2  10 
ATOM   1916 C CD1  . ILE A 1 1  ? -1.171 -1.039 12.114  1.00 0.00 ? 1  ILE A CD1  10 
ATOM   1917 H H1   . ILE A 1 1  ? 1.998  -1.637 8.632   1.00 0.00 ? 1  ILE A H1   10 
ATOM   1918 H HA   . ILE A 1 1  ? -0.337 -2.531 8.072   1.00 0.00 ? 1  ILE A HA   10 
ATOM   1919 H HB   . ILE A 1 1  ? -1.847 -2.198 10.071  1.00 0.00 ? 1  ILE A HB   10 
ATOM   1920 H HG12 . ILE A 1 1  ? -0.148 -2.937 12.154  1.00 0.00 ? 1  ILE A HG12 10 
ATOM   1921 H HG13 . ILE A 1 1  ? 0.734  -1.669 11.327  1.00 0.00 ? 1  ILE A HG13 10 
ATOM   1922 H HG21 . ILE A 1 1  ? -0.400 -4.434 9.149   1.00 0.00 ? 1  ILE A HG21 10 
ATOM   1923 H HG22 . ILE A 1 1  ? -0.392 -4.528 10.927  1.00 0.00 ? 1  ILE A HG22 10 
ATOM   1924 H HG23 . ILE A 1 1  ? -1.936 -4.414 10.049  1.00 0.00 ? 1  ILE A HG23 10 
ATOM   1925 H HD11 . ILE A 1 1  ? -0.566 -0.314 12.657  1.00 0.00 ? 1  ILE A HD11 10 
ATOM   1926 H HD12 . ILE A 1 1  ? -1.737 -0.530 11.334  1.00 0.00 ? 1  ILE A HD12 10 
ATOM   1927 H HD13 . ILE A 1 1  ? -1.860 -1.526 12.805  1.00 0.00 ? 1  ILE A HD13 10 
ATOM   1928 N N    . PHE A 1 2  ? 0.699  0.292  9.211   1.00 0.00 ? 2  PHE A N    10 
ATOM   1929 C CA   . PHE A 1 2  ? 0.614  1.734  9.069   1.00 0.00 ? 2  PHE A CA   10 
ATOM   1930 C C    . PHE A 1 2  ? 1.425  2.215  7.864   1.00 0.00 ? 2  PHE A C    10 
ATOM   1931 O O    . PHE A 1 2  ? 2.393  2.958  8.018   1.00 0.00 ? 2  PHE A O    10 
ATOM   1932 C CB   . PHE A 1 2  ? 1.203  2.346  10.341  1.00 0.00 ? 2  PHE A CB   10 
ATOM   1933 C CG   . PHE A 1 2  ? 0.839  3.817  10.550  1.00 0.00 ? 2  PHE A CG   10 
ATOM   1934 C CD1  . PHE A 1 2  ? -0.463 4.181  10.698  1.00 0.00 ? 2  PHE A CD1  10 
ATOM   1935 C CD2  . PHE A 1 2  ? 1.817  4.761  10.589  1.00 0.00 ? 2  PHE A CD2  10 
ATOM   1936 C CE1  . PHE A 1 2  ? -0.802 5.546  10.892  1.00 0.00 ? 2  PHE A CE1  10 
ATOM   1937 C CE2  . PHE A 1 2  ? 1.480  6.126  10.784  1.00 0.00 ? 2  PHE A CE2  10 
ATOM   1938 C CZ   . PHE A 1 2  ? 0.178  6.491  10.931  1.00 0.00 ? 2  PHE A CZ   10 
ATOM   1939 H H    . PHE A 1 2  ? 1.519  -0.040 9.680   1.00 0.00 ? 2  PHE A H    10 
ATOM   1940 H HA   . PHE A 1 2  ? -0.437 1.983  8.918   1.00 0.00 ? 2  PHE A HA   10 
ATOM   1941 H HB2  . PHE A 1 2  ? 0.859  1.771  11.201  1.00 0.00 ? 2  PHE A HB2  10 
ATOM   1942 H HB3  . PHE A 1 2  ? 2.288  2.251  10.308  1.00 0.00 ? 2  PHE A HB3  10 
ATOM   1943 H HD1  . PHE A 1 2  ? -1.248 3.425  10.667  1.00 0.00 ? 2  PHE A HD1  10 
ATOM   1944 H HD2  . PHE A 1 2  ? 2.860  4.469  10.471  1.00 0.00 ? 2  PHE A HD2  10 
ATOM   1945 H HE1  . PHE A 1 2  ? -1.845 5.838  11.010  1.00 0.00 ? 2  PHE A HE1  10 
ATOM   1946 H HE2  . PHE A 1 2  ? 2.263  6.883  10.815  1.00 0.00 ? 2  PHE A HE2  10 
ATOM   1947 H HZ   . PHE A 1 2  ? -0.082 7.538  11.081  1.00 0.00 ? 2  PHE A HZ   10 
ATOM   1948 N N    . GLY A 1 3  ? 1.001  1.770  6.689   1.00 0.00 ? 3  GLY A N    10 
ATOM   1949 C CA   . GLY A 1 3  ? 1.677  2.145  5.458   1.00 0.00 ? 3  GLY A CA   10 
ATOM   1950 C C    . GLY A 1 3  ? 1.496  1.071  4.384   1.00 0.00 ? 3  GLY A C    10 
ATOM   1951 O O    . GLY A 1 3  ? 1.638  1.349  3.194   1.00 0.00 ? 3  GLY A O    10 
ATOM   1952 H H    . GLY A 1 3  ? 0.214  1.167  6.571   1.00 0.00 ? 3  GLY A H    10 
ATOM   1953 H HA2  . GLY A 1 3  ? 1.283  3.096  5.098   1.00 0.00 ? 3  GLY A HA2  10 
ATOM   1954 H HA3  . GLY A 1 3  ? 2.739  2.295  5.654   1.00 0.00 ? 3  GLY A HA3  10 
ATOM   1955 N N    . ALA A 1 4  ? 1.184  -0.132 4.843   1.00 0.00 ? 4  ALA A N    10 
ATOM   1956 C CA   . ALA A 1 4  ? 0.983  -1.249 3.936   1.00 0.00 ? 4  ALA A CA   10 
ATOM   1957 C C    . ALA A 1 4  ? -0.229 -0.965 3.045   1.00 0.00 ? 4  ALA A C    10 
ATOM   1958 O O    . ALA A 1 4  ? -0.446 -1.651 2.049   1.00 0.00 ? 4  ALA A O    10 
ATOM   1959 C CB   . ALA A 1 4  ? 0.823  -2.539 4.742   1.00 0.00 ? 4  ALA A CB   10 
ATOM   1960 H H    . ALA A 1 4  ? 1.072  -0.349 5.812   1.00 0.00 ? 4  ALA A H    10 
ATOM   1961 H HA   . ALA A 1 4  ? 1.871  -1.333 3.309   1.00 0.00 ? 4  ALA A HA   10 
ATOM   1962 H HB1  . ALA A 1 4  ? -0.208 -2.629 5.084   1.00 0.00 ? 4  ALA A HB1  10 
ATOM   1963 H HB2  . ALA A 1 4  ? 1.073  -3.394 4.113   1.00 0.00 ? 4  ALA A HB2  10 
ATOM   1964 H HB3  . ALA A 1 4  ? 1.490  -2.515 5.603   1.00 0.00 ? 4  ALA A HB3  10 
ATOM   1965 N N    . ILE A 1 5  ? -0.987 0.050  3.438   1.00 0.00 ? 5  ILE A N    10 
ATOM   1966 C CA   . ILE A 1 5  ? -2.170 0.434  2.688   1.00 0.00 ? 5  ILE A CA   10 
ATOM   1967 C C    . ILE A 1 5  ? -1.746 1.151  1.405   1.00 0.00 ? 5  ILE A C    10 
ATOM   1968 O O    . ILE A 1 5  ? -2.297 0.897  0.336   1.00 0.00 ? 5  ILE A O    10 
ATOM   1969 C CB   . ILE A 1 5  ? -3.118 1.252  3.566   1.00 0.00 ? 5  ILE A CB   10 
ATOM   1970 C CG1  . ILE A 1 5  ? -4.205 0.364  4.176   1.00 0.00 ? 5  ILE A CG1  10 
ATOM   1971 C CG2  . ILE A 1 5  ? -3.711 2.427  2.786   1.00 0.00 ? 5  ILE A CG2  10 
ATOM   1972 C CD1  . ILE A 1 5  ? -4.692 0.933  5.511   1.00 0.00 ? 5  ILE A CD1  10 
ATOM   1973 H H    . ILE A 1 5  ? -0.803 0.603  4.250   1.00 0.00 ? 5  ILE A H    10 
ATOM   1974 H HA   . ILE A 1 5  ? -2.696 -0.482 2.414   1.00 0.00 ? 5  ILE A HA   10 
ATOM   1975 H HB   . ILE A 1 5  ? -2.543 1.672  4.391   1.00 0.00 ? 5  ILE A HB   10 
ATOM   1976 H HG12 . ILE A 1 5  ? -5.043 0.280  3.484   1.00 0.00 ? 5  ILE A HG12 10 
ATOM   1977 H HG13 . ILE A 1 5  ? -3.814 -0.642 4.327   1.00 0.00 ? 5  ILE A HG13 10 
ATOM   1978 H HG21 . ILE A 1 5  ? -2.907 3.084  2.452   1.00 0.00 ? 5  ILE A HG21 10 
ATOM   1979 H HG22 . ILE A 1 5  ? -4.255 2.050  1.919   1.00 0.00 ? 5  ILE A HG22 10 
ATOM   1980 H HG23 . ILE A 1 5  ? -4.391 2.984  3.430   1.00 0.00 ? 5  ILE A HG23 10 
ATOM   1981 H HD11 . ILE A 1 5  ? -5.771 0.797  5.591   1.00 0.00 ? 5  ILE A HD11 10 
ATOM   1982 H HD12 . ILE A 1 5  ? -4.199 0.411  6.331   1.00 0.00 ? 5  ILE A HD12 10 
ATOM   1983 H HD13 . ILE A 1 5  ? -4.455 1.996  5.560   1.00 0.00 ? 5  ILE A HD13 10 
ATOM   1984 N N    . ALA A 1 6  ? -0.769 2.034  1.554   1.00 0.00 ? 6  ALA A N    10 
ATOM   1985 C CA   . ALA A 1 6  ? -0.264 2.791  0.422   1.00 0.00 ? 6  ALA A CA   10 
ATOM   1986 C C    . ALA A 1 6  ? 0.689  1.911  -0.389  1.00 0.00 ? 6  ALA A C    10 
ATOM   1987 O O    . ALA A 1 6  ? 0.904  2.152  -1.577  1.00 0.00 ? 6  ALA A O    10 
ATOM   1988 C CB   . ALA A 1 6  ? 0.408  4.072  0.921   1.00 0.00 ? 6  ALA A CB   10 
ATOM   1989 H H    . ALA A 1 6  ? -0.325 2.234  2.428   1.00 0.00 ? 6  ALA A H    10 
ATOM   1990 H HA   . ALA A 1 6  ? -1.116 3.061  -0.203  1.00 0.00 ? 6  ALA A HA   10 
ATOM   1991 H HB1  . ALA A 1 6  ? 0.003  4.928  0.381   1.00 0.00 ? 6  ALA A HB1  10 
ATOM   1992 H HB2  . ALA A 1 6  ? 0.214  4.191  1.987   1.00 0.00 ? 6  ALA A HB2  10 
ATOM   1993 H HB3  . ALA A 1 6  ? 1.482  4.009  0.750   1.00 0.00 ? 6  ALA A HB3  10 
ATOM   1994 N N    . GLY A 1 7  ? 1.235  0.908  0.283   1.00 0.00 ? 7  GLY A N    10 
ATOM   1995 C CA   . GLY A 1 7  ? 2.161  -0.007 -0.360  1.00 0.00 ? 7  GLY A CA   10 
ATOM   1996 C C    . GLY A 1 7  ? 1.420  -0.974 -1.287  1.00 0.00 ? 7  GLY A C    10 
ATOM   1997 O O    . GLY A 1 7  ? 1.920  -1.322 -2.356  1.00 0.00 ? 7  GLY A O    10 
ATOM   1998 H H    . GLY A 1 7  ? 1.054  0.719  1.248   1.00 0.00 ? 7  GLY A H    10 
ATOM   1999 H HA2  . GLY A 1 7  ? 2.898  0.556  -0.931  1.00 0.00 ? 7  GLY A HA2  10 
ATOM   2000 H HA3  . GLY A 1 7  ? 2.705  -0.572 0.398   1.00 0.00 ? 7  GLY A HA3  10 
ATOM   2001 N N    . PHE A 1 8  ? 0.239  -1.382 -0.844  1.00 0.00 ? 8  PHE A N    10 
ATOM   2002 C CA   . PHE A 1 8  ? -0.575 -2.300 -1.620  1.00 0.00 ? 8  PHE A CA   10 
ATOM   2003 C C    . PHE A 1 8  ? -1.466 -1.543 -2.610  1.00 0.00 ? 8  PHE A C    10 
ATOM   2004 O O    . PHE A 1 8  ? -1.895 -2.102 -3.616  1.00 0.00 ? 8  PHE A O    10 
ATOM   2005 C CB   . PHE A 1 8  ? -1.462 -3.058 -0.631  1.00 0.00 ? 8  PHE A CB   10 
ATOM   2006 C CG   . PHE A 1 8  ? -2.715 -3.670 -1.260  1.00 0.00 ? 8  PHE A CG   10 
ATOM   2007 C CD1  . PHE A 1 8  ? -2.675 -4.932 -1.766  1.00 0.00 ? 8  PHE A CD1  10 
ATOM   2008 C CD2  . PHE A 1 8  ? -3.870 -2.952 -1.313  1.00 0.00 ? 8  PHE A CD2  10 
ATOM   2009 C CE1  . PHE A 1 8  ? -3.838 -5.500 -2.350  1.00 0.00 ? 8  PHE A CE1  10 
ATOM   2010 C CE2  . PHE A 1 8  ? -5.033 -3.521 -1.897  1.00 0.00 ? 8  PHE A CE2  10 
ATOM   2011 C CZ   . PHE A 1 8  ? -4.992 -4.783 -2.403  1.00 0.00 ? 8  PHE A CZ   10 
ATOM   2012 H H    . PHE A 1 8  ? -0.161 -1.094 0.027   1.00 0.00 ? 8  PHE A H    10 
ATOM   2013 H HA   . PHE A 1 8  ? 0.105  -2.950 -2.171  1.00 0.00 ? 8  PHE A HA   10 
ATOM   2014 H HB2  . PHE A 1 8  ? -0.877 -3.850 -0.167  1.00 0.00 ? 8  PHE A HB2  10 
ATOM   2015 H HB3  . PHE A 1 8  ? -1.765 -2.376 0.166   1.00 0.00 ? 8  PHE A HB3  10 
ATOM   2016 H HD1  . PHE A 1 8  ? -1.749 -5.506 -1.723  1.00 0.00 ? 8  PHE A HD1  10 
ATOM   2017 H HD2  . PHE A 1 8  ? -3.902 -1.942 -0.908  1.00 0.00 ? 8  PHE A HD2  10 
ATOM   2018 H HE1  . PHE A 1 8  ? -3.804 -6.511 -2.755  1.00 0.00 ? 8  PHE A HE1  10 
ATOM   2019 H HE2  . PHE A 1 8  ? -5.958 -2.947 -1.940  1.00 0.00 ? 8  PHE A HE2  10 
ATOM   2020 H HZ   . PHE A 1 8  ? -5.884 -5.219 -2.853  1.00 0.00 ? 8  PHE A HZ   10 
ATOM   2021 N N    . ILE A 1 9  ? -1.715 -0.283 -2.286  1.00 0.00 ? 9  ILE A N    10 
ATOM   2022 C CA   . ILE A 1 9  ? -2.546 0.556  -3.132  1.00 0.00 ? 9  ILE A CA   10 
ATOM   2023 C C    . ILE A 1 9  ? -1.718 1.052  -4.319  1.00 0.00 ? 9  ILE A C    10 
ATOM   2024 O O    . ILE A 1 9  ? -2.249 1.247  -5.413  1.00 0.00 ? 9  ILE A O    10 
ATOM   2025 C CB   . ILE A 1 9  ? -3.181 1.681  -2.313  1.00 0.00 ? 9  ILE A CB   10 
ATOM   2026 C CG1  . ILE A 1 9  ? -4.250 1.132  -1.365  1.00 0.00 ? 9  ILE A CG1  10 
ATOM   2027 C CG2  . ILE A 1 9  ? -3.734 2.778  -3.226  1.00 0.00 ? 9  ILE A CG2  10 
ATOM   2028 C CD1  . ILE A 1 9  ? -5.608 1.043  -2.062  1.00 0.00 ? 9  ILE A CD1  10 
ATOM   2029 H H    . ILE A 1 9  ? -1.362 0.164  -1.465  1.00 0.00 ? 9  ILE A H    10 
ATOM   2030 H HA   . ILE A 1 9  ? -3.357 -0.065 -3.513  1.00 0.00 ? 9  ILE A HA   10 
ATOM   2031 H HB   . ILE A 1 9  ? -2.406 2.135  -1.697  1.00 0.00 ? 9  ILE A HB   10 
ATOM   2032 H HG12 . ILE A 1 9  ? -3.953 0.144  -1.010  1.00 0.00 ? 9  ILE A HG12 10 
ATOM   2033 H HG13 . ILE A 1 9  ? -4.328 1.775  -0.489  1.00 0.00 ? 9  ILE A HG13 10 
ATOM   2034 H HG21 . ILE A 1 9  ? -4.516 2.362  -3.861  1.00 0.00 ? 9  ILE A HG21 10 
ATOM   2035 H HG22 . ILE A 1 9  ? -4.149 3.581  -2.617  1.00 0.00 ? 9  ILE A HG22 10 
ATOM   2036 H HG23 . ILE A 1 9  ? -2.930 3.172  -3.847  1.00 0.00 ? 9  ILE A HG23 10 
ATOM   2037 H HD11 . ILE A 1 9  ? -6.081 2.026  -2.065  1.00 0.00 ? 9  ILE A HD11 10 
ATOM   2038 H HD12 . ILE A 1 9  ? -5.468 0.704  -3.090  1.00 0.00 ? 9  ILE A HD12 10 
ATOM   2039 H HD13 . ILE A 1 9  ? -6.245 0.336  -1.531  1.00 0.00 ? 9  ILE A HD13 10 
ATOM   2040 N N    . LYS A 1 10 ? -0.432 1.243  -4.066  1.00 0.00 ? 10 LYS A N    10 
ATOM   2041 C CA   . LYS A 1 10 ? 0.474  1.714  -5.100  1.00 0.00 ? 10 LYS A CA   10 
ATOM   2042 C C    . LYS A 1 10 ? 1.031  0.513  -5.867  1.00 0.00 ? 10 LYS A C    10 
ATOM   2043 O O    . LYS A 1 10 ? 1.271  0.598  -7.072  1.00 0.00 ? 10 LYS A O    10 
ATOM   2044 C CB   . LYS A 1 10 ? 1.553  2.615  -4.498  1.00 0.00 ? 10 LYS A CB   10 
ATOM   2045 C CG   . LYS A 1 10 ? 1.970  3.707  -5.484  1.00 0.00 ? 10 LYS A CG   10 
ATOM   2046 C CD   . LYS A 1 10 ? 1.424  5.070  -5.054  1.00 0.00 ? 10 LYS A CD   10 
ATOM   2047 C CE   . LYS A 1 10 ? 0.854  5.836  -6.250  1.00 0.00 ? 10 LYS A CE   10 
ATOM   2048 N NZ   . LYS A 1 10 ? -0.140 6.836  -5.799  1.00 0.00 ? 10 LYS A NZ   10 
ATOM   2049 H H    . LYS A 1 10 ? -0.009 1.082  -3.175  1.00 0.00 ? 10 LYS A H    10 
ATOM   2050 H HA   . LYS A 1 10 ? -0.108 2.324  -5.791  1.00 0.00 ? 10 LYS A HA   10 
ATOM   2051 H HB2  . LYS A 1 10 ? 1.183  3.069  -3.579  1.00 0.00 ? 10 LYS A HB2  10 
ATOM   2052 H HB3  . LYS A 1 10 ? 2.422  2.014  -4.226  1.00 0.00 ? 10 LYS A HB3  10 
ATOM   2053 H HG2  . LYS A 1 10 ? 3.057  3.750  -5.548  1.00 0.00 ? 10 LYS A HG2  10 
ATOM   2054 H HG3  . LYS A 1 10 ? 1.602  3.462  -6.480  1.00 0.00 ? 10 LYS A HG3  10 
ATOM   2055 H HD2  . LYS A 1 10 ? 0.648  4.933  -4.302  1.00 0.00 ? 10 LYS A HD2  10 
ATOM   2056 H HD3  . LYS A 1 10 ? 2.218  5.653  -4.590  1.00 0.00 ? 10 LYS A HD3  10 
ATOM   2057 H HE2  . LYS A 1 10 ? 1.661  6.332  -6.790  1.00 0.00 ? 10 LYS A HE2  10 
ATOM   2058 H HE3  . LYS A 1 10 ? 0.387  5.138  -6.946  1.00 0.00 ? 10 LYS A HE3  10 
ATOM   2059 H HZ1  . LYS A 1 10 ? -1.019 6.747  -6.297  1.00 0.00 ? 10 LYS A HZ1  10 
ATOM   2060 H HZ3  . LYS A 1 10 ? 0.184  7.784  -5.944  1.00 0.00 ? 10 LYS A HZ3  10 
ATOM   2061 N N    . ASN A 1 11 ? 1.223  -0.578 -5.140  1.00 0.00 ? 11 ASN A N    10 
ATOM   2062 C CA   . ASN A 1 11 ? 1.747  -1.794 -5.737  1.00 0.00 ? 11 ASN A CA   10 
ATOM   2063 C C    . ASN A 1 11 ? 0.675  -2.424 -6.628  1.00 0.00 ? 11 ASN A C    10 
ATOM   2064 O O    . ASN A 1 11 ? 0.992  -3.066 -7.628  1.00 0.00 ? 11 ASN A O    10 
ATOM   2065 C CB   . ASN A 1 11 ? 2.128  -2.814 -4.662  1.00 0.00 ? 11 ASN A CB   10 
ATOM   2066 C CG   . ASN A 1 11 ? 2.643  -4.110 -5.294  1.00 0.00 ? 11 ASN A CG   10 
ATOM   2067 O OD1  . ASN A 1 11 ? 3.385  -4.106 -6.263  1.00 0.00 ? 11 ASN A OD1  10 
ATOM   2068 N ND2  . ASN A 1 11 ? 2.208  -5.214 -4.695  1.00 0.00 ? 11 ASN A ND2  10 
ATOM   2069 H H    . ASN A 1 11 ? 1.025  -0.638 -4.161  1.00 0.00 ? 11 ASN A H    10 
ATOM   2070 H HA   . ASN A 1 11 ? 2.625  -1.480 -6.299  1.00 0.00 ? 11 ASN A HA   10 
ATOM   2071 H HB2  . ASN A 1 11 ? 2.895  -2.394 -4.012  1.00 0.00 ? 11 ASN A HB2  10 
ATOM   2072 H HB3  . ASN A 1 11 ? 1.262  -3.030 -4.037  1.00 0.00 ? 11 ASN A HB3  10 
ATOM   2073 H HD21 . ASN A 1 11 ? 1.599  -5.147 -3.904  1.00 0.00 ? 11 ASN A HD21 10 
ATOM   2074 H HD22 . ASN A 1 11 ? 2.489  -6.111 -5.035  1.00 0.00 ? 11 ASN A HD22 10 
ATOM   2075 N N    . ILE A 1 12 ? -0.573 -2.217 -6.232  1.00 0.00 ? 12 ILE A N    10 
ATOM   2076 C CA   . ILE A 1 12 ? -1.695 -2.757 -6.983  1.00 0.00 ? 12 ILE A CA   10 
ATOM   2077 C C    . ILE A 1 12 ? -2.068 -1.783 -8.103  1.00 0.00 ? 12 ILE A C    10 
ATOM   2078 O O    . ILE A 1 12 ? -2.438 -2.205 -9.198  1.00 0.00 ? 12 ILE A O    10 
ATOM   2079 C CB   . ILE A 1 12 ? -2.856 -3.091 -6.046  1.00 0.00 ? 12 ILE A CB   10 
ATOM   2080 C CG1  . ILE A 1 12 ? -2.463 -4.191 -5.057  1.00 0.00 ? 12 ILE A CG1  10 
ATOM   2081 C CG2  . ILE A 1 12 ? -4.113 -3.455 -6.838  1.00 0.00 ? 12 ILE A CG2  10 
ATOM   2082 C CD1  . ILE A 1 12 ? -2.731 -5.578 -5.643  1.00 0.00 ? 12 ILE A CD1  10 
ATOM   2083 H H    . ILE A 1 12 ? -0.823 -1.693 -5.419  1.00 0.00 ? 12 ILE A H    10 
ATOM   2084 H HA   . ILE A 1 12 ? -1.365 -3.692 -7.435  1.00 0.00 ? 12 ILE A HA   10 
ATOM   2085 H HB   . ILE A 1 12 ? -3.090 -2.201 -5.461  1.00 0.00 ? 12 ILE A HB   10 
ATOM   2086 H HG12 . ILE A 1 12 ? -1.407 -4.097 -4.804  1.00 0.00 ? 12 ILE A HG12 10 
ATOM   2087 H HG13 . ILE A 1 12 ? -3.025 -4.069 -4.129  1.00 0.00 ? 12 ILE A HG13 10 
ATOM   2088 H HG21 . ILE A 1 12 ? -4.820 -3.964 -6.184  1.00 0.00 ? 12 ILE A HG21 10 
ATOM   2089 H HG22 . ILE A 1 12 ? -4.570 -2.548 -7.231  1.00 0.00 ? 12 ILE A HG22 10 
ATOM   2090 H HG23 . ILE A 1 12 ? -3.843 -4.114 -7.663  1.00 0.00 ? 12 ILE A HG23 10 
ATOM   2091 H HD11 . ILE A 1 12 ? -2.497 -6.339 -4.900  1.00 0.00 ? 12 ILE A HD11 10 
ATOM   2092 H HD12 . ILE A 1 12 ? -3.782 -5.655 -5.924  1.00 0.00 ? 12 ILE A HD12 10 
ATOM   2093 H HD13 . ILE A 1 12 ? -2.107 -5.727 -6.525  1.00 0.00 ? 12 ILE A HD13 10 
ATOM   2094 N N    . TRP A 1 13 ? -1.960 -0.501 -7.790  1.00 0.00 ? 13 TRP A N    10 
ATOM   2095 C CA   . TRP A 1 13 ? -2.282 0.536  -8.755  1.00 0.00 ? 13 TRP A CA   10 
ATOM   2096 C C    . TRP A 1 13 ? -1.614 1.833  -8.297  1.00 0.00 ? 13 TRP A C    10 
ATOM   2097 O O    . TRP A 1 13 ? -2.145 2.541  -7.443  1.00 0.00 ? 13 TRP A O    10 
ATOM   2098 C CB   . TRP A 1 13 ? -3.796 0.672  -8.929  1.00 0.00 ? 13 TRP A CB   10 
ATOM   2099 C CG   . TRP A 1 13 ? -4.503 1.324  -7.740  1.00 0.00 ? 13 TRP A CG   10 
ATOM   2100 C CD1  . TRP A 1 13 ? -4.987 0.732  -6.640  1.00 0.00 ? 13 TRP A CD1  10 
ATOM   2101 C CD2  . TRP A 1 13 ? -4.785 2.731  -7.573  1.00 0.00 ? 13 TRP A CD2  10 
ATOM   2102 N NE1  . TRP A 1 13 ? -5.559 1.647  -5.780  1.00 0.00 ? 13 TRP A NE1  10 
ATOM   2103 C CE2  . TRP A 1 13 ? -5.433 2.902  -6.367  1.00 0.00 ? 13 TRP A CE2  10 
ATOM   2104 C CE3  . TRP A 1 13 ? -4.503 3.821  -8.414  1.00 0.00 ? 13 TRP A CE3  10 
ATOM   2105 C CZ2  . TRP A 1 13 ? -5.853 4.150  -5.892  1.00 0.00 ? 13 TRP A CZ2  10 
ATOM   2106 C CZ3  . TRP A 1 13 ? -4.930 5.062  -7.926  1.00 0.00 ? 13 TRP A CZ3  10 
ATOM   2107 C CH2  . TRP A 1 13 ? -5.582 5.250  -6.713  1.00 0.00 ? 13 TRP A CH2  10 
ATOM   2108 H H    . TRP A 1 13 ? -1.658 -0.167 -6.896  1.00 0.00 ? 13 TRP A H    10 
ATOM   2109 H HA   . TRP A 1 13 ? -1.879 0.229  -9.721  1.00 0.00 ? 13 TRP A HA   10 
ATOM   2110 H HB2  . TRP A 1 13 ? -3.997 1.259  -9.825  1.00 0.00 ? 13 TRP A HB2  10 
ATOM   2111 H HB3  . TRP A 1 13 ? -4.223 -0.317 -9.093  1.00 0.00 ? 13 TRP A HB3  10 
ATOM   2112 H HD1  . TRP A 1 13 ? -4.937 -0.341 -6.448  1.00 0.00 ? 13 TRP A HD1  10 
ATOM   2113 H HE1  . TRP A 1 13 ? -6.025 1.426  -4.821  1.00 0.00 ? 13 TRP A HE1  10 
ATOM   2114 H HE3  . TRP A 1 13 ? -3.993 3.712  -9.371  1.00 0.00 ? 13 TRP A HE3  10 
ATOM   2115 H HZ2  . TRP A 1 13 ? -6.363 4.258  -4.934  1.00 0.00 ? 13 TRP A HZ2  10 
ATOM   2116 H HZ3  . TRP A 1 13 ? -4.735 5.941  -8.539  1.00 0.00 ? 13 TRP A HZ3  10 
ATOM   2117 H HH2  . TRP A 1 13 ? -5.882 6.252  -6.403  1.00 0.00 ? 13 TRP A HH2  10 
HETATM 2118 N N    . NH2 A 1 14 ? -0.458 2.106  -8.886  1.00 0.00 ? 14 NH2 A N    10 
HETATM 2119 H HN1  . NH2 A 1 14 ? 0.044  2.936  -8.642  1.00 0.00 ? 14 NH2 A HN1  10 
HETATM 2120 H HN2  . NH2 A 1 14 ? -0.087 1.482  -9.573  1.00 0.00 ? 14 NH2 A HN2  10 
# 
